data_6E6E
#
_entry.id   6E6E
#
_cell.length_a   63.534
_cell.length_b   84.028
_cell.length_c   120.109
_cell.angle_alpha   89.962
_cell.angle_beta   90.046
_cell.angle_gamma   90.118
#
_symmetry.space_group_name_H-M   'P 1'
#
loop_
_entity.id
_entity.type
_entity.pdbx_description
1 polymer 'Proto-oncogene tyrosine-protein kinase Src'
2 non-polymer N-(2-chloro-6-methylphenyl)-2-{[4-(4-methylpiperazin-1-yl)phenyl]amino}-4-{[2-(propanoylamino)phenyl]amino}pyrimidine-5-carboxamide
3 water water
#
_entity_poly.entity_id   1
_entity_poly.type   'polypeptide(L)'
_entity_poly.pdbx_seq_one_letter_code
;DAWEIPRESLRLEVKLGQGCFGEVWMGTWNGTTRVAIKTLKPGTMSPEAFLQEAQVMKKLRHEKLVQLYAVVSEEPIYIV
TEYMSKGSLLDFLKGETGKYLRLPQLVDMAAQIASGMAYVERMNYVHRDLRAANILVGENLVCKVADFGLARLIEDNEYT
ARQGAKFPIKWTAPEAALYGRFTIKSDVWSFGILLTELTTKGRVPYPGMVNREVLDQVERGYRMPCPPECPESLHDLMCQ
CWRKEPEERPTFEYLQAFLEDYFTSTEPQYQPGENL
;
_entity_poly.pdbx_strand_id   A,B,C,D,E,F,G,H
#
loop_
_chem_comp.id
_chem_comp.type
_chem_comp.name
_chem_comp.formula
HVY non-polymer N-(2-chloro-6-methylphenyl)-2-{[4-(4-methylpiperazin-1-yl)phenyl]amino}-4-{[2-(propanoylamino)phenyl]amino}pyrimidine-5-carboxamide 'C32 H35 Cl N8 O2'
#
# COMPACT_ATOMS: atom_id res chain seq x y z
N ASP A 1 23.78 -50.01 47.39
CA ASP A 1 23.77 -49.01 48.46
C ASP A 1 22.36 -48.47 48.69
N ALA A 2 21.77 -48.83 49.82
CA ALA A 2 20.43 -48.41 50.23
C ALA A 2 19.34 -48.94 49.33
N TRP A 3 19.62 -49.09 48.04
CA TRP A 3 18.65 -49.58 47.07
C TRP A 3 18.90 -51.02 46.61
N GLU A 4 20.11 -51.54 46.80
CA GLU A 4 20.43 -52.85 46.24
C GLU A 4 19.69 -53.97 46.98
N ILE A 5 19.25 -54.96 46.21
CA ILE A 5 18.53 -56.10 46.75
C ILE A 5 19.27 -57.36 46.33
N PRO A 6 19.10 -58.46 47.06
CA PRO A 6 19.70 -59.72 46.62
C PRO A 6 19.12 -60.19 45.29
N ARG A 7 19.98 -60.74 44.45
CA ARG A 7 19.54 -61.25 43.15
C ARG A 7 18.52 -62.37 43.31
N GLU A 8 18.59 -63.12 44.40
CA GLU A 8 17.68 -64.25 44.60
C GLU A 8 16.24 -63.81 44.86
N SER A 9 16.01 -62.54 45.20
CA SER A 9 14.67 -62.07 45.50
C SER A 9 13.84 -61.81 44.25
N LEU A 10 14.44 -61.85 43.06
CA LEU A 10 13.75 -61.58 41.82
C LEU A 10 13.52 -62.88 41.05
N ARG A 11 12.45 -62.88 40.24
CA ARG A 11 12.12 -64.03 39.39
C ARG A 11 11.65 -63.49 38.05
N LEU A 12 12.54 -63.47 37.06
CA LEU A 12 12.20 -63.03 35.72
C LEU A 12 11.24 -64.03 35.08
N GLU A 13 9.97 -63.65 34.97
CA GLU A 13 8.96 -64.56 34.43
C GLU A 13 8.82 -64.44 32.92
N VAL A 14 8.16 -63.36 32.46
CA VAL A 14 7.84 -63.18 31.05
C VAL A 14 8.69 -62.05 30.49
N LYS A 15 9.30 -62.29 29.34
CA LYS A 15 10.09 -61.26 28.66
C LYS A 15 9.17 -60.30 27.92
N LEU A 16 9.37 -59.01 28.14
CA LEU A 16 8.54 -57.98 27.55
C LEU A 16 9.07 -57.44 26.23
N GLY A 17 10.37 -57.57 25.99
CA GLY A 17 10.98 -57.10 24.77
C GLY A 17 12.29 -56.38 25.06
N GLN A 18 12.86 -55.78 24.03
CA GLN A 18 14.14 -55.07 24.14
C GLN A 18 13.82 -53.58 24.27
N GLY A 19 13.68 -53.11 25.50
CA GLY A 19 13.31 -51.73 25.76
C GLY A 19 14.43 -50.73 25.56
N CYS A 20 14.24 -49.53 26.11
CA CYS A 20 15.25 -48.45 25.98
C CYS A 20 16.49 -48.80 26.81
N PHE A 21 17.61 -48.99 26.10
CA PHE A 21 18.90 -49.32 26.72
C PHE A 21 18.82 -50.57 27.59
N GLY A 22 18.44 -51.70 26.99
CA GLY A 22 18.42 -52.95 27.71
C GLY A 22 17.24 -53.85 27.43
N GLU A 23 17.27 -55.05 28.00
CA GLU A 23 16.23 -56.06 27.83
C GLU A 23 15.32 -56.04 29.05
N VAL A 24 14.01 -55.92 28.81
CA VAL A 24 13.04 -55.71 29.89
C VAL A 24 12.22 -56.99 30.08
N TRP A 25 11.96 -57.33 31.33
CA TRP A 25 11.22 -58.53 31.71
C TRP A 25 10.09 -58.17 32.67
N MET A 26 9.10 -59.05 32.71
CA MET A 26 8.01 -58.96 33.69
CA MET A 26 8.01 -58.96 33.69
C MET A 26 8.28 -59.99 34.78
N GLY A 27 8.68 -59.52 35.96
CA GLY A 27 9.04 -60.42 37.03
C GLY A 27 8.24 -60.27 38.31
N THR A 28 8.74 -60.88 39.38
CA THR A 28 8.08 -60.84 40.69
C THR A 28 9.14 -60.61 41.76
N TRP A 29 8.91 -59.62 42.61
CA TRP A 29 9.83 -59.26 43.68
C TRP A 29 9.30 -59.81 45.00
N ASN A 30 10.10 -60.63 45.67
CA ASN A 30 9.76 -61.27 46.94
C ASN A 30 8.50 -62.13 46.84
N GLY A 31 8.18 -62.63 45.65
CA GLY A 31 7.04 -63.50 45.47
C GLY A 31 5.70 -62.87 45.77
N THR A 32 5.65 -61.55 45.91
CA THR A 32 4.42 -60.85 46.29
C THR A 32 4.11 -59.66 45.42
N THR A 33 5.12 -58.95 44.93
CA THR A 33 4.93 -57.71 44.18
C THR A 33 5.41 -57.91 42.74
N ARG A 34 4.51 -57.69 41.79
CA ARG A 34 4.87 -57.76 40.38
C ARG A 34 5.73 -56.54 40.01
N VAL A 35 6.81 -56.79 39.28
CA VAL A 35 7.80 -55.76 38.97
C VAL A 35 8.22 -55.86 37.51
N ALA A 36 9.01 -54.88 37.07
CA ALA A 36 9.64 -54.88 35.77
C ALA A 36 11.15 -54.80 35.96
N ILE A 37 11.88 -55.59 35.17
CA ILE A 37 13.31 -55.77 35.36
C ILE A 37 14.02 -55.53 34.03
N LYS A 38 14.89 -54.53 33.99
CA LYS A 38 15.72 -54.26 32.83
C LYS A 38 17.10 -54.84 33.05
N THR A 39 17.61 -55.56 32.06
CA THR A 39 18.90 -56.23 32.14
C THR A 39 19.87 -55.62 31.13
N LEU A 40 21.13 -55.52 31.54
CA LEU A 40 22.19 -55.02 30.67
C LEU A 40 22.85 -56.19 29.96
N LYS A 41 22.90 -56.12 28.63
CA LYS A 41 23.67 -57.09 27.87
C LYS A 41 25.15 -56.75 27.99
N PRO A 42 25.98 -57.65 28.51
CA PRO A 42 27.37 -57.27 28.81
C PRO A 42 28.14 -56.86 27.57
N GLY A 43 28.98 -55.84 27.74
CA GLY A 43 29.81 -55.33 26.66
C GLY A 43 29.14 -54.33 25.74
N THR A 44 27.81 -54.26 25.75
CA THR A 44 27.08 -53.42 24.80
C THR A 44 27.11 -51.95 25.24
N MET A 45 28.30 -51.36 25.13
CA MET A 45 28.50 -49.92 25.32
C MET A 45 28.04 -49.45 26.69
N SER A 46 28.10 -50.31 27.70
CA SER A 46 27.66 -49.90 29.03
C SER A 46 28.33 -50.74 30.11
N PRO A 47 29.20 -50.12 30.93
CA PRO A 47 29.70 -50.81 32.13
C PRO A 47 28.78 -50.57 33.31
N GLU A 48 28.95 -49.41 33.94
CA GLU A 48 27.98 -48.90 34.90
C GLU A 48 27.25 -47.67 34.38
N ALA A 49 27.49 -47.28 33.12
CA ALA A 49 26.66 -46.26 32.48
C ALA A 49 25.24 -46.76 32.29
N PHE A 50 25.04 -48.07 32.23
CA PHE A 50 23.69 -48.64 32.31
C PHE A 50 23.02 -48.25 33.61
N LEU A 51 23.79 -48.14 34.70
CA LEU A 51 23.27 -47.74 36.00
C LEU A 51 23.12 -46.23 36.12
N GLN A 52 23.49 -45.46 35.09
CA GLN A 52 23.31 -44.02 35.13
C GLN A 52 21.83 -43.64 35.12
N GLU A 53 20.99 -44.46 34.47
CA GLU A 53 19.56 -44.20 34.47
C GLU A 53 18.98 -44.36 35.87
N ALA A 54 19.32 -45.47 36.54
CA ALA A 54 18.89 -45.65 37.93
C ALA A 54 19.49 -44.60 38.85
N GLN A 55 20.63 -44.02 38.48
CA GLN A 55 21.20 -42.92 39.25
C GLN A 55 20.30 -41.70 39.19
N VAL A 56 19.75 -41.40 38.01
CA VAL A 56 18.82 -40.28 37.88
C VAL A 56 17.48 -40.62 38.52
N MET A 57 17.03 -41.87 38.38
CA MET A 57 15.73 -42.27 38.90
C MET A 57 15.67 -42.25 40.42
N LYS A 58 16.82 -42.23 41.10
CA LYS A 58 16.81 -42.12 42.55
C LYS A 58 16.45 -40.71 43.00
N LYS A 59 16.82 -39.70 42.23
CA LYS A 59 16.52 -38.32 42.60
C LYS A 59 15.12 -37.90 42.16
N LEU A 60 14.72 -38.31 40.95
CA LEU A 60 13.43 -37.93 40.39
C LEU A 60 12.36 -38.92 40.86
N ARG A 61 11.44 -38.44 41.68
CA ARG A 61 10.35 -39.26 42.20
C ARG A 61 9.05 -38.50 42.01
N HIS A 62 8.16 -39.05 41.19
CA HIS A 62 6.90 -38.38 40.87
C HIS A 62 5.92 -39.43 40.37
N GLU A 63 4.63 -39.18 40.62
CA GLU A 63 3.59 -40.15 40.27
C GLU A 63 3.41 -40.33 38.78
N LYS A 64 3.96 -39.46 37.95
CA LYS A 64 3.89 -39.59 36.50
C LYS A 64 5.24 -39.96 35.88
N LEU A 65 6.18 -40.40 36.70
CA LEU A 65 7.44 -40.98 36.24
C LEU A 65 7.51 -42.42 36.74
N VAL A 66 8.08 -43.30 35.91
CA VAL A 66 8.25 -44.68 36.31
C VAL A 66 9.14 -44.74 37.54
N GLN A 67 8.64 -45.38 38.61
CA GLN A 67 9.30 -45.36 39.90
C GLN A 67 10.33 -46.48 39.99
N LEU A 68 11.53 -46.13 40.46
CA LEU A 68 12.58 -47.10 40.69
C LEU A 68 12.29 -47.91 41.95
N TYR A 69 12.28 -49.23 41.82
CA TYR A 69 12.05 -50.13 42.95
C TYR A 69 13.33 -50.61 43.61
N ALA A 70 14.30 -51.08 42.83
CA ALA A 70 15.54 -51.61 43.38
C ALA A 70 16.58 -51.68 42.27
N VAL A 71 17.75 -52.20 42.61
CA VAL A 71 18.88 -52.29 41.67
C VAL A 71 19.79 -53.43 42.11
N VAL A 72 20.36 -54.13 41.13
CA VAL A 72 21.38 -55.14 41.36
C VAL A 72 22.62 -54.69 40.62
N SER A 73 23.65 -54.28 41.37
CA SER A 73 24.82 -53.64 40.81
C SER A 73 25.94 -54.61 40.44
N GLU A 74 25.73 -55.91 40.60
CA GLU A 74 26.70 -56.92 40.19
C GLU A 74 26.20 -57.63 38.94
N GLU A 75 27.10 -57.81 37.98
CA GLU A 75 26.72 -58.26 36.64
C GLU A 75 26.15 -59.68 36.70
N PRO A 76 25.08 -59.96 35.94
CA PRO A 76 24.35 -59.04 35.06
C PRO A 76 23.55 -57.99 35.83
N ILE A 77 23.64 -56.73 35.40
CA ILE A 77 23.03 -55.63 36.14
C ILE A 77 21.53 -55.65 35.93
N TYR A 78 20.78 -55.66 37.04
CA TYR A 78 19.33 -55.59 37.01
C TYR A 78 18.87 -54.22 37.53
N ILE A 79 17.86 -53.66 36.89
CA ILE A 79 17.18 -52.45 37.36
C ILE A 79 15.71 -52.79 37.47
N VAL A 80 15.17 -52.67 38.69
CA VAL A 80 13.81 -53.09 39.00
C VAL A 80 12.95 -51.85 39.20
N THR A 81 11.85 -51.77 38.46
CA THR A 81 10.88 -50.67 38.59
C THR A 81 9.49 -51.28 38.71
N GLU A 82 8.50 -50.40 38.84
CA GLU A 82 7.11 -50.83 38.81
C GLU A 82 6.76 -51.34 37.41
N TYR A 83 5.70 -52.14 37.35
CA TYR A 83 5.25 -52.74 36.09
C TYR A 83 4.12 -51.90 35.51
N MET A 84 4.31 -51.44 34.27
CA MET A 84 3.29 -50.72 33.53
C MET A 84 2.57 -51.74 32.64
N SER A 85 1.30 -52.00 32.96
CA SER A 85 0.63 -53.19 32.43
C SER A 85 0.32 -53.11 30.94
N LYS A 86 0.27 -51.91 30.36
CA LYS A 86 -0.14 -51.77 28.96
C LYS A 86 1.02 -51.60 28.00
N GLY A 87 2.23 -51.37 28.49
CA GLY A 87 3.40 -51.28 27.62
C GLY A 87 3.65 -49.88 27.09
N SER A 88 4.38 -49.85 25.98
CA SER A 88 4.74 -48.58 25.36
C SER A 88 3.51 -47.86 24.84
N LEU A 89 3.52 -46.53 24.96
CA LEU A 89 2.42 -45.73 24.43
C LEU A 89 2.34 -45.84 22.92
N LEU A 90 3.50 -45.89 22.25
CA LEU A 90 3.51 -46.00 20.80
C LEU A 90 2.82 -47.29 20.35
N ASP A 91 3.17 -48.41 20.98
CA ASP A 91 2.48 -49.66 20.68
C ASP A 91 1.01 -49.60 21.08
N PHE A 92 0.70 -48.86 22.14
CA PHE A 92 -0.69 -48.74 22.58
C PHE A 92 -1.52 -47.97 21.56
N LEU A 93 -0.96 -46.89 21.01
CA LEU A 93 -1.69 -46.12 20.00
C LEU A 93 -1.83 -46.91 18.70
N LYS A 94 -0.77 -47.59 18.28
CA LYS A 94 -0.85 -48.44 17.08
C LYS A 94 -1.67 -49.69 17.32
N GLY A 95 -1.82 -50.11 18.58
CA GLY A 95 -2.38 -51.40 18.90
C GLY A 95 -3.90 -51.46 18.85
N GLU A 96 -4.44 -52.46 19.53
CA GLU A 96 -5.86 -52.78 19.43
C GLU A 96 -6.71 -51.72 20.13
N THR A 97 -6.29 -51.27 21.31
CA THR A 97 -7.06 -50.28 22.07
C THR A 97 -7.02 -48.90 21.44
N GLY A 98 -6.08 -48.64 20.52
CA GLY A 98 -5.98 -47.33 19.90
C GLY A 98 -7.16 -46.94 19.06
N LYS A 99 -7.91 -47.92 18.54
CA LYS A 99 -9.04 -47.61 17.65
C LYS A 99 -10.09 -46.76 18.37
N TYR A 100 -10.41 -47.10 19.61
CA TYR A 100 -11.51 -46.46 20.33
C TYR A 100 -11.07 -45.22 21.10
N LEU A 101 -9.78 -44.93 21.17
CA LEU A 101 -9.31 -43.72 21.84
C LEU A 101 -9.75 -42.50 21.08
N ARG A 102 -10.48 -41.61 21.74
CA ARG A 102 -10.92 -40.35 21.17
CA ARG A 102 -10.92 -40.35 21.17
C ARG A 102 -10.14 -39.20 21.80
N LEU A 103 -10.45 -37.99 21.37
CA LEU A 103 -9.74 -36.81 21.89
C LEU A 103 -9.80 -36.68 23.41
N PRO A 104 -10.93 -36.94 24.10
CA PRO A 104 -10.90 -36.83 25.58
C PRO A 104 -9.86 -37.71 26.24
N GLN A 105 -9.71 -38.96 25.80
CA GLN A 105 -8.71 -39.83 26.39
C GLN A 105 -7.30 -39.41 25.99
N LEU A 106 -7.11 -39.03 24.73
CA LEU A 106 -5.78 -38.67 24.25
C LEU A 106 -5.29 -37.38 24.88
N VAL A 107 -6.19 -36.42 25.10
CA VAL A 107 -5.81 -35.18 25.75
C VAL A 107 -5.46 -35.42 27.22
N ASP A 108 -6.22 -36.30 27.89
CA ASP A 108 -5.91 -36.62 29.27
C ASP A 108 -4.56 -37.31 29.40
N MET A 109 -4.25 -38.23 28.48
CA MET A 109 -2.95 -38.87 28.48
C MET A 109 -1.84 -37.84 28.29
N ALA A 110 -2.07 -36.83 27.45
CA ALA A 110 -1.10 -35.76 27.28
C ALA A 110 -0.97 -34.92 28.55
N ALA A 111 -2.09 -34.65 29.22
CA ALA A 111 -2.04 -33.89 30.47
C ALA A 111 -1.24 -34.64 31.53
N GLN A 112 -1.36 -35.97 31.57
CA GLN A 112 -0.55 -36.76 32.47
C GLN A 112 0.93 -36.64 32.13
N ILE A 113 1.25 -36.60 30.83
CA ILE A 113 2.64 -36.48 30.41
C ILE A 113 3.18 -35.09 30.72
N ALA A 114 2.39 -34.06 30.45
CA ALA A 114 2.79 -32.70 30.79
C ALA A 114 3.00 -32.56 32.30
N SER A 115 2.18 -33.26 33.09
CA SER A 115 2.34 -33.22 34.54
C SER A 115 3.66 -33.85 34.96
N GLY A 116 4.03 -34.97 34.33
CA GLY A 116 5.32 -35.57 34.62
C GLY A 116 6.48 -34.69 34.20
N MET A 117 6.38 -34.09 33.01
CA MET A 117 7.41 -33.18 32.56
C MET A 117 7.40 -31.86 33.31
N ALA A 118 6.27 -31.49 33.92
CA ALA A 118 6.24 -30.32 34.78
C ALA A 118 7.06 -30.54 36.04
N TYR A 119 7.08 -31.78 36.54
CA TYR A 119 7.94 -32.12 37.67
C TYR A 119 9.41 -32.07 37.26
N VAL A 120 9.74 -32.60 36.07
CA VAL A 120 11.10 -32.50 35.55
C VAL A 120 11.49 -31.03 35.40
N GLU A 121 10.53 -30.19 35.00
CA GLU A 121 10.81 -28.76 34.84
C GLU A 121 11.16 -28.11 36.17
N ARG A 122 10.38 -28.40 37.22
CA ARG A 122 10.64 -27.80 38.53
C ARG A 122 11.96 -28.29 39.12
N MET A 123 12.35 -29.53 38.84
CA MET A 123 13.58 -30.10 39.35
C MET A 123 14.81 -29.68 38.55
N ASN A 124 14.65 -28.79 37.57
CA ASN A 124 15.75 -28.27 36.76
C ASN A 124 16.45 -29.38 35.98
N TYR A 125 15.70 -30.38 35.54
CA TYR A 125 16.21 -31.47 34.73
C TYR A 125 15.78 -31.30 33.28
N VAL A 126 16.46 -32.02 32.40
CA VAL A 126 16.13 -32.07 30.97
C VAL A 126 16.03 -33.54 30.59
N HIS A 127 14.98 -33.91 29.84
CA HIS A 127 14.78 -35.31 29.50
C HIS A 127 15.62 -35.72 28.31
N ARG A 128 15.55 -34.96 27.22
CA ARG A 128 16.31 -35.08 25.97
C ARG A 128 15.79 -36.19 25.06
N ASP A 129 14.84 -37.01 25.48
CA ASP A 129 14.37 -38.11 24.66
C ASP A 129 12.87 -38.34 24.89
N LEU A 130 12.10 -37.25 24.88
CA LEU A 130 10.67 -37.34 25.10
C LEU A 130 9.96 -37.68 23.79
N ARG A 131 9.22 -38.79 23.80
CA ARG A 131 8.47 -39.27 22.64
C ARG A 131 7.55 -40.38 23.11
N ALA A 132 6.63 -40.79 22.24
CA ALA A 132 5.64 -41.80 22.62
C ALA A 132 6.30 -43.15 22.89
N ALA A 133 7.46 -43.41 22.28
CA ALA A 133 8.15 -44.69 22.52
C ALA A 133 8.76 -44.76 23.91
N ASN A 134 9.01 -43.62 24.56
CA ASN A 134 9.59 -43.58 25.89
C ASN A 134 8.57 -43.20 26.96
N ILE A 135 7.30 -43.52 26.72
CA ILE A 135 6.22 -43.29 27.68
C ILE A 135 5.43 -44.58 27.83
N LEU A 136 5.26 -45.03 29.06
CA LEU A 136 4.62 -46.31 29.36
C LEU A 136 3.20 -46.08 29.85
N VAL A 137 2.30 -46.97 29.46
CA VAL A 137 0.89 -46.90 29.83
C VAL A 137 0.60 -47.98 30.85
N GLY A 138 -0.16 -47.62 31.89
CA GLY A 138 -0.56 -48.58 32.90
C GLY A 138 -2.06 -48.78 32.93
N GLU A 139 -2.58 -49.23 34.07
CA GLU A 139 -4.02 -49.42 34.20
C GLU A 139 -4.73 -48.08 34.30
N ASN A 140 -5.97 -48.05 33.80
CA ASN A 140 -6.83 -46.86 33.84
C ASN A 140 -6.21 -45.72 33.03
N LEU A 141 -5.53 -46.06 31.93
CA LEU A 141 -4.92 -45.10 31.03
C LEU A 141 -3.91 -44.21 31.73
N VAL A 142 -3.21 -44.74 32.73
CA VAL A 142 -2.15 -43.99 33.40
C VAL A 142 -0.93 -43.95 32.50
N CYS A 143 -0.44 -42.75 32.20
CA CYS A 143 0.75 -42.55 31.38
C CYS A 143 1.88 -42.01 32.26
N LYS A 144 3.07 -42.59 32.10
CA LYS A 144 4.23 -42.20 32.88
C LYS A 144 5.44 -42.06 31.97
N VAL A 145 6.29 -41.09 32.30
CA VAL A 145 7.50 -40.82 31.53
C VAL A 145 8.57 -41.83 31.91
N ALA A 146 9.31 -42.32 30.91
CA ALA A 146 10.40 -43.24 31.15
C ALA A 146 11.66 -42.79 30.43
N ASP A 147 12.68 -43.66 30.40
CA ASP A 147 13.95 -43.39 29.72
C ASP A 147 14.61 -42.13 30.26
N PHE A 148 15.21 -42.24 31.44
CA PHE A 148 15.94 -41.13 32.05
C PHE A 148 17.45 -41.29 31.95
N GLY A 149 17.92 -42.11 31.00
CA GLY A 149 19.35 -42.29 30.84
C GLY A 149 20.06 -41.03 30.38
N LEU A 150 19.42 -40.25 29.52
CA LEU A 150 19.98 -39.00 29.02
C LEU A 150 19.56 -37.80 29.87
N ALA A 151 18.88 -38.02 30.98
CA ALA A 151 18.42 -36.93 31.82
C ALA A 151 19.57 -36.35 32.62
N ARG A 152 19.69 -35.02 32.62
CA ARG A 152 20.76 -34.33 33.34
C ARG A 152 20.22 -33.02 33.91
N LEU A 153 20.96 -32.46 34.86
CA LEU A 153 20.64 -31.18 35.45
C LEU A 153 21.17 -30.04 34.57
N ILE A 154 20.79 -28.82 34.94
CA ILE A 154 21.25 -27.64 34.22
C ILE A 154 22.24 -26.84 35.08
N ALA A 165 19.98 -43.92 19.67
CA ALA A 165 18.82 -43.07 19.84
C ALA A 165 19.23 -41.66 20.27
N LYS A 166 20.27 -41.13 19.65
CA LYS A 166 20.76 -39.79 19.94
C LYS A 166 20.10 -38.79 18.99
N PHE A 167 19.44 -37.78 19.57
CA PHE A 167 18.59 -36.77 18.95
C PHE A 167 18.02 -37.23 17.60
N PRO A 168 16.93 -38.01 17.61
CA PRO A 168 16.19 -38.22 16.37
C PRO A 168 15.61 -36.91 15.88
N ILE A 169 15.96 -36.54 14.64
CA ILE A 169 15.68 -35.20 14.13
C ILE A 169 14.19 -34.87 14.22
N LYS A 170 13.34 -35.86 13.94
CA LYS A 170 11.90 -35.60 13.87
C LYS A 170 11.29 -35.23 15.22
N TRP A 171 11.94 -35.62 16.32
CA TRP A 171 11.44 -35.31 17.66
C TRP A 171 12.21 -34.22 18.38
N THR A 172 13.45 -33.95 17.97
CA THR A 172 14.33 -33.05 18.70
C THR A 172 14.20 -31.62 18.17
N ALA A 173 14.27 -30.66 19.09
CA ALA A 173 14.28 -29.26 18.70
C ALA A 173 15.50 -28.98 17.82
N PRO A 174 15.34 -28.17 16.77
CA PRO A 174 16.47 -27.96 15.85
C PRO A 174 17.70 -27.35 16.50
N GLU A 175 17.51 -26.45 17.47
CA GLU A 175 18.67 -25.88 18.16
C GLU A 175 19.40 -26.91 19.01
N ALA A 176 18.72 -27.97 19.43
CA ALA A 176 19.38 -29.04 20.18
C ALA A 176 20.06 -30.03 19.24
N ALA A 177 19.44 -30.31 18.10
CA ALA A 177 20.05 -31.22 17.14
C ALA A 177 21.29 -30.61 16.50
N LEU A 178 21.24 -29.31 16.21
CA LEU A 178 22.34 -28.65 15.50
C LEU A 178 23.47 -28.26 16.44
N TYR A 179 23.14 -27.55 17.52
CA TYR A 179 24.14 -26.91 18.36
C TYR A 179 24.29 -27.57 19.74
N GLY A 180 23.53 -28.62 20.02
CA GLY A 180 23.59 -29.27 21.31
C GLY A 180 22.91 -28.54 22.43
N ARG A 181 22.06 -27.55 22.12
CA ARG A 181 21.35 -26.76 23.13
C ARG A 181 20.13 -27.54 23.59
N PHE A 182 20.37 -28.44 24.56
CA PHE A 182 19.31 -29.24 25.16
C PHE A 182 18.84 -28.55 26.44
N THR A 183 17.66 -27.95 26.38
CA THR A 183 17.03 -27.28 27.52
C THR A 183 15.65 -27.88 27.73
N ILE A 184 14.97 -27.40 28.79
CA ILE A 184 13.60 -27.82 29.02
C ILE A 184 12.69 -27.34 27.89
N LYS A 185 13.09 -26.28 27.18
CA LYS A 185 12.33 -25.82 26.03
C LYS A 185 12.48 -26.75 24.84
N SER A 186 13.64 -27.43 24.74
CA SER A 186 13.77 -28.47 23.72
C SER A 186 12.95 -29.71 24.07
N ASP A 187 12.60 -29.90 25.34
CA ASP A 187 11.65 -30.94 25.70
C ASP A 187 10.22 -30.53 25.35
N VAL A 188 9.91 -29.23 25.40
CA VAL A 188 8.58 -28.77 25.00
C VAL A 188 8.38 -28.96 23.51
N TRP A 189 9.45 -28.78 22.72
CA TRP A 189 9.37 -29.10 21.30
C TRP A 189 9.03 -30.57 21.09
N SER A 190 9.72 -31.47 21.79
CA SER A 190 9.43 -32.90 21.67
C SER A 190 8.01 -33.22 22.12
N PHE A 191 7.50 -32.51 23.12
CA PHE A 191 6.13 -32.72 23.56
C PHE A 191 5.15 -32.37 22.45
N GLY A 192 5.40 -31.27 21.73
CA GLY A 192 4.56 -30.94 20.60
C GLY A 192 4.55 -32.01 19.53
N ILE A 193 5.70 -32.65 19.32
CA ILE A 193 5.75 -33.79 18.40
C ILE A 193 4.94 -34.96 18.95
N LEU A 194 5.04 -35.20 20.25
CA LEU A 194 4.26 -36.26 20.89
C LEU A 194 2.76 -36.04 20.72
N LEU A 195 2.32 -34.78 20.74
CA LEU A 195 0.91 -34.49 20.53
C LEU A 195 0.45 -34.93 19.14
N THR A 196 1.34 -34.86 18.14
CA THR A 196 0.98 -35.38 16.82
C THR A 196 0.91 -36.89 16.83
N GLU A 197 1.75 -37.56 17.64
CA GLU A 197 1.66 -39.00 17.76
C GLU A 197 0.35 -39.42 18.40
N LEU A 198 -0.13 -38.65 19.39
CA LEU A 198 -1.39 -38.97 20.03
C LEU A 198 -2.57 -38.77 19.08
N THR A 199 -2.57 -37.65 18.36
CA THR A 199 -3.71 -37.32 17.49
C THR A 199 -3.71 -38.07 16.18
N THR A 200 -2.65 -38.82 15.86
CA THR A 200 -2.59 -39.60 14.63
C THR A 200 -2.52 -41.10 14.90
N LYS A 201 -2.86 -41.52 16.12
CA LYS A 201 -2.79 -42.93 16.52
C LYS A 201 -1.37 -43.47 16.37
N GLY A 202 -0.38 -42.62 16.64
CA GLY A 202 1.01 -43.07 16.66
C GLY A 202 1.70 -43.15 15.32
N ARG A 203 1.32 -42.32 14.36
CA ARG A 203 2.04 -42.26 13.10
C ARG A 203 3.37 -41.53 13.27
N VAL A 204 4.33 -41.89 12.44
CA VAL A 204 5.63 -41.20 12.46
C VAL A 204 5.46 -39.77 12.00
N PRO A 205 6.00 -38.78 12.71
CA PRO A 205 5.84 -37.39 12.29
C PRO A 205 6.58 -37.12 10.98
N TYR A 206 6.16 -36.02 10.33
CA TYR A 206 6.68 -35.60 9.04
C TYR A 206 6.62 -36.75 8.03
N PRO A 207 5.43 -37.16 7.61
CA PRO A 207 5.32 -38.36 6.75
C PRO A 207 6.00 -38.15 5.41
N GLY A 208 6.77 -39.16 4.99
CA GLY A 208 7.43 -39.13 3.70
C GLY A 208 8.72 -38.35 3.65
N MET A 209 9.24 -37.90 4.79
CA MET A 209 10.45 -37.10 4.83
C MET A 209 11.55 -37.85 5.58
N VAL A 210 12.77 -37.79 5.05
CA VAL A 210 13.93 -38.37 5.71
C VAL A 210 14.48 -37.37 6.72
N ASN A 211 15.54 -37.76 7.42
CA ASN A 211 16.04 -36.94 8.51
C ASN A 211 16.53 -35.58 8.02
N ARG A 212 17.43 -35.57 7.02
CA ARG A 212 17.99 -34.31 6.56
C ARG A 212 16.95 -33.43 5.90
N GLU A 213 15.88 -34.03 5.36
CA GLU A 213 14.79 -33.23 4.80
C GLU A 213 14.01 -32.54 5.91
N VAL A 214 13.88 -33.18 7.07
CA VAL A 214 13.16 -32.56 8.19
C VAL A 214 13.95 -31.38 8.73
N LEU A 215 15.26 -31.53 8.88
CA LEU A 215 16.09 -30.44 9.41
C LEU A 215 16.07 -29.23 8.49
N ASP A 216 16.17 -29.44 7.17
CA ASP A 216 16.13 -28.33 6.24
C ASP A 216 14.77 -27.66 6.22
N GLN A 217 13.69 -28.45 6.22
CA GLN A 217 12.35 -27.88 6.17
C GLN A 217 12.01 -27.13 7.45
N VAL A 218 12.31 -27.73 8.61
CA VAL A 218 11.98 -27.10 9.89
C VAL A 218 12.76 -25.80 10.06
N GLU A 219 14.01 -25.78 9.61
CA GLU A 219 14.79 -24.54 9.66
C GLU A 219 14.22 -23.48 8.73
N ARG A 220 13.65 -23.89 7.59
CA ARG A 220 12.95 -22.95 6.72
C ARG A 220 11.60 -22.52 7.28
N GLY A 221 11.22 -23.03 8.45
CA GLY A 221 9.98 -22.65 9.10
C GLY A 221 8.82 -23.60 8.89
N TYR A 222 9.05 -24.74 8.24
CA TYR A 222 7.97 -25.69 8.03
C TYR A 222 7.53 -26.31 9.35
N ARG A 223 6.22 -26.48 9.49
CA ARG A 223 5.62 -27.16 10.62
C ARG A 223 4.57 -28.14 10.11
N MET A 224 4.37 -29.22 10.86
CA MET A 224 3.35 -30.18 10.47
C MET A 224 1.97 -29.53 10.53
N PRO A 225 1.10 -29.81 9.55
CA PRO A 225 -0.23 -29.20 9.57
C PRO A 225 -1.12 -29.78 10.64
N CYS A 226 -2.34 -29.28 10.73
CA CYS A 226 -3.30 -29.80 11.71
C CYS A 226 -3.72 -31.21 11.32
N PRO A 227 -3.51 -32.21 12.17
CA PRO A 227 -3.93 -33.57 11.81
C PRO A 227 -5.42 -33.63 11.59
N PRO A 228 -5.89 -34.59 10.78
CA PRO A 228 -7.32 -34.67 10.51
C PRO A 228 -8.13 -34.91 11.77
N GLU A 229 -9.30 -34.26 11.83
CA GLU A 229 -10.22 -34.30 12.96
C GLU A 229 -9.62 -33.72 14.24
N CYS A 230 -8.42 -33.16 14.17
CA CYS A 230 -7.86 -32.49 15.34
C CYS A 230 -8.31 -31.03 15.34
N PRO A 231 -8.72 -30.50 16.49
CA PRO A 231 -9.14 -29.10 16.55
C PRO A 231 -7.97 -28.15 16.30
N GLU A 232 -8.31 -26.96 15.77
CA GLU A 232 -7.30 -25.94 15.55
C GLU A 232 -6.66 -25.49 16.85
N SER A 233 -7.43 -25.48 17.95
CA SER A 233 -6.90 -25.02 19.23
C SER A 233 -5.77 -25.93 19.72
N LEU A 234 -5.91 -27.24 19.49
CA LEU A 234 -4.84 -28.16 19.87
C LEU A 234 -3.67 -28.10 18.90
N HIS A 235 -3.95 -27.84 17.62
CA HIS A 235 -2.87 -27.63 16.66
C HIS A 235 -2.10 -26.36 16.98
N ASP A 236 -2.79 -25.33 17.46
CA ASP A 236 -2.12 -24.10 17.84
C ASP A 236 -1.17 -24.34 19.01
N LEU A 237 -1.56 -25.21 19.94
CA LEU A 237 -0.68 -25.55 21.05
C LEU A 237 0.57 -26.27 20.56
N MET A 238 0.45 -27.09 19.51
CA MET A 238 1.63 -27.72 18.92
C MET A 238 2.56 -26.68 18.29
N CYS A 239 1.98 -25.70 17.58
CA CYS A 239 2.80 -24.68 16.93
C CYS A 239 3.47 -23.77 17.96
N GLN A 240 2.87 -23.60 19.14
CA GLN A 240 3.55 -22.86 20.20
C GLN A 240 4.72 -23.67 20.75
N CYS A 241 4.56 -24.98 20.85
CA CYS A 241 5.68 -25.84 21.22
C CYS A 241 6.77 -25.87 20.16
N TRP A 242 6.48 -25.36 18.96
CA TRP A 242 7.44 -25.38 17.86
C TRP A 242 7.90 -23.98 17.46
N ARG A 243 7.87 -23.03 18.40
CA ARG A 243 8.47 -21.73 18.14
C ARG A 243 9.96 -21.91 17.88
N LYS A 244 10.49 -21.12 16.93
CA LYS A 244 11.92 -21.16 16.68
C LYS A 244 12.71 -20.73 17.89
N GLU A 245 12.28 -19.65 18.54
CA GLU A 245 12.94 -19.18 19.76
C GLU A 245 12.48 -20.03 20.94
N PRO A 246 13.38 -20.76 21.60
CA PRO A 246 12.94 -21.62 22.71
C PRO A 246 12.32 -20.86 23.87
N GLU A 247 12.75 -19.62 24.11
CA GLU A 247 12.24 -18.86 25.24
C GLU A 247 10.76 -18.53 25.09
N GLU A 248 10.26 -18.45 23.85
CA GLU A 248 8.86 -18.14 23.60
C GLU A 248 7.98 -19.39 23.57
N ARG A 249 8.55 -20.57 23.75
CA ARG A 249 7.76 -21.79 23.81
C ARG A 249 7.18 -21.96 25.21
N PRO A 250 5.98 -22.55 25.31
CA PRO A 250 5.30 -22.62 26.61
C PRO A 250 6.02 -23.54 27.58
N THR A 251 5.75 -23.31 28.86
CA THR A 251 6.26 -24.19 29.90
C THR A 251 5.34 -25.40 30.07
N PHE A 252 5.85 -26.41 30.78
CA PHE A 252 5.04 -27.59 31.06
C PHE A 252 3.97 -27.34 32.11
N GLU A 253 4.17 -26.36 32.99
CA GLU A 253 3.11 -25.96 33.90
C GLU A 253 1.91 -25.42 33.13
N TYR A 254 2.16 -24.59 32.13
CA TYR A 254 1.08 -24.09 31.28
C TYR A 254 0.44 -25.22 30.48
N LEU A 255 1.27 -26.07 29.86
CA LEU A 255 0.74 -27.16 29.05
C LEU A 255 -0.13 -28.09 29.87
N GLN A 256 0.30 -28.42 31.10
CA GLN A 256 -0.50 -29.28 31.96
C GLN A 256 -1.85 -28.65 32.27
N ALA A 257 -1.84 -27.41 32.77
CA ALA A 257 -3.09 -26.72 33.10
C ALA A 257 -3.96 -26.52 31.87
N PHE A 258 -3.35 -26.29 30.71
CA PHE A 258 -4.13 -26.13 29.48
C PHE A 258 -4.84 -27.44 29.11
N LEU A 259 -4.11 -28.56 29.16
CA LEU A 259 -4.66 -29.82 28.70
C LEU A 259 -5.69 -30.39 29.68
N GLU A 260 -5.54 -30.10 30.98
CA GLU A 260 -6.51 -30.58 31.95
C GLU A 260 -7.85 -29.90 31.78
N ASP A 261 -7.85 -28.59 31.50
CA ASP A 261 -9.07 -27.81 31.35
C ASP A 261 -9.53 -27.70 29.90
N TYR A 262 -9.02 -28.57 29.01
CA TYR A 262 -9.18 -28.34 27.57
C TYR A 262 -10.65 -28.34 27.17
N PHE A 263 -11.42 -29.30 27.65
CA PHE A 263 -12.79 -29.48 27.19
C PHE A 263 -13.79 -28.59 27.94
N THR A 264 -13.33 -27.71 28.82
CA THR A 264 -14.16 -26.68 29.41
C THR A 264 -13.80 -25.29 28.94
N SER A 265 -12.52 -24.92 29.04
CA SER A 265 -12.09 -23.55 28.75
C SER A 265 -11.71 -23.34 27.29
N THR A 266 -11.39 -24.39 26.54
CA THR A 266 -10.88 -24.25 25.19
C THR A 266 -11.84 -24.78 24.13
N GLU A 267 -12.35 -26.00 24.30
CA GLU A 267 -13.29 -26.61 23.36
C GLU A 267 -14.50 -27.14 24.12
N PRO A 268 -15.37 -26.26 24.61
CA PRO A 268 -16.58 -26.73 25.30
C PRO A 268 -17.64 -27.28 24.36
N GLN A 269 -17.58 -26.95 23.06
CA GLN A 269 -18.50 -27.48 22.06
C GLN A 269 -17.89 -28.63 21.27
N TYR A 270 -17.00 -29.40 21.89
CA TYR A 270 -16.42 -30.56 21.21
C TYR A 270 -17.45 -31.66 21.05
N GLN A 271 -17.39 -32.36 19.91
CA GLN A 271 -18.28 -33.47 19.64
C GLN A 271 -17.46 -34.59 19.00
N PRO A 272 -17.63 -35.83 19.43
CA PRO A 272 -16.80 -36.93 18.91
C PRO A 272 -17.01 -37.13 17.42
N GLY A 273 -15.92 -37.47 16.73
CA GLY A 273 -15.97 -37.76 15.31
C GLY A 273 -15.68 -39.20 15.00
N GLU A 274 -15.16 -39.47 13.80
CA GLU A 274 -14.87 -40.85 13.41
C GLU A 274 -13.66 -41.39 14.16
N ASN A 275 -12.57 -40.62 14.22
CA ASN A 275 -11.34 -41.07 14.85
C ASN A 275 -10.93 -40.26 16.07
N LEU A 276 -11.28 -38.98 16.13
CA LEU A 276 -10.95 -38.16 17.30
C LEU A 276 -12.20 -37.58 17.94
N ASP B 1 57.52 -25.76 36.93
CA ASP B 1 56.50 -24.91 37.55
C ASP B 1 55.40 -25.74 38.19
N ALA B 2 54.36 -25.05 38.70
CA ALA B 2 53.24 -25.74 39.31
C ALA B 2 52.31 -26.37 38.29
N TRP B 3 52.50 -26.09 37.00
CA TRP B 3 51.65 -26.65 35.95
C TRP B 3 52.09 -28.04 35.51
N GLU B 4 53.31 -28.45 35.85
CA GLU B 4 53.82 -29.75 35.42
C GLU B 4 53.05 -30.87 36.10
N ILE B 5 52.42 -31.72 35.30
CA ILE B 5 51.70 -32.89 35.81
C ILE B 5 52.45 -34.15 35.42
N PRO B 6 52.30 -35.24 36.17
CA PRO B 6 52.91 -36.51 35.74
C PRO B 6 52.27 -36.99 34.44
N ARG B 7 53.11 -37.45 33.52
CA ARG B 7 52.60 -37.90 32.23
C ARG B 7 51.78 -39.18 32.35
N GLU B 8 51.96 -39.95 33.43
CA GLU B 8 51.14 -41.12 33.65
C GLU B 8 49.67 -40.78 33.88
N SER B 9 49.38 -39.52 34.24
CA SER B 9 48.01 -39.07 34.48
C SER B 9 47.36 -38.53 33.22
N LEU B 10 47.64 -39.13 32.05
CA LEU B 10 47.05 -38.70 30.80
C LEU B 10 46.87 -39.92 29.90
N ARG B 11 45.71 -39.99 29.25
CA ARG B 11 45.40 -41.05 28.29
C ARG B 11 44.89 -40.41 27.01
N LEU B 12 45.65 -40.58 25.93
CA LEU B 12 45.29 -40.00 24.64
C LEU B 12 44.37 -40.97 23.90
N GLU B 13 43.09 -40.61 23.79
CA GLU B 13 42.11 -41.49 23.18
C GLU B 13 41.97 -41.23 21.68
N VAL B 14 41.29 -40.15 21.31
CA VAL B 14 40.96 -39.86 19.91
C VAL B 14 41.88 -38.77 19.39
N LYS B 15 42.47 -39.02 18.23
CA LYS B 15 43.29 -38.01 17.56
C LYS B 15 42.40 -36.98 16.88
N LEU B 16 42.66 -35.70 17.14
CA LEU B 16 41.81 -34.63 16.65
C LEU B 16 42.30 -34.05 15.33
N GLY B 17 43.62 -33.90 15.17
CA GLY B 17 44.16 -33.37 13.94
C GLY B 17 45.58 -32.89 14.12
N GLN B 18 46.15 -32.44 13.01
CA GLN B 18 47.52 -31.91 12.98
C GLN B 18 47.48 -30.39 12.87
N GLY B 19 47.05 -29.77 13.97
CA GLY B 19 46.83 -28.33 13.97
C GLY B 19 47.63 -27.51 14.97
N CYS B 20 48.05 -26.33 14.52
CA CYS B 20 48.72 -25.32 15.37
C CYS B 20 50.01 -25.85 16.01
N PHE B 21 51.08 -25.92 15.22
CA PHE B 21 52.42 -26.24 15.71
C PHE B 21 52.50 -27.55 16.47
N GLY B 22 51.79 -28.57 16.01
CA GLY B 22 51.87 -29.88 16.63
C GLY B 22 50.60 -30.67 16.41
N GLU B 23 50.61 -31.88 16.95
CA GLU B 23 49.51 -32.82 16.84
C GLU B 23 48.60 -32.72 18.06
N VAL B 24 47.30 -32.75 17.83
CA VAL B 24 46.31 -32.54 18.89
C VAL B 24 45.50 -33.82 19.07
N TRP B 25 45.21 -34.15 20.33
CA TRP B 25 44.47 -35.35 20.69
C TRP B 25 43.35 -35.01 21.66
N MET B 26 42.31 -35.85 21.65
CA MET B 26 41.23 -35.79 22.63
CA MET B 26 41.23 -35.79 22.63
C MET B 26 41.47 -36.90 23.65
N GLY B 27 41.82 -36.51 24.87
CA GLY B 27 42.12 -37.51 25.87
C GLY B 27 41.45 -37.30 27.21
N THR B 28 41.96 -37.99 28.23
CA THR B 28 41.43 -37.92 29.59
C THR B 28 42.58 -37.65 30.55
N TRP B 29 42.34 -36.76 31.51
CA TRP B 29 43.36 -36.38 32.48
C TRP B 29 43.39 -37.38 33.64
N ASN B 30 42.75 -37.03 34.75
CA ASN B 30 42.75 -37.87 35.95
C ASN B 30 41.63 -38.90 35.93
N GLY B 31 41.25 -39.40 34.75
CA GLY B 31 40.26 -40.44 34.64
C GLY B 31 38.83 -39.96 34.44
N THR B 32 38.53 -38.71 34.79
CA THR B 32 37.17 -38.19 34.67
C THR B 32 37.11 -36.74 34.21
N THR B 33 38.20 -36.18 33.70
CA THR B 33 38.22 -34.81 33.18
C THR B 33 38.70 -34.84 31.73
N ARG B 34 37.77 -34.59 30.81
CA ARG B 34 38.12 -34.59 29.39
C ARG B 34 38.98 -33.38 29.04
N VAL B 35 40.04 -33.63 28.28
CA VAL B 35 41.03 -32.61 27.94
C VAL B 35 41.40 -32.73 26.48
N ALA B 36 42.09 -31.70 25.98
CA ALA B 36 42.71 -31.71 24.67
C ALA B 36 44.21 -31.58 24.85
N ILE B 37 44.97 -32.47 24.20
CA ILE B 37 46.40 -32.59 24.41
C ILE B 37 47.11 -32.35 23.10
N LYS B 38 48.02 -31.37 23.09
CA LYS B 38 48.85 -31.09 21.92
C LYS B 38 50.24 -31.65 22.16
N THR B 39 50.75 -32.39 21.16
CA THR B 39 52.04 -33.03 21.25
C THR B 39 53.01 -32.41 20.25
N LEU B 40 54.27 -32.32 20.65
CA LEU B 40 55.34 -31.82 19.80
C LEU B 40 55.98 -32.96 19.05
N LYS B 41 56.16 -32.79 17.75
CA LYS B 41 56.95 -33.76 16.99
C LYS B 41 58.42 -33.40 17.12
N PRO B 42 59.26 -34.32 17.58
CA PRO B 42 60.58 -33.92 18.13
C PRO B 42 61.48 -33.20 17.16
N GLY B 43 61.58 -33.65 15.92
CA GLY B 43 62.47 -32.99 14.98
C GLY B 43 61.92 -31.69 14.46
N THR B 44 60.61 -31.63 14.24
CA THR B 44 59.99 -30.51 13.55
C THR B 44 60.24 -29.19 14.28
N MET B 45 60.37 -28.13 13.49
CA MET B 45 60.23 -26.76 13.96
C MET B 45 61.15 -26.42 15.14
N SER B 46 60.67 -26.62 16.36
CA SER B 46 61.30 -26.07 17.54
C SER B 46 61.52 -27.11 18.63
N PRO B 47 62.40 -26.84 19.61
CA PRO B 47 62.61 -27.79 20.70
C PRO B 47 61.91 -27.39 22.00
N GLU B 48 62.04 -26.11 22.38
CA GLU B 48 61.39 -25.58 23.56
C GLU B 48 60.40 -24.46 23.25
N ALA B 49 60.40 -23.93 22.01
CA ALA B 49 59.42 -22.91 21.65
C ALA B 49 58.00 -23.45 21.63
N PHE B 50 57.84 -24.77 21.57
CA PHE B 50 56.52 -25.38 21.79
C PHE B 50 55.93 -24.96 23.13
N LEU B 51 56.76 -24.58 24.10
CA LEU B 51 56.30 -24.08 25.39
C LEU B 51 56.17 -22.57 25.44
N GLN B 52 56.63 -21.85 24.40
CA GLN B 52 56.37 -20.41 24.35
C GLN B 52 54.88 -20.12 24.38
N GLU B 53 54.09 -20.89 23.62
CA GLU B 53 52.65 -20.78 23.70
C GLU B 53 52.14 -21.09 25.11
N ALA B 54 52.76 -22.06 25.77
CA ALA B 54 52.37 -22.39 27.14
C ALA B 54 52.77 -21.29 28.12
N GLN B 55 53.89 -20.60 27.86
CA GLN B 55 54.28 -19.49 28.72
C GLN B 55 53.31 -18.33 28.61
N VAL B 56 52.81 -18.07 27.40
CA VAL B 56 51.85 -16.97 27.21
C VAL B 56 50.51 -17.33 27.84
N MET B 57 50.08 -18.59 27.70
CA MET B 57 48.78 -19.00 28.23
C MET B 57 48.73 -19.02 29.75
N LYS B 58 49.88 -18.96 30.43
CA LYS B 58 49.87 -18.91 31.89
C LYS B 58 49.48 -17.54 32.41
N LYS B 59 49.73 -16.48 31.64
CA LYS B 59 49.45 -15.12 32.08
C LYS B 59 48.18 -14.54 31.46
N LEU B 60 47.52 -15.25 30.56
CA LEU B 60 46.31 -14.78 29.90
C LEU B 60 45.15 -15.68 30.32
N ARG B 61 44.34 -15.19 31.25
CA ARG B 61 43.16 -15.90 31.72
C ARG B 61 41.91 -15.11 31.33
N HIS B 62 41.03 -15.74 30.56
CA HIS B 62 39.79 -15.11 30.13
C HIS B 62 38.82 -16.17 29.67
N GLU B 63 37.53 -15.93 29.90
CA GLU B 63 36.52 -16.92 29.55
C GLU B 63 36.39 -17.14 28.05
N LYS B 64 36.90 -16.23 27.23
CA LYS B 64 36.88 -16.38 25.79
C LYS B 64 38.25 -16.70 25.22
N LEU B 65 39.18 -17.13 26.07
CA LEU B 65 40.47 -17.66 25.66
C LEU B 65 40.58 -19.10 26.13
N VAL B 66 41.16 -19.96 25.28
CA VAL B 66 41.34 -21.35 25.65
C VAL B 66 42.24 -21.44 26.87
N GLN B 67 41.77 -22.12 27.92
CA GLN B 67 42.45 -22.15 29.20
C GLN B 67 43.47 -23.28 29.24
N LEU B 68 44.71 -22.95 29.60
CA LEU B 68 45.74 -23.96 29.78
C LEU B 68 45.47 -24.73 31.07
N TYR B 69 45.48 -26.06 30.97
CA TYR B 69 45.26 -26.90 32.13
C TYR B 69 46.57 -27.33 32.79
N ALA B 70 47.53 -27.80 32.00
CA ALA B 70 48.80 -28.28 32.52
C ALA B 70 49.75 -28.52 31.34
N VAL B 71 51.00 -28.83 31.67
CA VAL B 71 52.03 -29.12 30.68
C VAL B 71 52.88 -30.29 31.17
N VAL B 72 53.44 -31.03 30.22
CA VAL B 72 54.42 -32.08 30.49
C VAL B 72 55.70 -31.67 29.80
N SER B 73 56.71 -31.28 30.59
CA SER B 73 57.96 -30.79 30.04
C SER B 73 58.92 -31.91 29.63
N GLU B 74 58.67 -33.15 30.07
CA GLU B 74 59.49 -34.28 29.64
C GLU B 74 59.08 -34.70 28.24
N GLU B 75 60.08 -34.90 27.38
CA GLU B 75 59.80 -35.20 25.98
C GLU B 75 59.14 -36.58 25.86
N PRO B 76 58.15 -36.74 24.97
CA PRO B 76 57.57 -35.70 24.10
C PRO B 76 56.75 -34.67 24.88
N ILE B 77 56.86 -33.40 24.47
CA ILE B 77 56.21 -32.32 25.20
C ILE B 77 54.70 -32.42 25.02
N TYR B 78 53.97 -32.38 26.14
CA TYR B 78 52.52 -32.36 26.14
C TYR B 78 52.03 -31.01 26.67
N ILE B 79 50.92 -30.55 26.11
CA ILE B 79 50.23 -29.35 26.59
C ILE B 79 48.74 -29.68 26.59
N VAL B 80 48.13 -29.72 27.77
CA VAL B 80 46.72 -30.04 27.91
C VAL B 80 45.95 -28.76 28.19
N THR B 81 44.81 -28.61 27.52
CA THR B 81 43.91 -27.48 27.71
C THR B 81 42.49 -28.02 27.85
N GLU B 82 41.52 -27.12 27.93
CA GLU B 82 40.13 -27.52 27.89
C GLU B 82 39.79 -28.05 26.50
N TYR B 83 38.79 -28.93 26.45
CA TYR B 83 38.36 -29.53 25.19
C TYR B 83 37.22 -28.72 24.61
N MET B 84 37.45 -28.12 23.44
CA MET B 84 36.41 -27.41 22.71
C MET B 84 35.73 -28.42 21.79
N SER B 85 34.46 -28.74 22.09
CA SER B 85 33.84 -29.93 21.52
C SER B 85 33.56 -29.79 20.02
N LYS B 86 33.37 -28.58 19.53
CA LYS B 86 32.92 -28.38 18.15
C LYS B 86 34.06 -28.11 17.17
N GLY B 87 35.30 -28.06 17.63
CA GLY B 87 36.42 -27.93 16.72
C GLY B 87 36.69 -26.48 16.31
N SER B 88 37.41 -26.36 15.19
CA SER B 88 37.79 -25.04 14.71
C SER B 88 36.59 -24.31 14.10
N LEU B 89 36.58 -22.99 14.25
CA LEU B 89 35.51 -22.19 13.69
C LEU B 89 35.48 -22.28 12.17
N LEU B 90 36.65 -22.39 11.54
CA LEU B 90 36.71 -22.51 10.08
C LEU B 90 35.99 -23.77 9.62
N ASP B 91 36.35 -24.93 10.18
CA ASP B 91 35.69 -26.17 9.80
C ASP B 91 34.22 -26.16 10.16
N PHE B 92 33.86 -25.50 11.27
CA PHE B 92 32.46 -25.43 11.67
C PHE B 92 31.63 -24.60 10.70
N LEU B 93 32.15 -23.42 10.31
CA LEU B 93 31.48 -22.61 9.30
C LEU B 93 31.37 -23.35 7.98
N LYS B 94 32.37 -24.17 7.64
CA LYS B 94 32.36 -24.95 6.40
C LYS B 94 31.58 -26.25 6.52
N GLY B 95 31.48 -26.80 7.73
CA GLY B 95 30.90 -28.13 7.92
C GLY B 95 29.41 -28.24 7.70
N GLU B 96 28.83 -29.35 8.17
CA GLU B 96 27.41 -29.62 7.93
C GLU B 96 26.52 -28.68 8.75
N THR B 97 26.89 -28.42 10.00
CA THR B 97 26.06 -27.60 10.87
C THR B 97 26.27 -26.10 10.67
N GLY B 98 27.08 -25.71 9.70
CA GLY B 98 27.22 -24.30 9.34
C GLY B 98 26.24 -23.82 8.32
N LYS B 99 25.44 -24.73 7.75
CA LYS B 99 24.45 -24.35 6.73
C LYS B 99 23.37 -23.45 7.33
N TYR B 100 22.95 -23.73 8.56
CA TYR B 100 21.79 -23.08 9.15
C TYR B 100 22.15 -21.88 10.02
N LEU B 101 23.44 -21.58 10.17
CA LEU B 101 23.83 -20.40 10.92
C LEU B 101 23.37 -19.14 10.20
N ARG B 102 22.83 -18.19 10.97
CA ARG B 102 22.31 -16.94 10.46
CA ARG B 102 22.33 -16.94 10.45
C ARG B 102 23.05 -15.77 11.12
N LEU B 103 22.64 -14.56 10.75
CA LEU B 103 23.29 -13.36 11.27
C LEU B 103 23.27 -13.26 12.78
N PRO B 104 22.16 -13.53 13.50
CA PRO B 104 22.21 -13.41 14.97
C PRO B 104 23.24 -14.31 15.63
N GLN B 105 23.43 -15.53 15.12
CA GLN B 105 24.44 -16.40 15.70
C GLN B 105 25.85 -15.94 15.34
N LEU B 106 26.06 -15.57 14.07
CA LEU B 106 27.40 -15.20 13.62
C LEU B 106 27.86 -13.89 14.25
N VAL B 107 26.96 -12.92 14.39
CA VAL B 107 27.31 -11.68 15.08
C VAL B 107 27.61 -11.97 16.55
N ASP B 108 26.85 -12.89 17.16
CA ASP B 108 27.11 -13.25 18.55
C ASP B 108 28.48 -13.91 18.71
N MET B 109 28.83 -14.79 17.77
CA MET B 109 30.15 -15.41 17.81
C MET B 109 31.25 -14.36 17.67
N ALA B 110 31.03 -13.37 16.82
CA ALA B 110 32.00 -12.28 16.68
C ALA B 110 32.09 -11.45 17.96
N ALA B 111 30.95 -11.24 18.62
CA ALA B 111 30.98 -10.51 19.89
C ALA B 111 31.79 -11.27 20.94
N GLN B 112 31.70 -12.60 20.94
CA GLN B 112 32.50 -13.40 21.86
C GLN B 112 33.97 -13.34 21.50
N ILE B 113 34.29 -13.30 20.20
CA ILE B 113 35.67 -13.17 19.76
C ILE B 113 36.21 -11.79 20.09
N ALA B 114 35.42 -10.75 19.85
CA ALA B 114 35.83 -9.40 20.21
C ALA B 114 36.01 -9.26 21.71
N SER B 115 35.21 -9.97 22.51
CA SER B 115 35.38 -9.93 23.96
C SER B 115 36.72 -10.54 24.36
N GLY B 116 37.13 -11.63 23.70
CA GLY B 116 38.41 -12.22 24.00
C GLY B 116 39.58 -11.34 23.58
N MET B 117 39.48 -10.72 22.40
CA MET B 117 40.51 -9.79 21.98
C MET B 117 40.49 -8.49 22.78
N ALA B 118 39.34 -8.11 23.34
CA ALA B 118 39.30 -6.98 24.25
C ALA B 118 40.13 -7.25 25.49
N TYR B 119 40.15 -8.49 25.97
CA TYR B 119 41.04 -8.84 27.07
C TYR B 119 42.50 -8.81 26.65
N VAL B 120 42.80 -9.32 25.45
CA VAL B 120 44.16 -9.23 24.93
C VAL B 120 44.58 -7.77 24.80
N GLU B 121 43.65 -6.91 24.38
CA GLU B 121 43.94 -5.49 24.25
C GLU B 121 44.25 -4.85 25.60
N ARG B 122 43.49 -5.22 26.64
CA ARG B 122 43.73 -4.66 27.97
C ARG B 122 45.06 -5.11 28.54
N MET B 123 45.50 -6.33 28.21
CA MET B 123 46.77 -6.85 28.70
C MET B 123 47.96 -6.37 27.88
N ASN B 124 47.73 -5.52 26.87
CA ASN B 124 48.78 -4.97 26.01
C ASN B 124 49.52 -6.07 25.24
N TYR B 125 48.82 -7.16 24.94
CA TYR B 125 49.36 -8.24 24.13
C TYR B 125 48.91 -8.09 22.67
N VAL B 126 49.66 -8.73 21.79
CA VAL B 126 49.34 -8.79 20.36
C VAL B 126 49.26 -10.25 19.95
N HIS B 127 48.25 -10.61 19.17
CA HIS B 127 48.03 -12.00 18.80
C HIS B 127 48.85 -12.41 17.59
N ARG B 128 48.80 -11.63 16.51
CA ARG B 128 49.55 -11.76 15.26
C ARG B 128 49.01 -12.84 14.33
N ASP B 129 47.98 -13.59 14.71
CA ASP B 129 47.45 -14.62 13.82
C ASP B 129 45.97 -14.87 14.14
N LEU B 130 45.18 -13.81 14.14
CA LEU B 130 43.75 -13.91 14.42
C LEU B 130 43.01 -14.24 13.13
N ARG B 131 42.25 -15.33 13.15
CA ARG B 131 41.47 -15.79 12.01
C ARG B 131 40.56 -16.91 12.48
N ALA B 132 39.68 -17.36 11.58
CA ALA B 132 38.73 -18.41 11.93
C ALA B 132 39.42 -19.73 12.20
N ALA B 133 40.53 -20.02 11.51
CA ALA B 133 41.23 -21.27 11.71
C ALA B 133 41.89 -21.36 13.08
N ASN B 134 42.09 -20.24 13.77
CA ASN B 134 42.70 -20.22 15.09
C ASN B 134 41.69 -19.91 16.18
N ILE B 135 40.40 -20.12 15.92
CA ILE B 135 39.35 -19.92 16.90
C ILE B 135 38.58 -21.23 17.03
N LEU B 136 38.34 -21.65 18.28
CA LEU B 136 37.70 -22.92 18.57
C LEU B 136 36.28 -22.70 19.07
N VAL B 137 35.39 -23.61 18.71
CA VAL B 137 33.99 -23.55 19.10
C VAL B 137 33.70 -24.66 20.09
N GLY B 138 32.93 -24.34 21.13
CA GLY B 138 32.56 -25.33 22.13
C GLY B 138 31.06 -25.52 22.21
N GLU B 139 30.58 -26.00 23.35
CA GLU B 139 29.14 -26.19 23.53
C GLU B 139 28.43 -24.84 23.51
N ASN B 140 27.18 -24.86 23.04
CA ASN B 140 26.32 -23.67 23.05
C ASN B 140 26.90 -22.53 22.21
N LEU B 141 27.59 -22.88 21.12
CA LEU B 141 28.16 -21.92 20.18
C LEU B 141 29.16 -20.96 20.85
N VAL B 142 29.81 -21.42 21.93
CA VAL B 142 30.83 -20.61 22.56
C VAL B 142 32.08 -20.57 21.69
N CYS B 143 32.64 -19.38 21.49
CA CYS B 143 33.82 -19.20 20.67
C CYS B 143 34.96 -18.65 21.53
N LYS B 144 36.14 -19.24 21.37
CA LYS B 144 37.31 -18.86 22.15
C LYS B 144 38.52 -18.73 21.24
N VAL B 145 39.39 -17.77 21.56
CA VAL B 145 40.58 -17.52 20.76
C VAL B 145 41.66 -18.53 21.13
N ALA B 146 42.36 -19.04 20.11
CA ALA B 146 43.44 -19.99 20.31
C ALA B 146 44.71 -19.53 19.62
N ASP B 147 45.73 -20.40 19.60
CA ASP B 147 47.01 -20.12 18.95
C ASP B 147 47.68 -18.87 19.52
N PHE B 148 48.27 -18.99 20.71
CA PHE B 148 49.00 -17.90 21.33
C PHE B 148 50.51 -18.08 21.22
N GLY B 149 50.97 -18.81 20.21
CA GLY B 149 52.41 -19.00 20.04
C GLY B 149 53.12 -17.72 19.66
N LEU B 150 52.57 -16.98 18.69
CA LEU B 150 53.14 -15.71 18.26
C LEU B 150 52.72 -14.55 19.15
N ALA B 151 52.02 -14.81 20.25
CA ALA B 151 51.51 -13.75 21.10
C ALA B 151 52.66 -13.11 21.87
N ARG B 152 53.13 -11.96 21.39
CA ARG B 152 54.21 -11.22 22.03
C ARG B 152 53.63 -10.05 22.82
N LEU B 153 54.25 -9.76 23.96
CA LEU B 153 53.82 -8.65 24.82
C LEU B 153 54.49 -7.36 24.38
N ILE B 154 53.76 -6.25 24.58
CA ILE B 154 54.19 -4.88 24.22
C ILE B 154 54.97 -4.83 22.92
N ALA B 165 50.96 -22.25 10.20
CA ALA B 165 51.00 -20.82 9.95
C ALA B 165 52.41 -20.36 9.58
N LYS B 166 52.51 -19.17 9.00
CA LYS B 166 53.80 -18.59 8.64
C LYS B 166 53.67 -17.08 8.46
N PHE B 167 52.90 -16.68 7.44
CA PHE B 167 52.75 -15.28 7.06
C PHE B 167 51.55 -15.12 6.15
N PRO B 168 50.32 -15.22 6.69
CA PRO B 168 49.11 -15.12 5.85
C PRO B 168 48.84 -13.69 5.42
N ILE B 169 49.06 -13.41 4.14
CA ILE B 169 48.92 -12.04 3.65
C ILE B 169 47.47 -11.59 3.65
N LYS B 170 46.53 -12.51 3.46
CA LYS B 170 45.12 -12.13 3.33
C LYS B 170 44.51 -11.70 4.66
N TRP B 171 45.07 -12.13 5.79
CA TRP B 171 44.54 -11.77 7.11
C TRP B 171 45.37 -10.70 7.82
N THR B 172 46.53 -10.35 7.29
CA THR B 172 47.47 -9.47 7.97
C THR B 172 47.34 -8.04 7.47
N ALA B 173 47.40 -7.09 8.41
CA ALA B 173 47.42 -5.69 8.04
C ALA B 173 48.64 -5.39 7.18
N PRO B 174 48.52 -4.52 6.17
CA PRO B 174 49.66 -4.27 5.28
C PRO B 174 50.87 -3.67 5.98
N GLU B 175 50.66 -2.81 6.98
CA GLU B 175 51.81 -2.25 7.69
C GLU B 175 52.53 -3.31 8.52
N ALA B 176 51.82 -4.35 8.96
CA ALA B 176 52.47 -5.44 9.68
C ALA B 176 53.05 -6.47 8.72
N ALA B 177 52.43 -6.64 7.55
CA ALA B 177 52.94 -7.60 6.57
C ALA B 177 54.22 -7.09 5.91
N LEU B 178 54.21 -5.81 5.51
CA LEU B 178 55.36 -5.26 4.79
C LEU B 178 56.49 -4.88 5.73
N TYR B 179 56.18 -4.17 6.82
CA TYR B 179 57.19 -3.54 7.66
C TYR B 179 57.24 -4.15 9.06
N GLY B 180 56.55 -5.25 9.30
CA GLY B 180 56.60 -5.90 10.61
C GLY B 180 55.99 -5.10 11.74
N ARG B 181 55.03 -4.22 11.43
CA ARG B 181 54.41 -3.37 12.44
C ARG B 181 53.18 -4.06 13.02
N PHE B 182 53.43 -5.10 13.80
CA PHE B 182 52.38 -5.89 14.43
C PHE B 182 51.93 -5.20 15.72
N THR B 183 50.70 -4.68 15.72
CA THR B 183 50.12 -4.03 16.90
C THR B 183 48.72 -4.62 17.14
N ILE B 184 48.06 -4.12 18.18
CA ILE B 184 46.68 -4.52 18.42
C ILE B 184 45.77 -3.97 17.33
N LYS B 185 46.17 -2.87 16.69
CA LYS B 185 45.41 -2.35 15.56
C LYS B 185 45.59 -3.19 14.31
N SER B 186 46.68 -3.96 14.22
CA SER B 186 46.82 -4.94 13.15
C SER B 186 46.00 -6.19 13.44
N ASP B 187 45.70 -6.47 14.71
CA ASP B 187 44.74 -7.54 15.02
C ASP B 187 43.31 -7.11 14.74
N VAL B 188 43.02 -5.81 14.87
CA VAL B 188 41.71 -5.30 14.47
C VAL B 188 41.51 -5.47 12.97
N TRP B 189 42.58 -5.26 12.20
CA TRP B 189 42.52 -5.55 10.77
C TRP B 189 42.15 -7.01 10.54
N SER B 190 42.82 -7.93 11.25
CA SER B 190 42.55 -9.34 11.08
C SER B 190 41.12 -9.69 11.49
N PHE B 191 40.60 -9.03 12.53
CA PHE B 191 39.24 -9.27 12.96
C PHE B 191 38.25 -8.87 11.88
N GLY B 192 38.55 -7.80 11.14
CA GLY B 192 37.69 -7.40 10.03
C GLY B 192 37.64 -8.45 8.94
N ILE B 193 38.79 -9.05 8.62
CA ILE B 193 38.81 -10.16 7.68
C ILE B 193 38.02 -11.34 8.22
N LEU B 194 38.14 -11.61 9.52
CA LEU B 194 37.40 -12.69 10.13
C LEU B 194 35.89 -12.47 10.04
N LEU B 195 35.45 -11.21 10.10
CA LEU B 195 34.03 -10.92 9.95
C LEU B 195 33.51 -11.36 8.59
N THR B 196 34.34 -11.22 7.55
CA THR B 196 33.95 -11.76 6.24
C THR B 196 33.91 -13.28 6.25
N GLU B 197 34.79 -13.92 7.03
CA GLU B 197 34.72 -15.37 7.17
C GLU B 197 33.41 -15.80 7.83
N LEU B 198 32.92 -15.00 8.78
CA LEU B 198 31.69 -15.35 9.48
C LEU B 198 30.46 -15.12 8.59
N THR B 199 30.49 -14.11 7.73
CA THR B 199 29.34 -13.77 6.89
C THR B 199 29.35 -14.48 5.55
N THR B 200 30.41 -15.23 5.22
CA THR B 200 30.45 -16.02 3.99
C THR B 200 30.53 -17.51 4.26
N LYS B 201 30.29 -17.94 5.50
CA LYS B 201 30.38 -19.34 5.90
C LYS B 201 31.77 -19.92 5.60
N GLY B 202 32.80 -19.14 5.90
CA GLY B 202 34.16 -19.63 5.86
C GLY B 202 34.84 -19.63 4.52
N ARG B 203 34.39 -18.80 3.57
CA ARG B 203 35.10 -18.69 2.31
C ARG B 203 36.40 -17.90 2.49
N VAL B 204 37.40 -18.25 1.68
CA VAL B 204 38.68 -17.55 1.73
C VAL B 204 38.48 -16.10 1.29
N PRO B 205 39.00 -15.11 2.03
CA PRO B 205 38.87 -13.72 1.60
C PRO B 205 39.58 -13.46 0.28
N TYR B 206 39.17 -12.38 -0.38
CA TYR B 206 39.68 -11.98 -1.69
C TYR B 206 39.58 -13.16 -2.66
N PRO B 207 38.37 -13.58 -3.03
CA PRO B 207 38.24 -14.78 -3.87
C PRO B 207 38.92 -14.61 -5.21
N GLY B 208 39.68 -15.63 -5.60
CA GLY B 208 40.35 -15.62 -6.89
C GLY B 208 41.64 -14.83 -6.87
N MET B 209 41.78 -13.95 -5.89
CA MET B 209 42.94 -13.07 -5.77
C MET B 209 44.03 -13.79 -5.00
N VAL B 210 45.19 -13.99 -5.64
CA VAL B 210 46.29 -14.74 -5.05
C VAL B 210 47.05 -13.83 -4.08
N ASN B 211 47.97 -14.42 -3.30
CA ASN B 211 48.67 -13.66 -2.26
C ASN B 211 49.44 -12.48 -2.84
N ARG B 212 50.10 -12.69 -3.98
CA ARG B 212 50.90 -11.61 -4.58
C ARG B 212 50.01 -10.45 -5.02
N GLU B 213 48.75 -10.71 -5.34
CA GLU B 213 47.84 -9.66 -5.76
C GLU B 213 47.16 -8.95 -4.59
N VAL B 214 47.07 -9.59 -3.42
CA VAL B 214 46.30 -9.03 -2.32
C VAL B 214 46.96 -7.77 -1.78
N LEU B 215 48.20 -7.89 -1.30
CA LEU B 215 48.88 -6.74 -0.70
C LEU B 215 49.07 -5.62 -1.70
N ASP B 216 49.14 -5.94 -2.99
CA ASP B 216 49.19 -4.91 -4.02
C ASP B 216 47.87 -4.14 -4.09
N GLN B 217 46.76 -4.86 -4.29
CA GLN B 217 45.45 -4.22 -4.38
C GLN B 217 45.11 -3.50 -3.08
N VAL B 218 45.38 -4.13 -1.93
CA VAL B 218 45.03 -3.54 -0.65
C VAL B 218 45.81 -2.26 -0.40
N GLU B 219 47.10 -2.25 -0.78
CA GLU B 219 47.89 -1.03 -0.63
C GLU B 219 47.41 0.07 -1.57
N ARG B 220 46.87 -0.31 -2.73
CA ARG B 220 46.24 0.66 -3.62
C ARG B 220 44.94 1.22 -3.07
N GLY B 221 44.42 0.63 -1.99
CA GLY B 221 43.17 1.08 -1.39
C GLY B 221 42.01 0.12 -1.52
N TYR B 222 42.20 -1.02 -2.19
CA TYR B 222 41.11 -1.95 -2.39
C TYR B 222 40.66 -2.56 -1.07
N ARG B 223 39.35 -2.70 -0.91
CA ARG B 223 38.75 -3.40 0.22
C ARG B 223 37.66 -4.33 -0.31
N MET B 224 37.48 -5.44 0.38
CA MET B 224 36.47 -6.41 -0.04
C MET B 224 35.08 -5.77 0.00
N PRO B 225 34.21 -6.07 -0.97
CA PRO B 225 32.88 -5.47 -0.96
C PRO B 225 31.97 -6.11 0.08
N CYS B 226 30.74 -5.62 0.17
CA CYS B 226 29.78 -6.17 1.12
C CYS B 226 29.37 -7.58 0.70
N PRO B 227 29.59 -8.59 1.53
CA PRO B 227 29.16 -9.94 1.17
C PRO B 227 27.66 -9.99 0.98
N PRO B 228 27.16 -10.93 0.17
CA PRO B 228 25.72 -10.99 -0.09
C PRO B 228 24.94 -11.29 1.18
N GLU B 229 23.76 -10.68 1.28
CA GLU B 229 22.84 -10.79 2.41
C GLU B 229 23.44 -10.25 3.70
N CYS B 230 24.60 -9.60 3.64
CA CYS B 230 25.18 -8.95 4.82
C CYS B 230 24.74 -7.50 4.87
N PRO B 231 24.28 -6.99 6.01
CA PRO B 231 23.85 -5.59 6.08
C PRO B 231 25.04 -4.65 5.86
N GLU B 232 24.74 -3.50 5.24
CA GLU B 232 25.76 -2.49 5.00
C GLU B 232 26.35 -1.98 6.31
N SER B 233 25.57 -2.02 7.39
CA SER B 233 26.08 -1.55 8.68
C SER B 233 27.25 -2.42 9.16
N LEU B 234 27.16 -3.73 8.96
CA LEU B 234 28.25 -4.60 9.38
C LEU B 234 29.45 -4.48 8.44
N HIS B 235 29.19 -4.30 7.14
CA HIS B 235 30.28 -4.07 6.20
C HIS B 235 31.00 -2.76 6.48
N ASP B 236 30.27 -1.75 6.96
CA ASP B 236 30.90 -0.50 7.37
C ASP B 236 31.84 -0.74 8.55
N LEU B 237 31.47 -1.64 9.45
CA LEU B 237 32.36 -1.99 10.56
C LEU B 237 33.63 -2.67 10.06
N MET B 238 33.51 -3.49 9.01
CA MET B 238 34.68 -4.13 8.43
C MET B 238 35.63 -3.11 7.84
N CYS B 239 35.09 -2.14 7.09
CA CYS B 239 35.92 -1.12 6.46
C CYS B 239 36.60 -0.23 7.50
N GLN B 240 35.97 -0.03 8.66
CA GLN B 240 36.63 0.68 9.73
C GLN B 240 37.78 -0.13 10.30
N CYS B 241 37.63 -1.46 10.38
CA CYS B 241 38.73 -2.33 10.74
C CYS B 241 39.83 -2.35 9.69
N TRP B 242 39.56 -1.85 8.48
CA TRP B 242 40.50 -1.89 7.39
C TRP B 242 41.00 -0.51 6.99
N ARG B 243 40.99 0.45 7.91
CA ARG B 243 41.51 1.77 7.59
C ARG B 243 43.01 1.71 7.39
N LYS B 244 43.51 2.49 6.42
CA LYS B 244 44.93 2.47 6.11
C LYS B 244 45.76 2.91 7.30
N GLU B 245 45.35 3.99 7.95
CA GLU B 245 46.03 4.44 9.16
C GLU B 245 45.55 3.59 10.35
N PRO B 246 46.45 2.90 11.04
CA PRO B 246 45.99 2.00 12.12
C PRO B 246 45.36 2.72 13.30
N GLU B 247 45.78 3.96 13.59
CA GLU B 247 45.28 4.63 14.79
C GLU B 247 43.81 5.01 14.68
N GLU B 248 43.25 5.07 13.48
CA GLU B 248 41.84 5.37 13.30
C GLU B 248 40.97 4.12 13.29
N ARG B 249 41.57 2.94 13.26
CA ARG B 249 40.80 1.70 13.33
C ARG B 249 40.23 1.52 14.74
N PRO B 250 39.05 0.94 14.86
CA PRO B 250 38.39 0.87 16.17
C PRO B 250 39.10 -0.09 17.12
N THR B 251 38.83 0.08 18.40
CA THR B 251 39.34 -0.82 19.42
C THR B 251 38.42 -2.02 19.57
N PHE B 252 38.94 -3.07 20.22
CA PHE B 252 38.12 -4.24 20.47
C PHE B 252 37.06 -4.00 21.54
N GLU B 253 37.25 -2.98 22.38
CA GLU B 253 36.19 -2.62 23.32
C GLU B 253 34.99 -2.03 22.60
N TYR B 254 35.24 -1.15 21.62
CA TYR B 254 34.16 -0.64 20.79
C TYR B 254 33.51 -1.74 19.96
N LEU B 255 34.33 -2.61 19.36
CA LEU B 255 33.79 -3.68 18.52
C LEU B 255 32.90 -4.62 19.32
N GLN B 256 33.33 -5.00 20.53
CA GLN B 256 32.52 -5.87 21.36
C GLN B 256 31.18 -5.22 21.70
N ALA B 257 31.21 -3.97 22.15
CA ALA B 257 29.97 -3.27 22.48
C ALA B 257 29.09 -3.09 21.25
N PHE B 258 29.71 -2.83 20.09
CA PHE B 258 28.95 -2.68 18.85
C PHE B 258 28.27 -4.00 18.47
N LEU B 259 29.01 -5.11 18.52
CA LEU B 259 28.46 -6.39 18.08
C LEU B 259 27.41 -6.93 19.04
N GLU B 260 27.57 -6.69 20.34
CA GLU B 260 26.58 -7.17 21.30
C GLU B 260 25.25 -6.44 21.14
N ASP B 261 25.30 -5.11 20.95
CA ASP B 261 24.10 -4.29 20.81
C ASP B 261 23.60 -4.22 19.37
N TYR B 262 24.07 -5.12 18.50
CA TYR B 262 23.91 -4.92 17.06
C TYR B 262 22.44 -4.88 16.66
N PHE B 263 21.65 -5.87 17.06
CA PHE B 263 20.29 -6.01 16.56
C PHE B 263 19.29 -5.09 17.26
N THR B 264 19.72 -4.35 18.28
CA THR B 264 18.88 -3.33 18.89
C THR B 264 19.27 -1.92 18.45
N SER B 265 20.56 -1.59 18.54
CA SER B 265 21.01 -0.23 18.26
C SER B 265 21.31 0.01 16.78
N THR B 266 21.71 -1.02 16.03
CA THR B 266 22.18 -0.85 14.66
C THR B 266 21.21 -1.35 13.62
N GLU B 267 20.76 -2.61 13.72
CA GLU B 267 19.83 -3.22 12.77
C GLU B 267 18.59 -3.71 13.49
N PRO B 268 17.72 -2.80 13.92
CA PRO B 268 16.49 -3.23 14.61
C PRO B 268 15.43 -3.81 13.68
N GLN B 269 15.50 -3.51 12.38
CA GLN B 269 14.54 -4.01 11.41
C GLN B 269 15.08 -5.20 10.63
N TYR B 270 16.03 -5.94 11.21
CA TYR B 270 16.61 -7.09 10.52
C TYR B 270 15.59 -8.21 10.36
N GLN B 271 15.60 -8.83 9.18
CA GLN B 271 14.77 -9.99 8.89
C GLN B 271 15.61 -11.06 8.22
N PRO B 272 15.42 -12.33 8.56
CA PRO B 272 16.28 -13.39 8.02
C PRO B 272 16.16 -13.49 6.50
N GLY B 273 17.18 -14.09 5.89
CA GLY B 273 17.14 -14.35 4.47
C GLY B 273 17.46 -15.80 4.16
N GLU B 274 18.06 -16.06 2.99
CA GLU B 274 18.38 -17.44 2.65
C GLU B 274 19.59 -17.93 3.43
N ASN B 275 20.62 -17.10 3.55
CA ASN B 275 21.87 -17.49 4.19
C ASN B 275 22.22 -16.67 5.42
N LEU B 276 21.79 -15.41 5.49
CA LEU B 276 22.10 -14.58 6.65
C LEU B 276 20.82 -14.00 7.26
N ASP C 1 -36.86 1.28 14.95
CA ASP C 1 -36.09 2.04 15.93
C ASP C 1 -34.85 2.66 15.28
N ALA C 2 -34.19 3.55 16.03
CA ALA C 2 -32.98 4.20 15.55
C ALA C 2 -31.77 3.28 15.59
N TRP C 3 -31.91 2.06 16.10
CA TRP C 3 -30.81 1.10 16.11
C TRP C 3 -30.58 0.43 14.77
N GLU C 4 -31.53 0.53 13.84
CA GLU C 4 -31.43 -0.19 12.57
C GLU C 4 -30.50 0.54 11.60
N ILE C 5 -29.67 -0.23 10.90
CA ILE C 5 -28.73 0.30 9.94
C ILE C 5 -28.77 -0.54 8.67
N PRO C 6 -28.36 0.03 7.53
CA PRO C 6 -28.28 -0.76 6.30
C PRO C 6 -27.16 -1.79 6.39
N ARG C 7 -27.18 -2.70 5.41
CA ARG C 7 -26.25 -3.83 5.42
C ARG C 7 -24.88 -3.45 4.92
N GLU C 8 -24.81 -2.63 3.87
CA GLU C 8 -23.53 -2.28 3.25
C GLU C 8 -22.71 -1.31 4.09
N SER C 9 -23.24 -0.84 5.21
CA SER C 9 -22.48 0.04 6.10
C SER C 9 -21.53 -0.72 7.02
N LEU C 10 -21.50 -2.05 6.93
CA LEU C 10 -20.63 -2.87 7.77
C LEU C 10 -19.55 -3.53 6.93
N ARG C 11 -18.39 -3.75 7.55
CA ARG C 11 -17.24 -4.38 6.90
C ARG C 11 -16.63 -5.36 7.88
N LEU C 12 -16.88 -6.65 7.69
CA LEU C 12 -16.37 -7.69 8.57
C LEU C 12 -14.95 -8.04 8.15
N GLU C 13 -13.97 -7.72 9.01
CA GLU C 13 -12.55 -7.86 8.66
C GLU C 13 -12.00 -9.20 9.16
N VAL C 14 -11.83 -9.32 10.48
CA VAL C 14 -11.17 -10.47 11.09
C VAL C 14 -12.19 -11.28 11.87
N LYS C 15 -12.09 -12.61 11.77
CA LYS C 15 -12.92 -13.50 12.56
C LYS C 15 -12.31 -13.65 13.94
N LEU C 16 -13.04 -13.20 14.97
CA LEU C 16 -12.53 -13.24 16.33
C LEU C 16 -12.68 -14.63 16.95
N GLY C 17 -13.70 -15.37 16.54
CA GLY C 17 -13.91 -16.71 17.05
C GLY C 17 -15.40 -17.02 17.10
N GLN C 18 -15.73 -18.06 17.85
CA GLN C 18 -17.10 -18.52 18.03
C GLN C 18 -17.49 -18.19 19.47
N GLY C 19 -18.00 -16.98 19.67
CA GLY C 19 -18.34 -16.50 21.01
C GLY C 19 -19.62 -17.07 21.60
N CYS C 20 -20.15 -16.39 22.61
CA CYS C 20 -21.37 -16.83 23.28
C CYS C 20 -22.59 -16.52 22.42
N PHE C 21 -23.31 -17.56 22.03
CA PHE C 21 -24.50 -17.44 21.18
C PHE C 21 -24.22 -16.69 19.88
N GLY C 22 -23.02 -16.87 19.34
CA GLY C 22 -22.71 -16.28 18.05
C GLY C 22 -21.24 -16.48 17.71
N GLU C 23 -20.96 -16.37 16.42
CA GLU C 23 -19.59 -16.24 15.93
C GLU C 23 -19.34 -14.76 15.65
N VAL C 24 -18.23 -14.24 16.17
CA VAL C 24 -18.01 -12.81 16.28
C VAL C 24 -16.91 -12.38 15.34
N TRP C 25 -17.09 -11.22 14.71
CA TRP C 25 -16.14 -10.65 13.78
C TRP C 25 -15.74 -9.26 14.22
N MET C 26 -14.51 -8.87 13.88
CA MET C 26 -14.03 -7.51 14.08
C MET C 26 -14.17 -6.74 12.77
N GLY C 27 -14.71 -5.53 12.85
CA GLY C 27 -14.88 -4.74 11.65
C GLY C 27 -15.03 -3.26 11.96
N THR C 28 -15.37 -2.51 10.93
CA THR C 28 -15.62 -1.07 11.03
C THR C 28 -17.03 -0.77 10.55
N TRP C 29 -17.57 0.34 11.05
CA TRP C 29 -18.97 0.69 10.82
C TRP C 29 -19.10 1.66 9.65
N ASN C 30 -19.75 2.81 9.88
CA ASN C 30 -20.08 3.72 8.78
C ASN C 30 -18.83 4.23 8.09
N GLY C 31 -17.81 4.60 8.87
CA GLY C 31 -16.59 5.10 8.28
C GLY C 31 -15.34 4.48 8.89
N THR C 32 -15.05 4.83 10.16
CA THR C 32 -13.82 4.40 10.81
C THR C 32 -14.05 4.12 12.30
N THR C 33 -15.26 3.70 12.66
CA THR C 33 -15.62 3.58 14.07
C THR C 33 -14.92 2.39 14.73
N ARG C 34 -14.75 1.28 14.00
CA ARG C 34 -14.21 0.03 14.53
C ARG C 34 -15.19 -0.58 15.54
N VAL C 35 -15.74 -1.75 15.19
CA VAL C 35 -16.81 -2.38 15.94
C VAL C 35 -16.60 -3.90 15.96
N ALA C 36 -17.47 -4.60 16.68
CA ALA C 36 -17.53 -6.06 16.70
C ALA C 36 -18.89 -6.49 16.17
N ILE C 37 -18.91 -7.58 15.40
CA ILE C 37 -20.09 -8.02 14.67
C ILE C 37 -20.33 -9.50 14.95
N LYS C 38 -21.59 -9.85 15.20
CA LYS C 38 -22.01 -11.21 15.51
C LYS C 38 -23.09 -11.63 14.52
N THR C 39 -22.92 -12.80 13.91
CA THR C 39 -23.77 -13.23 12.81
C THR C 39 -24.80 -14.25 13.27
N LEU C 40 -25.67 -14.62 12.32
CA LEU C 40 -26.92 -15.29 12.64
C LEU C 40 -26.73 -16.71 13.17
N LYS C 41 -25.66 -17.39 12.77
CA LYS C 41 -25.54 -18.82 13.06
C LYS C 41 -24.54 -19.08 14.19
N PRO C 42 -25.00 -19.31 15.42
CA PRO C 42 -24.10 -19.83 16.46
C PRO C 42 -24.27 -21.33 16.60
N GLY C 43 -24.13 -22.03 15.48
CA GLY C 43 -24.66 -23.36 15.33
C GLY C 43 -25.75 -23.36 14.27
N THR C 44 -26.47 -24.47 14.19
CA THR C 44 -27.44 -24.65 13.13
C THR C 44 -28.83 -24.12 13.49
N MET C 45 -29.13 -23.91 14.77
CA MET C 45 -30.48 -23.57 15.20
C MET C 45 -30.45 -22.35 16.10
N SER C 46 -30.99 -21.23 15.58
CA SER C 46 -31.26 -19.99 16.32
C SER C 46 -31.83 -18.94 15.36
N PRO C 47 -33.10 -19.07 14.94
CA PRO C 47 -33.67 -18.06 14.03
C PRO C 47 -33.82 -16.71 14.71
N GLU C 48 -34.66 -16.66 15.74
CA GLU C 48 -34.73 -15.55 16.66
C GLU C 48 -34.39 -16.07 18.06
N ALA C 49 -34.54 -15.21 19.07
CA ALA C 49 -33.96 -15.36 20.41
C ALA C 49 -32.46 -15.10 20.33
N PHE C 50 -31.85 -15.39 19.18
CA PHE C 50 -30.57 -14.78 18.85
C PHE C 50 -30.71 -13.27 18.78
N LEU C 51 -31.84 -12.79 18.25
CA LEU C 51 -32.14 -11.37 18.23
C LEU C 51 -32.68 -10.87 19.57
N GLN C 52 -33.14 -11.78 20.43
CA GLN C 52 -33.57 -11.38 21.76
C GLN C 52 -32.43 -10.72 22.53
N GLU C 53 -31.21 -11.22 22.36
CA GLU C 53 -30.05 -10.58 22.97
C GLU C 53 -29.93 -9.14 22.50
N ALA C 54 -30.16 -8.90 21.20
CA ALA C 54 -30.15 -7.53 20.70
C ALA C 54 -31.28 -6.70 21.31
N GLN C 55 -32.45 -7.32 21.49
CA GLN C 55 -33.57 -6.60 22.10
C GLN C 55 -33.31 -6.31 23.57
N VAL C 56 -32.67 -7.26 24.27
CA VAL C 56 -32.35 -7.04 25.68
C VAL C 56 -31.31 -5.94 25.83
N MET C 57 -30.30 -5.94 24.94
CA MET C 57 -29.24 -4.93 25.02
C MET C 57 -29.73 -3.53 24.70
N LYS C 58 -30.89 -3.39 24.07
CA LYS C 58 -31.44 -2.06 23.82
C LYS C 58 -31.97 -1.42 25.10
N LYS C 59 -32.49 -2.22 26.03
CA LYS C 59 -33.03 -1.69 27.27
C LYS C 59 -31.96 -1.49 28.33
N LEU C 60 -30.79 -2.08 28.17
CA LEU C 60 -29.70 -1.95 29.13
C LEU C 60 -28.64 -1.01 28.59
N ARG C 61 -28.10 -0.17 29.48
CA ARG C 61 -27.04 0.76 29.10
C ARG C 61 -26.21 1.08 30.35
N HIS C 62 -24.95 0.66 30.34
CA HIS C 62 -24.05 0.89 31.45
C HIS C 62 -22.62 0.75 30.96
N GLU C 63 -21.71 1.51 31.58
CA GLU C 63 -20.32 1.51 31.14
C GLU C 63 -19.61 0.19 31.38
N LYS C 64 -20.17 -0.70 32.21
CA LYS C 64 -19.56 -2.00 32.47
C LYS C 64 -20.34 -3.14 31.81
N LEU C 65 -21.26 -2.82 30.91
CA LEU C 65 -21.89 -3.81 30.04
C LEU C 65 -21.49 -3.51 28.60
N VAL C 66 -21.22 -4.56 27.82
CA VAL C 66 -20.84 -4.38 26.43
C VAL C 66 -21.97 -3.66 25.70
N GLN C 67 -21.67 -2.47 25.19
CA GLN C 67 -22.70 -1.59 24.65
C GLN C 67 -22.97 -1.92 23.18
N LEU C 68 -24.25 -2.13 22.87
CA LEU C 68 -24.67 -2.38 21.50
C LEU C 68 -24.67 -1.08 20.71
N TYR C 69 -24.26 -1.16 19.45
CA TYR C 69 -24.20 0.00 18.56
C TYR C 69 -25.35 0.03 17.57
N ALA C 70 -25.62 -1.10 16.90
CA ALA C 70 -26.67 -1.17 15.90
C ALA C 70 -27.03 -2.63 15.66
N VAL C 71 -28.10 -2.82 14.89
CA VAL C 71 -28.60 -4.16 14.56
C VAL C 71 -29.13 -4.12 13.13
N VAL C 72 -28.82 -5.16 12.37
CA VAL C 72 -29.35 -5.34 11.02
C VAL C 72 -30.42 -6.42 11.12
N SER C 73 -31.68 -5.99 11.27
CA SER C 73 -32.76 -6.92 11.54
C SER C 73 -33.12 -7.74 10.31
N GLU C 74 -33.09 -7.12 9.13
CA GLU C 74 -33.39 -7.82 7.89
C GLU C 74 -32.52 -9.06 7.73
N GLU C 75 -33.10 -10.24 7.95
CA GLU C 75 -32.35 -11.49 7.86
C GLU C 75 -31.66 -11.59 6.50
N PRO C 76 -30.37 -11.93 6.43
CA PRO C 76 -29.47 -12.29 7.55
C PRO C 76 -29.06 -11.14 8.47
N ILE C 77 -28.80 -11.47 9.73
CA ILE C 77 -28.77 -10.51 10.83
C ILE C 77 -27.34 -10.22 11.24
N TYR C 78 -27.09 -8.97 11.63
CA TYR C 78 -25.86 -8.56 12.28
C TYR C 78 -26.20 -7.85 13.58
N ILE C 79 -25.41 -8.12 14.63
CA ILE C 79 -25.50 -7.42 15.90
C ILE C 79 -24.18 -6.72 16.14
N VAL C 80 -24.20 -5.40 16.19
CA VAL C 80 -22.99 -4.58 16.23
C VAL C 80 -22.85 -3.97 17.62
N THR C 81 -21.70 -4.19 18.25
CA THR C 81 -21.39 -3.65 19.57
C THR C 81 -20.02 -3.01 19.53
N GLU C 82 -19.62 -2.43 20.66
CA GLU C 82 -18.27 -1.91 20.80
C GLU C 82 -17.27 -3.05 20.77
N TYR C 83 -16.05 -2.75 20.33
CA TYR C 83 -14.99 -3.74 20.23
C TYR C 83 -14.18 -3.77 21.53
N MET C 84 -14.08 -4.97 22.11
CA MET C 84 -13.27 -5.18 23.32
C MET C 84 -11.93 -5.77 22.88
N SER C 85 -10.86 -4.98 23.02
CA SER C 85 -9.60 -5.27 22.35
C SER C 85 -8.87 -6.48 22.91
N LYS C 86 -9.12 -6.86 24.16
CA LYS C 86 -8.36 -7.94 24.79
C LYS C 86 -9.05 -9.29 24.76
N GLY C 87 -10.31 -9.35 24.36
CA GLY C 87 -11.01 -10.62 24.25
C GLY C 87 -11.68 -11.05 25.55
N SER C 88 -12.01 -12.33 25.60
CA SER C 88 -12.71 -12.89 26.75
C SER C 88 -11.79 -12.91 27.97
N LEU C 89 -12.39 -12.73 29.15
CA LEU C 89 -11.62 -12.71 30.39
C LEU C 89 -10.95 -14.05 30.64
N LEU C 90 -11.63 -15.14 30.29
CA LEU C 90 -11.05 -16.47 30.51
C LEU C 90 -9.77 -16.65 29.69
N ASP C 91 -9.80 -16.30 28.41
CA ASP C 91 -8.60 -16.37 27.60
C ASP C 91 -7.55 -15.39 28.09
N PHE C 92 -7.97 -14.21 28.56
CA PHE C 92 -7.03 -13.21 29.04
C PHE C 92 -6.29 -13.70 30.28
N LEU C 93 -6.99 -14.41 31.17
CA LEU C 93 -6.35 -14.91 32.39
C LEU C 93 -5.38 -16.04 32.10
N LYS C 94 -5.71 -16.90 31.15
CA LYS C 94 -4.85 -18.03 30.80
C LYS C 94 -3.67 -17.63 29.94
N GLY C 95 -3.72 -16.47 29.29
CA GLY C 95 -2.72 -16.07 28.32
C GLY C 95 -1.46 -15.49 28.94
N GLU C 96 -0.69 -14.79 28.09
CA GLU C 96 0.60 -14.27 28.52
C GLU C 96 0.45 -13.16 29.55
N THR C 97 -0.52 -12.27 29.36
CA THR C 97 -0.71 -11.18 30.31
C THR C 97 -1.17 -11.67 31.68
N GLY C 98 -1.79 -12.85 31.74
CA GLY C 98 -2.34 -13.34 32.98
C GLY C 98 -1.29 -13.62 34.05
N LYS C 99 -0.06 -13.90 33.65
CA LYS C 99 0.97 -14.21 34.63
C LYS C 99 1.48 -12.97 35.35
N TYR C 100 1.21 -11.78 34.81
CA TYR C 100 1.61 -10.54 35.46
C TYR C 100 0.50 -9.92 36.29
N LEU C 101 -0.73 -10.38 36.13
CA LEU C 101 -1.83 -9.86 36.93
C LEU C 101 -1.67 -10.29 38.39
N ARG C 102 -1.70 -9.31 39.29
CA ARG C 102 -1.66 -9.56 40.72
C ARG C 102 -3.03 -9.25 41.33
N LEU C 103 -3.13 -9.43 42.63
CA LEU C 103 -4.40 -9.19 43.31
C LEU C 103 -4.93 -7.77 43.13
N PRO C 104 -4.12 -6.71 43.18
CA PRO C 104 -4.68 -5.38 42.91
C PRO C 104 -5.34 -5.25 41.54
N GLN C 105 -4.82 -5.93 40.52
CA GLN C 105 -5.47 -5.90 39.22
C GLN C 105 -6.70 -6.80 39.18
N LEU C 106 -6.59 -8.01 39.74
CA LEU C 106 -7.70 -8.96 39.69
C LEU C 106 -8.89 -8.47 40.53
N VAL C 107 -8.61 -7.86 41.68
CA VAL C 107 -9.70 -7.35 42.52
C VAL C 107 -10.38 -6.16 41.84
N ASP C 108 -9.61 -5.33 41.13
CA ASP C 108 -10.21 -4.22 40.39
C ASP C 108 -11.10 -4.72 39.27
N MET C 109 -10.68 -5.79 38.57
CA MET C 109 -11.50 -6.35 37.51
C MET C 109 -12.80 -6.94 38.06
N ALA C 110 -12.73 -7.59 39.22
CA ALA C 110 -13.95 -8.09 39.85
C ALA C 110 -14.84 -6.95 40.30
N ALA C 111 -14.25 -5.83 40.74
CA ALA C 111 -15.05 -4.68 41.15
C ALA C 111 -15.81 -4.08 39.97
N GLN C 112 -15.20 -4.09 38.78
CA GLN C 112 -15.90 -3.61 37.60
C GLN C 112 -17.09 -4.51 37.25
N ILE C 113 -16.85 -5.83 37.25
CA ILE C 113 -17.93 -6.78 36.97
C ILE C 113 -19.04 -6.65 38.00
N ALA C 114 -18.66 -6.51 39.27
CA ALA C 114 -19.66 -6.30 40.31
C ALA C 114 -20.46 -5.03 40.06
N SER C 115 -19.80 -3.98 39.56
CA SER C 115 -20.52 -2.77 39.19
C SER C 115 -21.45 -3.00 38.01
N GLY C 116 -21.01 -3.80 37.03
CA GLY C 116 -21.87 -4.14 35.91
C GLY C 116 -23.08 -4.96 36.34
N MET C 117 -22.88 -5.90 37.25
CA MET C 117 -24.00 -6.69 37.77
C MET C 117 -24.85 -5.92 38.77
N ALA C 118 -24.28 -4.87 39.39
CA ALA C 118 -25.09 -4.01 40.26
C ALA C 118 -26.13 -3.25 39.44
N TYR C 119 -25.77 -2.85 38.21
CA TYR C 119 -26.75 -2.25 37.32
C TYR C 119 -27.84 -3.24 36.95
N VAL C 120 -27.45 -4.48 36.62
CA VAL C 120 -28.43 -5.54 36.38
C VAL C 120 -29.32 -5.74 37.60
N GLU C 121 -28.73 -5.65 38.79
CA GLU C 121 -29.51 -5.84 40.02
C GLU C 121 -30.49 -4.70 40.23
N ARG C 122 -30.06 -3.46 39.98
CA ARG C 122 -30.96 -2.31 40.14
C ARG C 122 -32.06 -2.32 39.09
N MET C 123 -31.74 -2.74 37.86
CA MET C 123 -32.72 -2.77 36.78
C MET C 123 -33.70 -3.94 36.90
N ASN C 124 -33.59 -4.75 37.95
CA ASN C 124 -34.46 -5.91 38.16
C ASN C 124 -34.34 -6.90 37.02
N TYR C 125 -33.10 -7.31 36.75
CA TYR C 125 -32.81 -8.31 35.72
C TYR C 125 -32.00 -9.45 36.33
N VAL C 126 -32.02 -10.59 35.64
CA VAL C 126 -31.21 -11.74 35.99
C VAL C 126 -30.36 -12.11 34.77
N HIS C 127 -29.11 -12.50 35.02
CA HIS C 127 -28.19 -12.78 33.93
C HIS C 127 -28.20 -14.26 33.53
N ARG C 128 -28.05 -15.15 34.51
CA ARG C 128 -28.14 -16.61 34.43
C ARG C 128 -26.88 -17.27 33.87
N ASP C 129 -25.95 -16.53 33.28
CA ASP C 129 -24.78 -17.13 32.65
C ASP C 129 -23.53 -16.30 32.96
N LEU C 130 -23.33 -15.98 34.24
CA LEU C 130 -22.19 -15.18 34.67
C LEU C 130 -20.99 -16.08 34.91
N ARG C 131 -19.91 -15.83 34.18
CA ARG C 131 -18.67 -16.57 34.29
C ARG C 131 -17.60 -15.80 33.52
N ALA C 132 -16.34 -16.19 33.72
CA ALA C 132 -15.24 -15.47 33.10
C ALA C 132 -15.27 -15.57 31.58
N ALA C 133 -15.85 -16.65 31.04
CA ALA C 133 -15.94 -16.80 29.59
C ALA C 133 -16.92 -15.80 28.97
N ASN C 134 -17.83 -15.25 29.76
CA ASN C 134 -18.80 -14.28 29.28
C ASN C 134 -18.47 -12.86 29.74
N ILE C 135 -17.21 -12.61 30.11
CA ILE C 135 -16.73 -11.28 30.44
C ILE C 135 -15.70 -10.88 29.39
N LEU C 136 -15.84 -9.68 28.84
CA LEU C 136 -14.94 -9.18 27.81
C LEU C 136 -14.03 -8.11 28.40
N VAL C 137 -12.79 -8.08 27.92
CA VAL C 137 -11.76 -7.17 28.42
C VAL C 137 -11.34 -6.24 27.31
N GLY C 138 -11.20 -4.95 27.65
CA GLY C 138 -10.72 -3.96 26.70
C GLY C 138 -9.41 -3.36 27.13
N GLU C 139 -9.08 -2.18 26.61
CA GLU C 139 -7.87 -1.50 27.01
C GLU C 139 -8.00 -1.00 28.45
N ASN C 140 -6.84 -0.79 29.09
CA ASN C 140 -6.76 -0.31 30.46
C ASN C 140 -7.46 -1.24 31.44
N LEU C 141 -7.40 -2.55 31.16
CA LEU C 141 -7.97 -3.59 32.03
C LEU C 141 -9.46 -3.39 32.29
N VAL C 142 -10.16 -2.75 31.36
CA VAL C 142 -11.59 -2.52 31.51
C VAL C 142 -12.33 -3.83 31.25
N CYS C 143 -13.15 -4.25 32.20
CA CYS C 143 -13.94 -5.46 32.09
C CYS C 143 -15.42 -5.10 31.96
N LYS C 144 -16.11 -5.81 31.06
CA LYS C 144 -17.52 -5.57 30.80
C LYS C 144 -18.25 -6.89 30.71
N VAL C 145 -19.48 -6.91 31.23
CA VAL C 145 -20.32 -8.10 31.20
C VAL C 145 -20.98 -8.23 29.83
N ALA C 146 -21.03 -9.45 29.32
CA ALA C 146 -21.64 -9.73 28.02
C ALA C 146 -22.62 -10.88 28.19
N ASP C 147 -23.06 -11.46 27.08
CA ASP C 147 -23.95 -12.63 27.03
C ASP C 147 -25.27 -12.34 27.75
N PHE C 148 -26.11 -11.56 27.05
CA PHE C 148 -27.43 -11.21 27.53
C PHE C 148 -28.52 -12.02 26.83
N GLY C 149 -28.17 -13.16 26.24
CA GLY C 149 -29.17 -13.95 25.54
C GLY C 149 -30.21 -14.55 26.48
N LEU C 150 -29.75 -15.21 27.54
CA LEU C 150 -30.64 -15.83 28.51
C LEU C 150 -31.02 -14.88 29.64
N ALA C 151 -30.74 -13.59 29.50
CA ALA C 151 -31.04 -12.63 30.56
C ALA C 151 -32.51 -12.22 30.51
N ARG C 152 -33.19 -12.32 31.66
CA ARG C 152 -34.61 -11.97 31.74
C ARG C 152 -34.89 -11.03 32.91
N LEU C 153 -36.17 -10.78 33.16
CA LEU C 153 -36.60 -9.75 34.09
C LEU C 153 -36.90 -10.32 35.47
N ILE C 154 -36.90 -9.43 36.46
CA ILE C 154 -37.26 -9.79 37.83
C ILE C 154 -38.69 -9.34 38.14
N ALA C 165 -30.85 -23.20 27.18
CA ALA C 165 -31.49 -23.90 28.29
C ALA C 165 -30.45 -24.56 29.19
N LYS C 166 -29.26 -24.80 28.63
CA LYS C 166 -28.18 -25.41 29.39
C LYS C 166 -27.56 -24.41 30.35
N PHE C 167 -27.21 -24.89 31.55
CA PHE C 167 -26.54 -24.07 32.55
C PHE C 167 -25.46 -24.92 33.20
N PRO C 168 -24.21 -24.45 33.22
CA PRO C 168 -23.14 -25.25 33.82
C PRO C 168 -23.32 -25.35 35.33
N ILE C 169 -23.27 -26.58 35.84
CA ILE C 169 -23.49 -26.82 37.26
C ILE C 169 -22.40 -26.16 38.09
N LYS C 170 -21.16 -26.16 37.58
CA LYS C 170 -20.04 -25.63 38.36
C LYS C 170 -20.14 -24.12 38.58
N TRP C 171 -20.90 -23.42 37.74
CA TRP C 171 -21.10 -21.98 37.92
C TRP C 171 -22.50 -21.61 38.41
N THR C 172 -23.48 -22.51 38.28
CA THR C 172 -24.85 -22.21 38.63
C THR C 172 -25.13 -22.54 40.09
N ALA C 173 -25.85 -21.65 40.76
CA ALA C 173 -26.25 -21.90 42.13
C ALA C 173 -27.09 -23.17 42.22
N PRO C 174 -26.99 -23.92 43.31
CA PRO C 174 -27.68 -25.23 43.37
C PRO C 174 -29.20 -25.13 43.31
N GLU C 175 -29.80 -24.09 43.88
CA GLU C 175 -31.25 -23.97 43.83
C GLU C 175 -31.74 -23.62 42.43
N ALA C 176 -30.89 -23.06 41.58
CA ALA C 176 -31.26 -22.77 40.20
C ALA C 176 -31.03 -23.97 39.28
N ALA C 177 -29.95 -24.72 39.51
CA ALA C 177 -29.69 -25.89 38.69
C ALA C 177 -30.72 -26.99 38.95
N LEU C 178 -31.15 -27.14 40.20
CA LEU C 178 -32.08 -28.21 40.54
C LEU C 178 -33.53 -27.79 40.29
N TYR C 179 -33.91 -26.61 40.79
CA TYR C 179 -35.31 -26.21 40.84
C TYR C 179 -35.67 -25.10 39.86
N GLY C 180 -34.70 -24.51 39.18
CA GLY C 180 -34.97 -23.44 38.24
C GLY C 180 -35.15 -22.08 38.86
N ARG C 181 -34.80 -21.90 40.13
CA ARG C 181 -34.93 -20.62 40.82
C ARG C 181 -33.75 -19.73 40.44
N PHE C 182 -33.90 -19.05 39.30
CA PHE C 182 -32.88 -18.12 38.82
C PHE C 182 -33.23 -16.71 39.30
N THR C 183 -32.48 -16.22 40.28
CA THR C 183 -32.63 -14.88 40.81
C THR C 183 -31.30 -14.13 40.68
N ILE C 184 -31.28 -12.89 41.16
CA ILE C 184 -30.04 -12.15 41.24
C ILE C 184 -29.10 -12.78 42.26
N LYS C 185 -29.64 -13.52 43.23
CA LYS C 185 -28.79 -14.18 44.22
C LYS C 185 -28.08 -15.39 43.65
N SER C 186 -28.66 -16.02 42.62
CA SER C 186 -27.92 -17.08 41.93
C SER C 186 -26.81 -16.50 41.07
N ASP C 187 -26.99 -15.28 40.56
CA ASP C 187 -25.89 -14.59 39.89
C ASP C 187 -24.76 -14.27 40.86
N VAL C 188 -25.09 -14.04 42.13
CA VAL C 188 -24.06 -13.77 43.14
C VAL C 188 -23.26 -15.05 43.42
N TRP C 189 -23.92 -16.21 43.39
CA TRP C 189 -23.19 -17.48 43.48
C TRP C 189 -22.20 -17.62 42.33
N SER C 190 -22.66 -17.33 41.11
CA SER C 190 -21.78 -17.42 39.94
C SER C 190 -20.63 -16.42 40.06
N PHE C 191 -20.90 -15.25 40.64
CA PHE C 191 -19.83 -14.26 40.84
C PHE C 191 -18.77 -14.79 41.80
N GLY C 192 -19.20 -15.51 42.84
CA GLY C 192 -18.23 -16.14 43.73
C GLY C 192 -17.38 -17.17 43.03
N ILE C 193 -17.98 -17.93 42.11
CA ILE C 193 -17.20 -18.86 41.29
C ILE C 193 -16.24 -18.09 40.38
N LEU C 194 -16.70 -16.97 39.83
CA LEU C 194 -15.85 -16.15 38.98
C LEU C 194 -14.67 -15.59 39.75
N LEU C 195 -14.84 -15.32 41.05
CA LEU C 195 -13.73 -14.86 41.86
C LEU C 195 -12.63 -15.92 41.97
N THR C 196 -13.00 -17.19 41.95
CA THR C 196 -11.99 -18.25 41.96
C THR C 196 -11.29 -18.36 40.62
N GLU C 197 -11.99 -18.03 39.52
CA GLU C 197 -11.34 -17.99 38.22
C GLU C 197 -10.29 -16.90 38.16
N LEU C 198 -10.58 -15.74 38.78
CA LEU C 198 -9.60 -14.65 38.79
C LEU C 198 -8.38 -15.03 39.63
N THR C 199 -8.60 -15.57 40.82
CA THR C 199 -7.50 -15.85 41.74
C THR C 199 -6.70 -17.10 41.39
N THR C 200 -7.18 -17.93 40.46
CA THR C 200 -6.44 -19.08 39.98
C THR C 200 -5.93 -18.90 38.56
N LYS C 201 -6.08 -17.69 38.00
CA LYS C 201 -5.69 -17.39 36.61
C LYS C 201 -6.48 -18.26 35.62
N GLY C 202 -7.77 -18.41 35.86
CA GLY C 202 -8.65 -19.05 34.91
C GLY C 202 -8.75 -20.56 34.97
N ARG C 203 -8.31 -21.17 36.07
CA ARG C 203 -8.48 -22.61 36.22
C ARG C 203 -9.95 -22.95 36.39
N VAL C 204 -10.33 -24.11 35.90
CA VAL C 204 -11.73 -24.57 36.01
C VAL C 204 -12.05 -24.83 37.48
N PRO C 205 -13.20 -24.38 37.98
CA PRO C 205 -13.54 -24.63 39.38
C PRO C 205 -13.79 -26.11 39.64
N TYR C 206 -13.63 -26.49 40.91
CA TYR C 206 -13.76 -27.87 41.38
C TYR C 206 -12.89 -28.80 40.56
N PRO C 207 -11.56 -28.67 40.65
CA PRO C 207 -10.68 -29.50 39.80
C PRO C 207 -10.77 -30.97 40.15
N GLY C 208 -10.90 -31.81 39.12
CA GLY C 208 -11.00 -33.24 39.31
C GLY C 208 -12.41 -33.78 39.49
N MET C 209 -13.40 -32.91 39.60
CA MET C 209 -14.78 -33.29 39.83
C MET C 209 -15.63 -33.08 38.58
N VAL C 210 -16.54 -34.01 38.33
CA VAL C 210 -17.50 -33.88 37.24
C VAL C 210 -18.77 -33.22 37.79
N ASN C 211 -19.72 -32.93 36.89
CA ASN C 211 -20.91 -32.19 37.30
C ASN C 211 -21.70 -32.92 38.39
N ARG C 212 -21.91 -34.23 38.21
CA ARG C 212 -22.66 -35.00 39.19
C ARG C 212 -21.99 -34.96 40.56
N GLU C 213 -20.66 -35.05 40.59
CA GLU C 213 -19.95 -34.98 41.87
C GLU C 213 -19.96 -33.57 42.45
N VAL C 214 -20.01 -32.55 41.59
CA VAL C 214 -20.11 -31.18 42.10
C VAL C 214 -21.48 -30.93 42.70
N LEU C 215 -22.54 -31.41 42.03
CA LEU C 215 -23.90 -31.19 42.52
C LEU C 215 -24.11 -31.85 43.89
N ASP C 216 -23.59 -33.06 44.07
CA ASP C 216 -23.72 -33.74 45.35
C ASP C 216 -22.88 -33.08 46.42
N GLN C 217 -21.61 -32.78 46.12
CA GLN C 217 -20.73 -32.15 47.10
C GLN C 217 -21.26 -30.79 47.52
N VAL C 218 -21.73 -29.98 46.56
CA VAL C 218 -22.24 -28.66 46.90
C VAL C 218 -23.46 -28.77 47.80
N GLU C 219 -24.35 -29.74 47.52
CA GLU C 219 -25.51 -29.93 48.37
C GLU C 219 -25.11 -30.47 49.74
N ARG C 220 -24.07 -31.30 49.81
CA ARG C 220 -23.54 -31.72 51.10
C ARG C 220 -22.95 -30.56 51.90
N GLY C 221 -22.71 -29.41 51.26
CA GLY C 221 -22.07 -28.29 51.90
C GLY C 221 -20.63 -28.06 51.52
N TYR C 222 -20.10 -28.79 50.55
CA TYR C 222 -18.72 -28.60 50.14
C TYR C 222 -18.56 -27.27 49.40
N ARG C 223 -17.50 -26.55 49.72
CA ARG C 223 -17.12 -25.33 49.04
C ARG C 223 -15.64 -25.41 48.67
N MET C 224 -15.28 -24.75 47.58
CA MET C 224 -13.88 -24.75 47.17
C MET C 224 -13.03 -24.05 48.23
N PRO C 225 -11.84 -24.57 48.51
CA PRO C 225 -11.00 -23.96 49.57
C PRO C 225 -10.43 -22.63 49.13
N CYS C 226 -9.68 -21.98 50.02
CA CYS C 226 -9.03 -20.73 49.68
C CYS C 226 -7.91 -20.99 48.67
N PRO C 227 -7.94 -20.38 47.49
CA PRO C 227 -6.88 -20.60 46.50
C PRO C 227 -5.54 -20.16 47.02
N PRO C 228 -4.44 -20.69 46.47
CA PRO C 228 -3.11 -20.32 46.98
C PRO C 228 -2.83 -18.83 46.81
N GLU C 229 -2.21 -18.25 47.83
CA GLU C 229 -1.84 -16.84 47.86
C GLU C 229 -3.04 -15.91 47.94
N CYS C 230 -4.25 -16.47 47.90
CA CYS C 230 -5.44 -15.64 48.01
C CYS C 230 -5.68 -15.30 49.49
N PRO C 231 -5.93 -14.04 49.83
CA PRO C 231 -6.20 -13.70 51.23
C PRO C 231 -7.49 -14.34 51.71
N GLU C 232 -7.52 -14.66 53.00
CA GLU C 232 -8.70 -15.31 53.57
C GLU C 232 -9.91 -14.38 53.57
N SER C 233 -9.69 -13.07 53.61
CA SER C 233 -10.80 -12.12 53.57
C SER C 233 -11.50 -12.13 52.22
N LEU C 234 -10.76 -12.44 51.14
CA LEU C 234 -11.39 -12.61 49.84
C LEU C 234 -12.05 -13.99 49.72
N HIS C 235 -11.47 -15.01 50.36
CA HIS C 235 -12.11 -16.32 50.41
C HIS C 235 -13.41 -16.26 51.21
N ASP C 236 -13.45 -15.44 52.26
CA ASP C 236 -14.68 -15.24 53.01
C ASP C 236 -15.78 -14.68 52.12
N LEU C 237 -15.42 -13.76 51.22
CA LEU C 237 -16.41 -13.19 50.32
C LEU C 237 -16.97 -14.24 49.36
N MET C 238 -16.13 -15.19 48.94
CA MET C 238 -16.62 -16.28 48.10
C MET C 238 -17.62 -17.14 48.85
N CYS C 239 -17.31 -17.48 50.10
CA CYS C 239 -18.21 -18.32 50.88
C CYS C 239 -19.54 -17.63 51.15
N GLN C 240 -19.50 -16.31 51.34
CA GLN C 240 -20.75 -15.56 51.46
C GLN C 240 -21.56 -15.65 50.18
N CYS C 241 -20.90 -15.54 49.03
CA CYS C 241 -21.58 -15.73 47.75
C CYS C 241 -22.09 -17.16 47.59
N TRP C 242 -21.56 -18.12 48.35
CA TRP C 242 -21.93 -19.52 48.24
C TRP C 242 -22.81 -19.99 49.41
N ARG C 243 -23.47 -19.06 50.10
CA ARG C 243 -24.36 -19.47 51.18
C ARG C 243 -25.53 -20.27 50.62
N LYS C 244 -25.92 -21.32 51.34
CA LYS C 244 -26.99 -22.20 50.88
C LYS C 244 -28.29 -21.44 50.69
N GLU C 245 -28.61 -20.54 51.61
CA GLU C 245 -29.81 -19.72 51.49
C GLU C 245 -29.54 -18.54 50.58
N PRO C 246 -30.30 -18.37 49.48
CA PRO C 246 -30.00 -17.26 48.56
C PRO C 246 -30.16 -15.88 49.18
N GLU C 247 -31.18 -15.69 50.03
CA GLU C 247 -31.42 -14.37 50.59
C GLU C 247 -30.34 -13.92 51.55
N GLU C 248 -29.51 -14.84 52.04
CA GLU C 248 -28.38 -14.48 52.89
C GLU C 248 -27.10 -14.23 52.09
N ARG C 249 -27.12 -14.44 50.79
CA ARG C 249 -26.00 -14.08 49.94
C ARG C 249 -25.99 -12.56 49.72
N PRO C 250 -24.82 -11.95 49.64
CA PRO C 250 -24.74 -10.49 49.56
C PRO C 250 -25.28 -9.95 48.24
N THR C 251 -25.49 -8.65 48.22
CA THR C 251 -25.93 -7.94 47.02
C THR C 251 -24.72 -7.52 46.18
N PHE C 252 -24.98 -7.18 44.93
CA PHE C 252 -23.91 -6.71 44.06
C PHE C 252 -23.47 -5.30 44.44
N GLU C 253 -24.38 -4.48 44.95
CA GLU C 253 -23.99 -3.19 45.50
C GLU C 253 -22.98 -3.36 46.62
N TYR C 254 -23.21 -4.32 47.51
CA TYR C 254 -22.26 -4.59 48.58
C TYR C 254 -20.96 -5.17 48.03
N LEU C 255 -21.06 -6.06 47.03
CA LEU C 255 -19.86 -6.64 46.44
C LEU C 255 -19.01 -5.57 45.76
N GLN C 256 -19.65 -4.68 45.02
CA GLN C 256 -18.91 -3.62 44.32
C GLN C 256 -18.15 -2.75 45.31
N ALA C 257 -18.84 -2.24 46.33
CA ALA C 257 -18.19 -1.36 47.31
C ALA C 257 -17.10 -2.07 48.09
N PHE C 258 -17.29 -3.36 48.38
CA PHE C 258 -16.27 -4.11 49.11
C PHE C 258 -15.00 -4.27 48.30
N LEU C 259 -15.13 -4.60 47.01
CA LEU C 259 -13.95 -4.83 46.17
C LEU C 259 -13.24 -3.52 45.85
N GLU C 260 -13.98 -2.42 45.75
CA GLU C 260 -13.35 -1.13 45.45
C GLU C 260 -12.47 -0.66 46.59
N ASP C 261 -12.89 -0.91 47.84
CA ASP C 261 -12.14 -0.47 49.02
C ASP C 261 -11.28 -1.59 49.61
N TYR C 262 -11.07 -2.67 48.87
CA TYR C 262 -10.51 -3.89 49.46
C TYR C 262 -9.13 -3.66 50.07
N PHE C 263 -8.27 -2.90 49.39
CA PHE C 263 -6.90 -2.74 49.84
C PHE C 263 -6.71 -1.61 50.84
N THR C 264 -7.77 -0.88 51.17
CA THR C 264 -7.73 0.10 52.25
C THR C 264 -8.49 -0.37 53.48
N SER C 265 -9.70 -0.90 53.30
CA SER C 265 -10.56 -1.27 54.42
C SER C 265 -10.37 -2.70 54.89
N THR C 266 -9.98 -3.61 54.00
CA THR C 266 -9.97 -5.04 54.31
C THR C 266 -8.58 -5.65 54.39
N GLU C 267 -7.69 -5.32 53.46
CA GLU C 267 -6.31 -5.82 53.46
C GLU C 267 -5.34 -4.65 53.29
N PRO C 268 -5.21 -3.80 54.32
CA PRO C 268 -4.27 -2.67 54.20
C PRO C 268 -2.81 -3.07 54.32
N GLN C 269 -2.52 -4.26 54.84
CA GLN C 269 -1.16 -4.78 54.94
C GLN C 269 -0.84 -5.76 53.83
N TYR C 270 -1.49 -5.60 52.67
CA TYR C 270 -1.25 -6.50 51.55
C TYR C 270 0.16 -6.36 51.02
N GLN C 271 0.78 -7.50 50.71
CA GLN C 271 2.12 -7.54 50.14
C GLN C 271 2.09 -8.42 48.90
N PRO C 272 2.66 -7.97 47.78
CA PRO C 272 2.64 -8.79 46.56
C PRO C 272 3.43 -10.08 46.76
N GLY C 273 2.85 -11.19 46.27
CA GLY C 273 3.47 -12.49 46.33
C GLY C 273 4.01 -12.94 44.98
N GLU C 274 4.26 -14.24 44.89
CA GLU C 274 4.80 -14.79 43.65
C GLU C 274 3.78 -14.76 42.52
N ASN C 275 2.51 -15.02 42.83
CA ASN C 275 1.46 -15.06 41.82
C ASN C 275 0.30 -14.11 42.10
N LEU C 276 0.05 -13.77 43.37
CA LEU C 276 -1.04 -12.84 43.69
C LEU C 276 -0.52 -11.64 44.49
N ASP D 1 -3.50 24.33 3.64
CA ASP D 1 -2.90 25.22 4.63
C ASP D 1 -1.65 25.90 4.07
N ALA D 2 -0.98 26.68 4.92
CA ALA D 2 0.23 27.38 4.50
C ALA D 2 1.47 26.50 4.51
N TRP D 3 1.36 25.25 4.98
CA TRP D 3 2.50 24.35 4.99
C TRP D 3 2.75 23.72 3.62
N GLU D 4 1.77 23.76 2.72
CA GLU D 4 1.88 23.06 1.44
C GLU D 4 2.83 23.78 0.50
N ILE D 5 3.67 23.01 -0.19
CA ILE D 5 4.62 23.54 -1.16
C ILE D 5 4.63 22.64 -2.38
N PRO D 6 5.03 23.18 -3.54
CA PRO D 6 5.11 22.36 -4.74
C PRO D 6 6.19 21.29 -4.63
N ARG D 7 6.17 20.37 -5.60
CA ARG D 7 7.10 19.25 -5.60
C ARG D 7 8.49 19.68 -6.04
N GLU D 8 8.59 20.40 -7.15
CA GLU D 8 9.88 20.75 -7.74
C GLU D 8 10.65 21.79 -6.93
N SER D 9 10.11 22.25 -5.81
CA SER D 9 10.83 23.18 -4.95
C SER D 9 11.88 22.51 -4.09
N LEU D 10 11.87 21.17 -4.01
CA LEU D 10 12.80 20.42 -3.20
C LEU D 10 13.75 19.61 -4.07
N ARG D 11 14.98 19.47 -3.61
CA ARG D 11 15.97 18.59 -4.24
C ARG D 11 16.57 17.70 -3.17
N LEU D 12 16.40 16.39 -3.32
CA LEU D 12 16.93 15.42 -2.37
C LEU D 12 18.33 15.01 -2.80
N GLU D 13 19.33 15.33 -1.97
CA GLU D 13 20.73 15.17 -2.35
C GLU D 13 21.30 13.85 -1.85
N VAL D 14 21.54 13.75 -0.55
CA VAL D 14 22.17 12.57 0.05
C VAL D 14 21.15 11.89 0.95
N LYS D 15 21.11 10.57 0.89
CA LYS D 15 20.20 9.79 1.73
C LYS D 15 20.81 9.64 3.12
N LEU D 16 20.14 10.22 4.12
CA LEU D 16 20.65 10.16 5.48
C LEU D 16 20.49 8.77 6.08
N GLY D 17 19.52 7.99 5.60
CA GLY D 17 19.32 6.63 6.04
C GLY D 17 17.86 6.36 6.30
N GLN D 18 17.61 5.21 6.94
CA GLN D 18 16.25 4.81 7.30
CA GLN D 18 16.25 4.81 7.30
C GLN D 18 15.90 5.44 8.65
N GLY D 19 14.95 6.36 8.64
CA GLY D 19 14.52 7.01 9.87
C GLY D 19 13.31 6.35 10.49
N CYS D 20 12.76 6.99 11.51
CA CYS D 20 11.55 6.49 12.18
C CYS D 20 10.35 6.68 11.24
N PHE D 21 9.81 5.56 10.78
CA PHE D 21 8.66 5.55 9.87
C PHE D 21 8.90 6.31 8.56
N GLY D 22 10.11 6.23 8.00
CA GLY D 22 10.34 6.87 6.73
C GLY D 22 11.80 6.86 6.36
N GLU D 23 12.03 7.22 5.10
CA GLU D 23 13.36 7.38 4.52
C GLU D 23 13.71 8.86 4.55
N VAL D 24 14.78 9.20 5.25
CA VAL D 24 15.17 10.59 5.45
C VAL D 24 16.30 10.95 4.49
N TRP D 25 16.13 12.07 3.78
CA TRP D 25 17.13 12.59 2.87
C TRP D 25 17.56 13.97 3.32
N MET D 26 18.79 14.34 2.97
CA MET D 26 19.28 15.70 3.14
C MET D 26 19.15 16.43 1.82
N GLY D 27 18.57 17.63 1.86
CA GLY D 27 18.39 18.38 0.65
C GLY D 27 18.24 19.85 0.93
N THR D 28 17.86 20.59 -0.10
CA THR D 28 17.62 22.02 -0.02
C THR D 28 16.21 22.33 -0.51
N TRP D 29 15.63 23.37 0.09
CA TRP D 29 14.24 23.73 -0.11
C TRP D 29 14.17 25.13 -0.71
N ASN D 30 13.35 25.28 -1.75
CA ASN D 30 13.30 26.50 -2.55
C ASN D 30 14.71 26.87 -3.01
N GLY D 31 15.27 27.93 -2.44
CA GLY D 31 16.58 28.40 -2.85
C GLY D 31 17.73 27.64 -2.25
N THR D 32 18.08 27.96 -1.00
CA THR D 32 19.28 27.41 -0.39
C THR D 32 19.07 27.19 1.11
N THR D 33 17.88 26.72 1.49
CA THR D 33 17.51 26.66 2.91
C THR D 33 18.21 25.51 3.63
N ARG D 34 18.47 24.40 2.92
CA ARG D 34 19.09 23.20 3.48
C ARG D 34 18.16 22.57 4.51
N VAL D 35 17.66 21.37 4.21
CA VAL D 35 16.57 20.77 4.97
C VAL D 35 16.75 19.26 4.99
N ALA D 36 15.87 18.59 5.74
CA ALA D 36 15.75 17.14 5.74
C ALA D 36 14.36 16.76 5.25
N ILE D 37 14.31 15.74 4.39
CA ILE D 37 13.07 15.32 3.74
C ILE D 37 12.84 13.85 4.05
N LYS D 38 11.63 13.51 4.47
CA LYS D 38 11.24 12.13 4.73
C LYS D 38 10.22 11.68 3.69
N THR D 39 10.42 10.49 3.15
CA THR D 39 9.55 9.93 2.11
C THR D 39 8.80 8.71 2.63
N LEU D 40 7.80 8.29 1.86
CA LEU D 40 6.89 7.23 2.26
C LEU D 40 7.07 6.01 1.35
N LYS D 41 6.95 4.82 1.97
CA LYS D 41 7.15 3.43 1.52
C LYS D 41 8.03 2.70 2.53
N PRO D 42 9.10 3.32 3.04
CA PRO D 42 9.79 2.74 4.20
C PRO D 42 8.91 2.78 5.44
N GLY D 43 9.33 2.00 6.43
CA GLY D 43 8.54 1.84 7.64
C GLY D 43 7.35 0.94 7.38
N THR D 44 6.58 0.72 8.45
CA THR D 44 5.37 -0.09 8.32
C THR D 44 4.39 0.59 7.39
N MET D 45 3.95 -0.15 6.37
CA MET D 45 3.22 0.37 5.22
C MET D 45 2.21 1.46 5.56
N SER D 46 2.67 2.70 5.65
CA SER D 46 1.77 3.79 5.92
C SER D 46 1.11 4.28 4.62
N PRO D 47 -0.09 4.82 4.72
CA PRO D 47 -0.67 5.52 3.58
C PRO D 47 -0.86 7.00 3.88
N GLU D 48 -2.02 7.35 4.42
CA GLU D 48 -2.23 8.65 5.06
C GLU D 48 -1.82 8.63 6.53
N ALA D 49 -1.41 7.47 7.06
CA ALA D 49 -0.83 7.43 8.39
C ALA D 49 0.57 8.04 8.41
N PHE D 50 1.27 8.02 7.28
N PHE D 50 1.26 8.04 7.27
CA PHE D 50 2.56 8.70 7.17
CA PHE D 50 2.56 8.70 7.17
C PHE D 50 2.41 10.19 7.47
C PHE D 50 2.42 10.20 7.45
N LEU D 51 1.33 10.81 6.99
CA LEU D 51 1.09 12.22 7.21
C LEU D 51 0.59 12.53 8.61
N GLN D 52 0.20 11.53 9.40
CA GLN D 52 -0.25 11.80 10.75
C GLN D 52 0.87 12.31 11.64
N GLU D 53 2.13 12.05 11.26
CA GLU D 53 3.25 12.67 11.98
C GLU D 53 3.31 14.17 11.72
N ALA D 54 3.23 14.56 10.45
CA ALA D 54 3.16 15.97 10.10
C ALA D 54 1.87 16.61 10.59
N GLN D 55 0.85 15.80 10.90
CA GLN D 55 -0.40 16.35 11.40
C GLN D 55 -0.22 16.97 12.77
N VAL D 56 0.57 16.34 13.64
CA VAL D 56 0.80 16.87 14.98
C VAL D 56 1.97 17.84 15.04
N MET D 57 2.88 17.80 14.06
CA MET D 57 3.99 18.75 14.03
C MET D 57 3.55 20.16 13.66
N LYS D 58 2.33 20.32 13.14
CA LYS D 58 1.80 21.66 12.88
C LYS D 58 1.29 22.31 14.16
N LYS D 59 0.87 21.51 15.13
CA LYS D 59 0.34 22.02 16.39
C LYS D 59 1.41 22.14 17.47
N LEU D 60 2.50 21.37 17.37
CA LEU D 60 3.59 21.42 18.34
C LEU D 60 4.69 22.34 17.82
N ARG D 61 5.12 23.28 18.66
CA ARG D 61 6.17 24.22 18.28
C ARG D 61 6.99 24.55 19.52
N HIS D 62 8.25 24.14 19.51
CA HIS D 62 9.16 24.35 20.63
C HIS D 62 10.59 24.22 20.12
N GLU D 63 11.49 24.99 20.72
CA GLU D 63 12.87 25.03 20.24
C GLU D 63 13.60 23.71 20.45
N LYS D 64 13.09 22.83 21.30
CA LYS D 64 13.70 21.53 21.55
C LYS D 64 12.92 20.38 20.92
N LEU D 65 12.02 20.70 20.00
CA LEU D 65 11.37 19.70 19.15
C LEU D 65 11.74 19.99 17.71
N VAL D 66 11.94 18.92 16.93
CA VAL D 66 12.30 19.10 15.52
C VAL D 66 11.18 19.84 14.82
N GLN D 67 11.50 21.03 14.29
CA GLN D 67 10.51 21.94 13.76
C GLN D 67 10.17 21.61 12.31
N LEU D 68 8.88 21.46 12.02
CA LEU D 68 8.43 21.22 10.66
C LEU D 68 8.58 22.48 9.82
N TYR D 69 8.94 22.31 8.55
CA TYR D 69 9.07 23.41 7.62
C TYR D 69 7.94 23.48 6.60
N ALA D 70 7.62 22.35 5.96
CA ALA D 70 6.56 22.30 4.95
C ALA D 70 6.17 20.85 4.74
N VAL D 71 5.24 20.63 3.81
CA VAL D 71 4.75 19.29 3.51
C VAL D 71 4.23 19.27 2.08
N VAL D 72 4.63 18.26 1.32
CA VAL D 72 4.06 17.96 0.01
C VAL D 72 3.05 16.85 0.25
N SER D 73 1.77 17.20 0.23
CA SER D 73 0.72 16.31 0.71
C SER D 73 0.06 15.48 -0.39
N GLU D 74 0.60 15.50 -1.61
CA GLU D 74 0.00 14.74 -2.70
C GLU D 74 0.80 13.46 -2.94
N GLU D 75 0.67 12.89 -4.15
CA GLU D 75 1.15 11.52 -4.43
C GLU D 75 2.60 11.27 -4.03
N PRO D 76 3.58 12.13 -4.37
CA PRO D 76 4.92 11.93 -3.81
C PRO D 76 5.07 12.66 -2.48
N ILE D 77 4.69 11.99 -1.39
CA ILE D 77 4.55 12.67 -0.10
C ILE D 77 5.94 12.97 0.46
N TYR D 78 6.20 14.26 0.72
CA TYR D 78 7.44 14.71 1.32
C TYR D 78 7.11 15.52 2.58
N ILE D 79 7.69 15.11 3.70
CA ILE D 79 7.64 15.88 4.94
C ILE D 79 9.02 16.46 5.19
N VAL D 80 9.12 17.78 5.20
CA VAL D 80 10.41 18.46 5.27
C VAL D 80 10.50 19.23 6.58
N THR D 81 11.60 19.02 7.30
CA THR D 81 11.84 19.71 8.57
C THR D 81 13.23 20.34 8.57
N GLU D 82 13.65 20.88 9.72
CA GLU D 82 15.01 21.37 9.85
C GLU D 82 15.99 20.21 9.80
N TYR D 83 17.20 20.50 9.35
CA TYR D 83 18.26 19.49 9.23
C TYR D 83 19.09 19.47 10.50
N MET D 84 19.12 18.33 11.18
CA MET D 84 19.93 18.14 12.37
C MET D 84 21.27 17.55 11.95
N SER D 85 22.33 18.34 12.07
CA SER D 85 23.59 18.04 11.39
C SER D 85 24.33 16.84 11.98
N LYS D 86 24.10 16.50 13.25
CA LYS D 86 24.88 15.46 13.90
C LYS D 86 24.17 14.11 13.97
N GLY D 87 22.93 14.03 13.49
CA GLY D 87 22.25 12.74 13.42
C GLY D 87 21.59 12.36 14.74
N SER D 88 21.24 11.09 14.83
CA SER D 88 20.52 10.57 16.00
C SER D 88 21.43 10.56 17.22
N LEU D 89 20.82 10.76 18.39
CA LEU D 89 21.58 10.79 19.63
C LEU D 89 22.25 9.44 19.90
N LEU D 90 21.56 8.35 19.58
CA LEU D 90 22.11 7.02 19.82
C LEU D 90 23.39 6.80 19.01
N ASP D 91 23.36 7.15 17.72
CA ASP D 91 24.56 7.00 16.90
C ASP D 91 25.66 7.96 17.35
N PHE D 92 25.28 9.18 17.72
CA PHE D 92 26.28 10.16 18.16
C PHE D 92 26.98 9.70 19.44
N LEU D 93 26.23 9.10 20.36
CA LEU D 93 26.83 8.58 21.59
C LEU D 93 27.73 7.39 21.30
N LYS D 94 27.30 6.49 20.41
CA LYS D 94 28.10 5.32 20.06
C LYS D 94 29.27 5.67 19.15
N GLY D 95 29.22 6.83 18.48
CA GLY D 95 30.15 7.15 17.43
C GLY D 95 31.51 7.60 17.94
N GLU D 96 32.23 8.27 17.04
CA GLU D 96 33.62 8.65 17.30
C GLU D 96 33.71 9.74 18.36
N THR D 97 32.86 10.77 18.25
CA THR D 97 32.91 11.89 19.18
C THR D 97 32.25 11.56 20.51
N GLY D 98 31.47 10.49 20.59
CA GLY D 98 30.80 10.14 21.83
C GLY D 98 31.75 9.74 22.94
N LYS D 99 32.95 9.28 22.60
CA LYS D 99 33.91 8.87 23.64
C LYS D 99 34.47 10.05 24.40
N TYR D 100 34.37 11.26 23.87
CA TYR D 100 34.86 12.45 24.55
C TYR D 100 33.79 13.16 25.37
N LEU D 101 32.52 12.80 25.21
CA LEU D 101 31.46 13.42 25.98
C LEU D 101 31.61 13.10 27.46
N ARG D 102 31.42 14.11 28.30
CA ARG D 102 31.52 13.97 29.73
C ARG D 102 30.18 14.30 30.38
N LEU D 103 30.13 14.10 31.70
CA LEU D 103 28.88 14.33 32.43
C LEU D 103 28.33 15.75 32.28
N PRO D 104 29.14 16.82 32.30
CA PRO D 104 28.55 18.16 32.07
C PRO D 104 27.81 18.29 30.76
N GLN D 105 28.30 17.67 29.68
CA GLN D 105 27.62 17.74 28.40
C GLN D 105 26.41 16.81 28.37
N LEU D 106 26.53 15.62 28.96
CA LEU D 106 25.42 14.67 28.92
C LEU D 106 24.27 15.12 29.79
N VAL D 107 24.56 15.74 30.95
CA VAL D 107 23.49 16.30 31.77
C VAL D 107 22.84 17.48 31.07
N ASP D 108 23.64 18.29 30.37
CA ASP D 108 23.08 19.40 29.60
C ASP D 108 22.18 18.89 28.48
N MET D 109 22.58 17.80 27.82
CA MET D 109 21.76 17.23 26.77
C MET D 109 20.44 16.71 27.34
N ALA D 110 20.49 16.04 28.49
CA ALA D 110 19.27 15.56 29.13
C ALA D 110 18.39 16.72 29.56
N ALA D 111 18.99 17.86 29.93
CA ALA D 111 18.20 19.03 30.31
C ALA D 111 17.45 19.59 29.11
N GLN D 112 18.05 19.54 27.92
CA GLN D 112 17.36 20.00 26.73
C GLN D 112 16.18 19.09 26.39
N ILE D 113 16.39 17.78 26.45
CA ILE D 113 15.33 16.82 26.18
C ILE D 113 14.21 16.98 27.21
N ALA D 114 14.57 17.17 28.48
CA ALA D 114 13.56 17.40 29.51
C ALA D 114 12.78 18.67 29.23
N SER D 115 13.44 19.70 28.71
CA SER D 115 12.74 20.93 28.34
C SER D 115 11.76 20.67 27.19
N GLY D 116 12.17 19.88 26.20
CA GLY D 116 11.27 19.57 25.11
C GLY D 116 10.08 18.74 25.54
N MET D 117 10.31 17.77 26.43
CA MET D 117 9.20 16.99 26.97
C MET D 117 8.36 17.78 27.96
N ALA D 118 8.93 18.81 28.59
CA ALA D 118 8.12 19.69 29.43
C ALA D 118 7.08 20.42 28.59
N TYR D 119 7.46 20.84 27.38
CA TYR D 119 6.49 21.43 26.46
C TYR D 119 5.41 20.42 26.10
N VAL D 120 5.81 19.17 25.84
CA VAL D 120 4.83 18.11 25.57
C VAL D 120 3.91 17.93 26.77
N GLU D 121 4.48 17.99 27.98
CA GLU D 121 3.67 17.81 29.18
C GLU D 121 2.69 18.96 29.37
N ARG D 122 3.13 20.19 29.13
CA ARG D 122 2.24 21.34 29.26
C ARG D 122 1.16 21.31 28.18
N MET D 123 1.51 20.89 26.97
CA MET D 123 0.57 20.85 25.86
C MET D 123 -0.42 19.70 25.94
N ASN D 124 -0.33 18.86 26.98
CA ASN D 124 -1.22 17.72 27.16
C ASN D 124 -1.08 16.73 26.00
N TYR D 125 0.11 16.15 25.91
CA TYR D 125 0.43 15.17 24.86
C TYR D 125 1.25 14.03 25.47
N VAL D 126 1.23 12.90 24.77
CA VAL D 126 2.01 11.73 25.12
C VAL D 126 2.83 11.32 23.90
N HIS D 127 4.12 11.01 24.12
CA HIS D 127 5.02 10.70 23.02
C HIS D 127 4.99 9.23 22.62
N ARG D 128 5.07 8.32 23.60
CA ARG D 128 4.96 6.87 23.48
C ARG D 128 6.23 6.19 22.95
N ASP D 129 7.27 6.93 22.56
CA ASP D 129 8.46 6.30 22.01
C ASP D 129 9.68 7.19 22.25
N LEU D 130 9.91 7.56 23.52
CA LEU D 130 11.03 8.42 23.89
C LEU D 130 12.26 7.56 24.18
N ARG D 131 13.34 7.83 23.45
CA ARG D 131 14.59 7.09 23.59
C ARG D 131 15.66 7.82 22.78
N ALA D 132 16.91 7.39 22.97
CA ALA D 132 18.03 8.04 22.28
C ALA D 132 17.91 7.94 20.77
N ALA D 133 17.33 6.85 20.26
CA ALA D 133 17.20 6.68 18.82
C ALA D 133 16.23 7.69 18.19
N ASN D 134 15.30 8.23 18.97
CA ASN D 134 14.35 9.22 18.48
C ASN D 134 14.72 10.64 18.90
N ILE D 135 15.95 10.86 19.36
CA ILE D 135 16.48 12.18 19.65
C ILE D 135 17.48 12.55 18.56
N LEU D 136 17.38 13.78 18.07
CA LEU D 136 18.29 14.28 17.04
C LEU D 136 19.21 15.35 17.63
N VAL D 137 20.43 15.40 17.10
CA VAL D 137 21.47 16.28 17.60
C VAL D 137 21.91 17.20 16.47
N GLY D 138 22.02 18.49 16.78
CA GLY D 138 22.48 19.49 15.85
C GLY D 138 23.83 20.06 16.23
N GLU D 139 24.13 21.23 15.68
CA GLU D 139 25.37 21.92 16.02
C GLU D 139 25.28 22.46 17.45
N ASN D 140 26.46 22.62 18.07
CA ASN D 140 26.58 23.08 19.45
C ASN D 140 25.90 22.11 20.43
N LEU D 141 25.85 20.83 20.05
CA LEU D 141 25.30 19.76 20.89
C LEU D 141 23.85 20.02 21.29
N VAL D 142 23.09 20.66 20.41
CA VAL D 142 21.67 20.89 20.66
C VAL D 142 20.91 19.59 20.39
N CYS D 143 20.09 19.18 21.35
CA CYS D 143 19.29 17.97 21.24
C CYS D 143 17.81 18.32 21.13
N LYS D 144 17.10 17.61 20.25
CA LYS D 144 15.69 17.86 20.01
C LYS D 144 14.95 16.53 19.86
N VAL D 145 13.72 16.50 20.38
CA VAL D 145 12.90 15.30 20.33
C VAL D 145 12.29 15.16 18.94
N ALA D 146 12.31 13.93 18.43
CA ALA D 146 11.75 13.60 17.12
C ALA D 146 10.74 12.47 17.28
N ASP D 147 10.33 11.91 16.13
CA ASP D 147 9.38 10.81 16.06
C ASP D 147 8.05 11.15 16.74
N PHE D 148 7.19 11.88 16.04
CA PHE D 148 5.88 12.25 16.55
C PHE D 148 4.74 11.50 15.88
N GLY D 149 5.06 10.48 15.05
CA GLY D 149 4.02 9.74 14.36
C GLY D 149 3.17 8.90 15.28
N LEU D 150 3.78 8.38 16.36
CA LEU D 150 3.07 7.55 17.33
C LEU D 150 2.46 8.38 18.46
N ALA D 151 2.79 9.66 18.56
CA ALA D 151 2.30 10.49 19.64
C ALA D 151 0.82 10.83 19.45
N ARG D 152 0.10 10.92 20.56
CA ARG D 152 -1.32 11.24 20.56
C ARG D 152 -1.63 12.14 21.75
N LEU D 153 -2.92 12.45 21.92
CA LEU D 153 -3.37 13.40 22.93
C LEU D 153 -3.62 12.69 24.26
N ILE D 154 -4.08 13.45 25.25
CA ILE D 154 -4.45 12.89 26.55
C ILE D 154 -5.82 13.42 26.97
N ALA D 165 1.62 0.49 15.77
CA ALA D 165 1.39 0.18 17.18
C ALA D 165 2.27 -0.98 17.63
N LYS D 166 3.47 -0.65 18.11
CA LYS D 166 4.44 -1.63 18.55
C LYS D 166 5.54 -0.94 19.34
N PHE D 167 5.89 -1.47 20.51
CA PHE D 167 6.79 -0.75 21.42
C PHE D 167 7.95 -1.62 21.85
N PRO D 168 9.13 -1.03 22.05
CA PRO D 168 10.23 -1.77 22.68
C PRO D 168 10.12 -1.71 24.19
N ILE D 169 9.96 -2.87 24.84
CA ILE D 169 9.63 -2.90 26.26
C ILE D 169 10.78 -2.54 27.18
N LYS D 170 12.00 -2.42 26.66
CA LYS D 170 13.10 -1.98 27.51
C LYS D 170 13.00 -0.49 27.83
N TRP D 171 12.31 0.28 27.01
CA TRP D 171 12.06 1.70 27.27
C TRP D 171 10.65 1.98 27.74
N THR D 172 9.75 1.02 27.70
CA THR D 172 8.34 1.24 28.01
C THR D 172 8.06 0.89 29.46
N ALA D 173 7.35 1.79 30.15
CA ALA D 173 6.94 1.52 31.52
C ALA D 173 6.04 0.29 31.56
N PRO D 174 6.14 -0.54 32.61
CA PRO D 174 5.36 -1.79 32.62
C PRO D 174 3.86 -1.56 32.61
N GLU D 175 3.39 -0.43 33.15
CA GLU D 175 1.97 -0.12 33.10
C GLU D 175 1.49 0.09 31.66
N ALA D 176 2.35 0.67 30.82
CA ALA D 176 1.97 0.91 29.43
C ALA D 176 2.13 -0.34 28.57
N ALA D 177 3.21 -1.10 28.80
CA ALA D 177 3.46 -2.29 27.98
C ALA D 177 2.41 -3.38 28.23
N LEU D 178 2.07 -3.62 29.49
CA LEU D 178 1.13 -4.67 29.82
C LEU D 178 -0.31 -4.25 29.55
N TYR D 179 -0.70 -3.06 30.01
CA TYR D 179 -2.10 -2.68 30.07
C TYR D 179 -2.43 -1.47 29.19
N GLY D 180 -1.49 -0.98 28.40
CA GLY D 180 -1.76 0.13 27.51
C GLY D 180 -1.92 1.48 28.18
N ARG D 181 -1.53 1.62 29.44
CA ARG D 181 -1.65 2.89 30.16
C ARG D 181 -0.48 3.79 29.75
N PHE D 182 -0.65 4.44 28.60
CA PHE D 182 0.36 5.36 28.07
C PHE D 182 0.03 6.78 28.51
N THR D 183 0.85 7.31 29.41
CA THR D 183 0.67 8.65 29.97
C THR D 183 1.98 9.42 29.88
N ILE D 184 1.95 10.69 30.31
CA ILE D 184 3.17 11.46 30.40
C ILE D 184 4.10 10.87 31.46
N LYS D 185 3.54 10.17 32.45
CA LYS D 185 4.36 9.52 33.46
C LYS D 185 5.09 8.30 32.90
N SER D 186 4.48 7.61 31.94
CA SER D 186 5.19 6.53 31.25
C SER D 186 6.30 7.09 30.37
N ASP D 187 6.12 8.30 29.85
CA ASP D 187 7.21 8.98 29.16
C ASP D 187 8.34 9.33 30.12
N VAL D 188 7.99 9.68 31.37
CA VAL D 188 9.02 9.95 32.37
C VAL D 188 9.82 8.69 32.67
N TRP D 189 9.16 7.54 32.68
CA TRP D 189 9.87 6.27 32.80
C TRP D 189 10.90 6.12 31.69
N SER D 190 10.49 6.39 30.45
CA SER D 190 11.39 6.26 29.31
C SER D 190 12.53 7.27 29.38
N PHE D 191 12.27 8.46 29.92
CA PHE D 191 13.33 9.45 30.09
C PHE D 191 14.39 8.95 31.06
N GLY D 192 13.97 8.26 32.13
CA GLY D 192 14.93 7.66 33.04
C GLY D 192 15.77 6.59 32.36
N ILE D 193 15.16 5.82 31.47
CA ILE D 193 15.92 4.85 30.67
C ILE D 193 16.88 5.58 29.74
N LEU D 194 16.43 6.70 29.15
CA LEU D 194 17.30 7.49 28.29
C LEU D 194 18.50 8.03 29.06
N LEU D 195 18.31 8.38 30.33
CA LEU D 195 19.43 8.80 31.17
C LEU D 195 20.50 7.72 31.25
N THR D 196 20.08 6.44 31.26
CA THR D 196 21.05 5.36 31.27
C THR D 196 21.78 5.26 29.94
N GLU D 197 21.08 5.55 28.83
CA GLU D 197 21.75 5.60 27.53
C GLU D 197 22.78 6.72 27.48
N LEU D 198 22.48 7.85 28.13
CA LEU D 198 23.41 8.99 28.11
C LEU D 198 24.65 8.72 28.94
N THR D 199 24.52 7.97 30.04
CA THR D 199 25.63 7.75 30.95
C THR D 199 26.44 6.50 30.65
N THR D 200 26.01 5.68 29.70
CA THR D 200 26.77 4.52 29.26
C THR D 200 27.27 4.65 27.83
N LYS D 201 27.18 5.85 27.25
CA LYS D 201 27.56 6.11 25.86
C LYS D 201 26.72 5.27 24.90
N GLY D 202 25.43 5.13 25.20
CA GLY D 202 24.49 4.51 24.29
C GLY D 202 24.38 3.01 24.36
N ARG D 203 24.85 2.39 25.44
CA ARG D 203 24.65 0.95 25.59
C ARG D 203 23.17 0.62 25.72
N VAL D 204 22.82 -0.59 25.30
CA VAL D 204 21.43 -1.04 25.41
C VAL D 204 21.07 -1.25 26.87
N PRO D 205 19.90 -0.80 27.33
CA PRO D 205 19.52 -1.01 28.73
C PRO D 205 19.40 -2.49 29.05
N TYR D 206 19.54 -2.80 30.34
CA TYR D 206 19.48 -4.16 30.87
C TYR D 206 20.44 -5.07 30.09
N PRO D 207 21.75 -4.88 30.23
CA PRO D 207 22.69 -5.68 29.43
C PRO D 207 22.62 -7.16 29.78
N GLY D 208 22.53 -7.99 28.74
CA GLY D 208 22.46 -9.42 28.94
C GLY D 208 21.10 -9.94 29.33
N MET D 209 20.03 -9.24 28.96
CA MET D 209 18.67 -9.64 29.30
C MET D 209 17.77 -9.51 28.06
N VAL D 210 17.05 -10.58 27.76
CA VAL D 210 16.10 -10.56 26.66
C VAL D 210 14.82 -9.83 27.10
N ASN D 211 14.02 -9.44 26.10
CA ASN D 211 12.73 -8.79 26.39
C ASN D 211 11.89 -9.62 27.35
N ARG D 212 11.82 -10.94 27.12
CA ARG D 212 11.05 -11.83 27.97
C ARG D 212 11.48 -11.73 29.44
N GLU D 213 12.77 -11.51 29.68
CA GLU D 213 13.29 -11.43 31.04
C GLU D 213 13.13 -10.04 31.67
N VAL D 214 13.11 -8.99 30.85
CA VAL D 214 13.00 -7.63 31.40
C VAL D 214 11.62 -7.41 32.00
N LEU D 215 10.57 -7.79 31.28
CA LEU D 215 9.21 -7.59 31.76
C LEU D 215 8.98 -8.31 33.08
N ASP D 216 9.56 -9.50 33.24
CA ASP D 216 9.46 -10.22 34.51
C ASP D 216 10.19 -9.46 35.61
N GLN D 217 11.48 -9.18 35.39
CA GLN D 217 12.31 -8.56 36.43
C GLN D 217 11.76 -7.21 36.85
N VAL D 218 11.31 -6.40 35.90
CA VAL D 218 10.81 -5.06 36.22
C VAL D 218 9.56 -5.14 37.08
N GLU D 219 8.74 -6.18 36.87
CA GLU D 219 7.58 -6.38 37.74
C GLU D 219 8.00 -6.84 39.13
N ARG D 220 9.08 -7.63 39.22
CA ARG D 220 9.58 -8.07 40.52
C ARG D 220 10.17 -6.94 41.35
N GLY D 221 10.39 -5.77 40.76
CA GLY D 221 11.01 -4.65 41.44
C GLY D 221 12.43 -4.35 40.98
N TYR D 222 12.94 -5.07 39.99
CA TYR D 222 14.31 -4.86 39.55
C TYR D 222 14.45 -3.52 38.85
N ARG D 223 15.55 -2.82 39.14
CA ARG D 223 15.93 -1.59 38.46
C ARG D 223 17.42 -1.67 38.15
N MET D 224 17.80 -1.01 37.06
CA MET D 224 19.20 -1.05 36.64
C MET D 224 20.08 -0.40 37.69
N PRO D 225 21.28 -0.94 37.93
CA PRO D 225 22.17 -0.36 38.95
C PRO D 225 22.72 0.99 38.49
N CYS D 226 23.41 1.64 39.41
CA CYS D 226 24.08 2.90 39.09
C CYS D 226 25.18 2.65 38.07
N PRO D 227 25.13 3.25 36.88
CA PRO D 227 26.15 2.99 35.85
C PRO D 227 27.52 3.38 36.34
N PRO D 228 28.58 2.80 35.78
CA PRO D 228 29.94 3.12 36.22
C PRO D 228 30.24 4.61 36.04
N GLU D 229 30.83 5.19 37.08
CA GLU D 229 31.24 6.59 37.16
C GLU D 229 30.07 7.57 37.21
N CYS D 230 28.84 7.09 37.22
CA CYS D 230 27.68 7.98 37.32
C CYS D 230 27.44 8.34 38.78
N PRO D 231 27.22 9.61 39.10
CA PRO D 231 26.92 9.97 40.49
C PRO D 231 25.62 9.34 40.96
N GLU D 232 25.59 8.96 42.24
CA GLU D 232 24.40 8.33 42.80
C GLU D 232 23.21 9.26 42.78
N SER D 233 23.44 10.58 42.86
CA SER D 233 22.34 11.53 42.81
C SER D 233 21.60 11.47 41.47
N LEU D 234 22.33 11.19 40.39
CA LEU D 234 21.68 11.01 39.09
C LEU D 234 20.99 9.65 39.00
N HIS D 235 21.60 8.62 39.59
CA HIS D 235 20.95 7.32 39.66
C HIS D 235 19.69 7.37 40.52
N ASP D 236 19.68 8.23 41.54
CA ASP D 236 18.46 8.42 42.32
C ASP D 236 17.39 9.13 41.52
N LEU D 237 17.78 9.97 40.56
CA LEU D 237 16.79 10.58 39.68
C LEU D 237 16.18 9.54 38.74
N MET D 238 17.01 8.62 38.22
CA MET D 238 16.51 7.55 37.38
C MET D 238 15.48 6.71 38.11
N CYS D 239 15.80 6.29 39.34
CA CYS D 239 14.87 5.48 40.12
C CYS D 239 13.58 6.23 40.40
N GLN D 240 13.65 7.54 40.56
CA GLN D 240 12.44 8.34 40.73
C GLN D 240 11.58 8.31 39.47
N CYS D 241 12.23 8.30 38.29
CA CYS D 241 11.50 8.09 37.05
C CYS D 241 10.93 6.68 36.95
N TRP D 242 11.45 5.74 37.73
CA TRP D 242 11.12 4.33 37.60
C TRP D 242 10.20 3.82 38.73
N ARG D 243 9.55 4.72 39.46
CA ARG D 243 8.68 4.30 40.55
C ARG D 243 7.51 3.49 40.00
N LYS D 244 7.09 2.47 40.76
CA LYS D 244 6.00 1.61 40.34
C LYS D 244 4.73 2.41 40.09
N GLU D 245 4.31 3.20 41.07
CA GLU D 245 3.15 4.06 40.89
C GLU D 245 3.49 5.19 39.92
N PRO D 246 2.79 5.32 38.80
CA PRO D 246 3.16 6.35 37.83
C PRO D 246 3.05 7.78 38.36
N GLU D 247 2.02 8.07 39.16
CA GLU D 247 1.81 9.43 39.63
C GLU D 247 2.80 9.85 40.70
N GLU D 248 3.64 8.93 41.18
CA GLU D 248 4.74 9.29 42.07
C GLU D 248 6.02 9.64 41.31
N ARG D 249 6.05 9.42 40.00
CA ARG D 249 7.18 9.85 39.20
C ARG D 249 7.16 11.36 39.03
N PRO D 250 8.32 11.99 38.92
CA PRO D 250 8.37 13.44 38.78
C PRO D 250 7.88 13.89 37.41
N THR D 251 7.60 15.19 37.32
CA THR D 251 7.22 15.80 36.05
C THR D 251 8.47 16.16 35.26
N PHE D 252 8.27 16.46 33.97
CA PHE D 252 9.38 16.96 33.17
C PHE D 252 9.76 18.38 33.57
N GLU D 253 8.80 19.14 34.11
CA GLU D 253 9.11 20.45 34.68
C GLU D 253 10.12 20.32 35.81
N TYR D 254 9.92 19.34 36.69
CA TYR D 254 10.88 19.08 37.76
C TYR D 254 12.20 18.55 37.21
N LEU D 255 12.14 17.65 36.22
CA LEU D 255 13.35 17.08 35.67
C LEU D 255 14.20 18.14 34.98
N GLN D 256 13.56 19.01 34.20
CA GLN D 256 14.30 20.08 33.53
C GLN D 256 15.03 20.96 34.54
N ALA D 257 14.32 21.40 35.60
CA ALA D 257 14.95 22.26 36.60
C ALA D 257 16.06 21.54 37.35
N PHE D 258 15.86 20.25 37.65
CA PHE D 258 16.87 19.49 38.36
C PHE D 258 18.15 19.34 37.55
N LEU D 259 18.01 19.02 36.25
CA LEU D 259 19.20 18.81 35.43
C LEU D 259 19.93 20.10 35.12
N GLU D 260 19.20 21.22 34.98
CA GLU D 260 19.85 22.48 34.66
C GLU D 260 20.67 23.01 35.83
N ASP D 261 20.20 22.79 37.06
CA ASP D 261 20.89 23.23 38.26
C ASP D 261 21.79 22.15 38.85
N TYR D 262 22.11 21.10 38.08
CA TYR D 262 22.66 19.88 38.65
C TYR D 262 24.02 20.12 39.29
N PHE D 263 24.91 20.84 38.61
CA PHE D 263 26.29 20.97 39.08
C PHE D 263 26.48 22.10 40.09
N THR D 264 25.43 22.84 40.41
CA THR D 264 25.48 23.83 41.49
C THR D 264 24.71 23.37 42.72
N SER D 265 23.50 22.84 42.54
CA SER D 265 22.65 22.48 43.65
C SER D 265 22.86 21.05 44.13
N THR D 266 23.20 20.12 43.23
CA THR D 266 23.20 18.70 43.55
C THR D 266 24.60 18.08 43.62
N GLU D 267 25.49 18.40 42.69
CA GLU D 267 26.84 17.86 42.68
C GLU D 267 27.85 18.99 42.50
N PRO D 268 28.01 19.85 43.53
CA PRO D 268 28.96 20.97 43.40
C PRO D 268 30.41 20.55 43.50
N GLN D 269 30.69 19.33 43.97
CA GLN D 269 32.05 18.81 44.07
C GLN D 269 32.33 17.76 42.99
N TYR D 270 31.76 17.96 41.81
CA TYR D 270 31.95 17.02 40.71
C TYR D 270 33.37 17.10 40.18
N GLN D 271 33.95 15.94 39.88
CA GLN D 271 35.29 15.87 39.33
C GLN D 271 35.26 14.95 38.11
N PRO D 272 35.89 15.33 37.00
CA PRO D 272 35.83 14.49 35.80
C PRO D 272 36.62 13.20 35.98
N GLY D 273 36.03 12.09 35.54
CA GLY D 273 36.67 10.79 35.56
C GLY D 273 37.20 10.40 34.20
N GLU D 274 37.49 9.11 34.07
CA GLU D 274 38.02 8.60 32.79
C GLU D 274 36.95 8.61 31.70
N ASN D 275 35.68 8.50 32.08
CA ASN D 275 34.60 8.42 31.11
C ASN D 275 33.43 9.35 31.38
N LEU D 276 33.25 9.85 32.60
CA LEU D 276 32.15 10.75 32.90
C LEU D 276 32.62 11.98 33.66
N ASP E 1 -6.67 -28.78 0.37
CA ASP E 1 -6.12 -29.46 -0.80
C ASP E 1 -4.87 -28.76 -1.32
N ALA E 2 -4.46 -29.11 -2.55
CA ALA E 2 -3.26 -28.51 -3.13
C ALA E 2 -3.47 -27.05 -3.52
N TRP E 3 -4.71 -26.60 -3.66
CA TRP E 3 -4.98 -25.22 -4.05
C TRP E 3 -4.89 -24.26 -2.86
N GLU E 4 -5.03 -24.76 -1.63
CA GLU E 4 -5.01 -23.89 -0.46
C GLU E 4 -3.64 -23.25 -0.29
N ILE E 5 -3.65 -21.94 -0.04
CA ILE E 5 -2.42 -21.18 0.18
C ILE E 5 -2.58 -20.37 1.47
N PRO E 6 -1.47 -19.99 2.09
CA PRO E 6 -1.55 -19.10 3.27
C PRO E 6 -2.13 -17.74 2.90
N ARG E 7 -2.72 -17.08 3.90
CA ARG E 7 -3.32 -15.78 3.68
C ARG E 7 -2.29 -14.68 3.56
N GLU E 8 -1.13 -14.84 4.21
CA GLU E 8 -0.12 -13.80 4.22
C GLU E 8 0.57 -13.60 2.88
N SER E 9 0.41 -14.54 1.94
CA SER E 9 1.05 -14.40 0.63
C SER E 9 0.35 -13.40 -0.27
N LEU E 10 -0.93 -13.12 -0.02
CA LEU E 10 -1.72 -12.23 -0.87
C LEU E 10 -1.73 -10.82 -0.28
N ARG E 11 -1.72 -9.82 -1.17
CA ARG E 11 -1.74 -8.42 -0.77
C ARG E 11 -2.77 -7.70 -1.65
N LEU E 12 -3.97 -7.54 -1.12
CA LEU E 12 -5.07 -6.90 -1.86
C LEU E 12 -4.83 -5.40 -1.91
N GLU E 13 -4.65 -4.86 -3.12
CA GLU E 13 -4.32 -3.45 -3.29
C GLU E 13 -5.51 -2.61 -3.76
N VAL E 14 -6.16 -2.99 -4.86
CA VAL E 14 -7.22 -2.21 -5.47
C VAL E 14 -8.51 -3.04 -5.46
N LYS E 15 -9.58 -2.44 -4.96
CA LYS E 15 -10.90 -3.06 -5.02
C LYS E 15 -11.47 -2.84 -6.42
N LEU E 16 -11.82 -3.94 -7.10
CA LEU E 16 -12.30 -3.86 -8.47
C LEU E 16 -13.80 -3.61 -8.58
N GLY E 17 -14.58 -4.13 -7.63
CA GLY E 17 -16.01 -3.95 -7.67
C GLY E 17 -16.70 -5.02 -6.85
N GLN E 18 -18.02 -5.15 -7.09
CA GLN E 18 -18.86 -6.12 -6.40
C GLN E 18 -19.65 -6.90 -7.46
N GLY E 19 -18.96 -7.81 -8.14
CA GLY E 19 -19.57 -8.62 -9.17
C GLY E 19 -19.51 -10.11 -8.87
N CYS E 20 -20.48 -10.85 -9.41
CA CYS E 20 -20.61 -12.30 -9.20
C CYS E 20 -20.73 -12.62 -7.70
N PHE E 21 -21.48 -11.78 -7.00
CA PHE E 21 -21.76 -11.95 -5.57
C PHE E 21 -20.49 -11.96 -4.73
N GLY E 22 -20.11 -10.78 -4.22
CA GLY E 22 -18.93 -10.65 -3.42
C GLY E 22 -17.95 -9.62 -3.97
N GLU E 23 -17.13 -9.06 -3.08
CA GLU E 23 -16.14 -8.07 -3.51
C GLU E 23 -14.98 -8.73 -4.24
N VAL E 24 -14.46 -8.04 -5.25
CA VAL E 24 -13.32 -8.50 -6.04
C VAL E 24 -12.22 -7.47 -5.92
N TRP E 25 -11.00 -7.94 -5.68
CA TRP E 25 -9.84 -7.07 -5.52
C TRP E 25 -8.76 -7.43 -6.53
N MET E 26 -7.92 -6.45 -6.86
CA MET E 26 -6.71 -6.66 -7.65
C MET E 26 -5.54 -6.64 -6.68
N GLY E 27 -4.89 -7.78 -6.50
CA GLY E 27 -3.80 -7.87 -5.55
C GLY E 27 -2.51 -8.42 -6.13
N THR E 28 -1.65 -8.95 -5.26
CA THR E 28 -0.37 -9.51 -5.67
C THR E 28 -0.13 -10.80 -4.90
N TRP E 29 0.35 -11.82 -5.60
CA TRP E 29 0.59 -13.14 -5.04
C TRP E 29 2.08 -13.42 -5.01
N ASN E 30 2.59 -13.80 -3.83
CA ASN E 30 4.00 -14.15 -3.65
C ASN E 30 4.94 -13.03 -4.08
N GLY E 31 4.50 -11.78 -3.94
CA GLY E 31 5.30 -10.62 -4.24
C GLY E 31 5.36 -10.21 -5.70
N THR E 32 5.28 -11.18 -6.63
CA THR E 32 5.41 -10.89 -8.06
C THR E 32 4.44 -11.78 -8.85
N THR E 33 3.15 -11.51 -8.70
CA THR E 33 2.12 -12.17 -9.52
C THR E 33 0.83 -11.36 -9.40
N ARG E 34 0.48 -10.64 -10.47
CA ARG E 34 -0.77 -9.88 -10.50
C ARG E 34 -1.93 -10.86 -10.51
N VAL E 35 -2.84 -10.75 -9.54
CA VAL E 35 -3.94 -11.68 -9.38
C VAL E 35 -5.21 -10.91 -9.07
N ALA E 36 -6.34 -11.63 -9.12
CA ALA E 36 -7.63 -11.11 -8.74
C ALA E 36 -8.17 -11.96 -7.60
N ILE E 37 -8.62 -11.31 -6.53
CA ILE E 37 -9.07 -11.99 -5.31
C ILE E 37 -10.52 -11.62 -5.06
N LYS E 38 -11.39 -12.62 -5.05
CA LYS E 38 -12.78 -12.45 -4.68
C LYS E 38 -12.97 -12.85 -3.23
N THR E 39 -13.54 -11.96 -2.43
CA THR E 39 -13.75 -12.18 -1.01
C THR E 39 -15.21 -12.47 -0.74
N LEU E 40 -15.47 -13.44 0.14
CA LEU E 40 -16.81 -13.72 0.62
C LEU E 40 -17.12 -12.79 1.79
N LYS E 41 -18.22 -12.06 1.70
CA LYS E 41 -18.67 -11.29 2.84
C LYS E 41 -18.98 -12.26 3.98
N PRO E 42 -18.33 -12.13 5.14
CA PRO E 42 -18.57 -13.10 6.21
C PRO E 42 -20.02 -13.19 6.63
N GLY E 43 -20.72 -12.05 6.72
CA GLY E 43 -22.15 -12.09 6.88
C GLY E 43 -22.83 -12.76 5.69
N THR E 44 -23.96 -13.39 5.96
CA THR E 44 -24.56 -14.32 5.01
C THR E 44 -24.88 -13.64 3.68
N MET E 45 -24.31 -14.21 2.61
CA MET E 45 -24.72 -13.98 1.24
C MET E 45 -24.98 -15.33 0.57
N SER E 46 -25.45 -16.30 1.36
CA SER E 46 -25.34 -17.74 1.14
C SER E 46 -23.86 -18.10 1.29
N PRO E 47 -23.39 -18.38 2.52
CA PRO E 47 -21.97 -18.25 2.82
C PRO E 47 -21.26 -19.54 3.22
N GLU E 48 -19.98 -19.40 3.55
CA GLU E 48 -19.17 -20.41 4.21
C GLU E 48 -18.96 -21.66 3.36
N ALA E 49 -19.81 -21.88 2.36
CA ALA E 49 -19.64 -22.93 1.37
C ALA E 49 -19.87 -22.36 -0.02
N PHE E 50 -19.47 -21.11 -0.24
CA PHE E 50 -19.54 -20.50 -1.57
C PHE E 50 -18.36 -20.90 -2.44
N LEU E 51 -17.53 -21.83 -1.94
CA LEU E 51 -16.45 -22.45 -2.70
C LEU E 51 -16.95 -23.40 -3.78
N GLN E 52 -18.27 -23.60 -3.87
CA GLN E 52 -18.83 -24.43 -4.95
C GLN E 52 -18.34 -23.94 -6.30
N GLU E 53 -18.23 -22.62 -6.47
CA GLU E 53 -17.64 -22.08 -7.70
C GLU E 53 -16.20 -22.53 -7.86
N ALA E 54 -15.41 -22.43 -6.79
CA ALA E 54 -14.01 -22.86 -6.86
C ALA E 54 -13.90 -24.36 -7.06
N GLN E 55 -14.88 -25.13 -6.60
CA GLN E 55 -14.88 -26.57 -6.85
C GLN E 55 -15.04 -26.86 -8.34
N VAL E 56 -15.98 -26.18 -8.98
CA VAL E 56 -16.18 -26.37 -10.42
C VAL E 56 -14.95 -25.91 -11.20
N MET E 57 -14.32 -24.82 -10.75
CA MET E 57 -13.13 -24.32 -11.43
C MET E 57 -11.93 -25.23 -11.30
N LYS E 58 -11.98 -26.23 -10.42
CA LYS E 58 -10.88 -27.20 -10.33
C LYS E 58 -10.99 -28.27 -11.40
N LYS E 59 -12.21 -28.67 -11.75
CA LYS E 59 -12.40 -29.65 -12.82
C LYS E 59 -12.27 -29.02 -14.19
N LEU E 60 -12.55 -27.73 -14.33
CA LEU E 60 -12.59 -27.05 -15.60
C LEU E 60 -11.29 -26.29 -15.83
N ARG E 61 -10.60 -26.59 -16.92
CA ARG E 61 -9.39 -25.89 -17.32
C ARG E 61 -9.41 -25.70 -18.82
N HIS E 62 -9.46 -24.45 -19.26
CA HIS E 62 -9.50 -24.15 -20.69
C HIS E 62 -8.87 -22.79 -20.94
N GLU E 63 -8.41 -22.61 -22.18
CA GLU E 63 -7.76 -21.35 -22.56
C GLU E 63 -8.71 -20.17 -22.42
N LYS E 64 -10.01 -20.38 -22.66
CA LYS E 64 -11.00 -19.31 -22.60
C LYS E 64 -11.87 -19.37 -21.35
N LEU E 65 -11.37 -20.00 -20.29
CA LEU E 65 -12.01 -19.96 -18.98
C LEU E 65 -11.05 -19.31 -17.99
N VAL E 66 -11.60 -18.56 -17.04
CA VAL E 66 -10.76 -17.90 -16.05
C VAL E 66 -10.07 -18.96 -15.20
N GLN E 67 -8.74 -18.88 -15.14
CA GLN E 67 -7.93 -19.93 -14.52
C GLN E 67 -7.91 -19.75 -13.01
N LEU E 68 -8.38 -20.76 -12.28
CA LEU E 68 -8.30 -20.75 -10.83
C LEU E 68 -6.86 -20.93 -10.38
N TYR E 69 -6.35 -19.97 -9.61
CA TYR E 69 -4.98 -20.03 -9.13
C TYR E 69 -4.90 -20.66 -7.74
N ALA E 70 -5.59 -20.09 -6.76
CA ALA E 70 -5.49 -20.58 -5.39
C ALA E 70 -6.76 -20.22 -4.64
N VAL E 71 -6.94 -20.88 -3.49
CA VAL E 71 -8.14 -20.73 -2.66
C VAL E 71 -7.70 -20.60 -1.20
N VAL E 72 -8.41 -19.76 -0.46
CA VAL E 72 -8.20 -19.62 0.99
C VAL E 72 -9.48 -20.05 1.68
N SER E 73 -9.41 -21.14 2.43
CA SER E 73 -10.58 -21.69 3.10
C SER E 73 -10.77 -21.17 4.53
N GLU E 74 -9.83 -20.40 5.05
CA GLU E 74 -9.94 -19.83 6.38
C GLU E 74 -10.66 -18.49 6.29
N GLU E 75 -11.74 -18.35 7.06
CA GLU E 75 -12.59 -17.17 6.95
C GLU E 75 -11.81 -15.90 7.31
N PRO E 76 -12.00 -14.80 6.58
CA PRO E 76 -12.89 -14.69 5.42
C PRO E 76 -12.34 -15.39 4.18
N ILE E 77 -13.23 -16.00 3.40
CA ILE E 77 -12.83 -16.90 2.33
C ILE E 77 -12.38 -16.10 1.12
N TYR E 78 -11.20 -16.41 0.61
CA TYR E 78 -10.65 -15.79 -0.58
C TYR E 78 -10.56 -16.79 -1.71
N ILE E 79 -10.85 -16.33 -2.93
CA ILE E 79 -10.66 -17.11 -4.15
C ILE E 79 -9.79 -16.28 -5.09
N VAL E 80 -8.70 -16.89 -5.56
CA VAL E 80 -7.69 -16.19 -6.35
C VAL E 80 -7.65 -16.82 -7.74
N THR E 81 -7.80 -15.99 -8.77
CA THR E 81 -7.72 -16.41 -10.16
C THR E 81 -6.79 -15.46 -10.91
N GLU E 82 -6.68 -15.69 -12.21
CA GLU E 82 -5.95 -14.76 -13.06
C GLU E 82 -6.67 -13.42 -13.13
N TYR E 83 -5.90 -12.36 -13.34
CA TYR E 83 -6.45 -11.01 -13.39
C TYR E 83 -6.75 -10.65 -14.84
N MET E 84 -8.01 -10.36 -15.14
CA MET E 84 -8.42 -9.91 -16.46
C MET E 84 -8.37 -8.39 -16.46
N SER E 85 -7.40 -7.83 -17.21
CA SER E 85 -7.02 -6.44 -17.03
C SER E 85 -8.08 -5.45 -17.50
N LYS E 86 -9.02 -5.86 -18.35
CA LYS E 86 -9.98 -4.92 -18.92
C LYS E 86 -11.40 -5.12 -18.39
N GLY E 87 -11.58 -5.97 -17.38
CA GLY E 87 -12.84 -6.03 -16.67
C GLY E 87 -13.95 -6.75 -17.42
N SER E 88 -15.18 -6.43 -17.01
CA SER E 88 -16.36 -7.11 -17.54
C SER E 88 -16.60 -6.74 -19.00
N LEU E 89 -17.06 -7.72 -19.77
CA LEU E 89 -17.38 -7.47 -21.17
C LEU E 89 -18.53 -6.48 -21.31
N LEU E 90 -19.51 -6.56 -20.41
CA LEU E 90 -20.62 -5.61 -20.44
C LEU E 90 -20.12 -4.18 -20.25
N ASP E 91 -19.31 -3.95 -19.21
CA ASP E 91 -18.75 -2.63 -18.99
C ASP E 91 -17.85 -2.20 -20.15
N PHE E 92 -17.13 -3.16 -20.74
CA PHE E 92 -16.25 -2.83 -21.86
C PHE E 92 -17.05 -2.40 -23.08
N LEU E 93 -18.13 -3.12 -23.40
CA LEU E 93 -18.96 -2.74 -24.54
C LEU E 93 -19.62 -1.39 -24.33
N LYS E 94 -19.98 -1.07 -23.09
CA LYS E 94 -20.58 0.23 -22.78
C LYS E 94 -19.53 1.32 -22.58
N GLY E 95 -18.29 0.96 -22.29
CA GLY E 95 -17.28 1.91 -21.90
C GLY E 95 -16.78 2.77 -23.06
N GLU E 96 -15.71 3.51 -22.76
CA GLU E 96 -15.17 4.48 -23.71
C GLU E 96 -14.59 3.80 -24.94
N THR E 97 -13.81 2.74 -24.74
CA THR E 97 -13.18 2.05 -25.86
C THR E 97 -14.14 1.14 -26.62
N GLY E 98 -15.31 0.84 -26.06
CA GLY E 98 -16.26 -0.02 -26.75
C GLY E 98 -16.91 0.62 -27.95
N LYS E 99 -16.83 1.95 -28.08
CA LYS E 99 -17.46 2.63 -29.19
C LYS E 99 -16.70 2.44 -30.50
N TYR E 100 -15.41 2.11 -30.43
CA TYR E 100 -14.60 1.93 -31.63
C TYR E 100 -14.60 0.50 -32.14
N LEU E 101 -15.18 -0.44 -31.40
CA LEU E 101 -15.23 -1.83 -31.83
C LEU E 101 -16.13 -1.97 -33.05
N ARG E 102 -15.62 -2.65 -34.08
CA ARG E 102 -16.38 -2.95 -35.28
C ARG E 102 -16.75 -4.44 -35.29
N LEU E 103 -17.42 -4.84 -36.36
CA LEU E 103 -17.88 -6.22 -36.46
C LEU E 103 -16.77 -7.26 -36.41
N PRO E 104 -15.62 -7.09 -37.08
CA PRO E 104 -14.58 -8.13 -36.99
C PRO E 104 -14.08 -8.40 -35.59
N GLN E 105 -13.99 -7.37 -34.73
CA GLN E 105 -13.57 -7.60 -33.35
C GLN E 105 -14.66 -8.30 -32.55
N LEU E 106 -15.92 -7.89 -32.74
CA LEU E 106 -17.02 -8.44 -31.96
C LEU E 106 -17.29 -9.90 -32.32
N VAL E 107 -17.19 -10.24 -33.60
CA VAL E 107 -17.35 -11.64 -34.00
C VAL E 107 -16.21 -12.48 -33.42
N ASP E 108 -15.00 -11.94 -33.39
CA ASP E 108 -13.87 -12.66 -32.81
C ASP E 108 -14.07 -12.90 -31.33
N MET E 109 -14.57 -11.89 -30.61
CA MET E 109 -14.88 -12.08 -29.19
C MET E 109 -15.95 -13.14 -29.01
N ALA E 110 -16.93 -13.19 -29.93
CA ALA E 110 -17.96 -14.22 -29.86
C ALA E 110 -17.38 -15.59 -30.13
N ALA E 111 -16.41 -15.69 -31.04
CA ALA E 111 -15.77 -16.97 -31.31
C ALA E 111 -14.99 -17.46 -30.10
N GLN E 112 -14.36 -16.54 -29.37
CA GLN E 112 -13.63 -16.95 -28.17
C GLN E 112 -14.58 -17.43 -27.08
N ILE E 113 -15.74 -16.79 -26.95
CA ILE E 113 -16.73 -17.24 -25.99
C ILE E 113 -17.33 -18.58 -26.41
N ALA E 114 -17.61 -18.75 -27.70
CA ALA E 114 -18.11 -20.02 -28.21
C ALA E 114 -17.09 -21.13 -28.01
N SER E 115 -15.79 -20.81 -28.14
CA SER E 115 -14.76 -21.82 -27.92
C SER E 115 -14.74 -22.28 -26.47
N GLY E 116 -14.84 -21.33 -25.53
CA GLY E 116 -14.88 -21.72 -24.12
C GLY E 116 -16.11 -22.52 -23.76
N MET E 117 -17.25 -22.19 -24.36
CA MET E 117 -18.47 -22.94 -24.09
CA MET E 117 -18.47 -22.94 -24.09
C MET E 117 -18.46 -24.30 -24.78
N ALA E 118 -17.70 -24.43 -25.88
CA ALA E 118 -17.55 -25.74 -26.50
C ALA E 118 -16.76 -26.69 -25.61
N TYR E 119 -15.83 -26.15 -24.83
CA TYR E 119 -15.15 -26.94 -23.81
C TYR E 119 -16.11 -27.36 -22.71
N VAL E 120 -16.95 -26.43 -22.25
CA VAL E 120 -18.02 -26.78 -21.31
C VAL E 120 -18.93 -27.82 -21.93
N GLU E 121 -19.20 -27.70 -23.23
CA GLU E 121 -20.06 -28.65 -23.92
C GLU E 121 -19.44 -30.04 -23.95
N ARG E 122 -18.13 -30.13 -24.19
CA ARG E 122 -17.46 -31.43 -24.22
C ARG E 122 -17.43 -32.07 -22.85
N MET E 123 -17.38 -31.27 -21.78
CA MET E 123 -17.30 -31.79 -20.42
C MET E 123 -18.66 -32.17 -19.85
N ASN E 124 -19.74 -32.03 -20.62
CA ASN E 124 -21.10 -32.32 -20.18
C ASN E 124 -21.53 -31.43 -19.02
N TYR E 125 -21.03 -30.20 -18.99
CA TYR E 125 -21.42 -29.20 -18.01
C TYR E 125 -22.43 -28.23 -18.61
N VAL E 126 -23.13 -27.52 -17.74
CA VAL E 126 -23.99 -26.40 -18.12
C VAL E 126 -23.61 -25.20 -17.26
N HIS E 127 -23.69 -24.01 -17.86
CA HIS E 127 -23.27 -22.80 -17.16
C HIS E 127 -24.41 -22.12 -16.42
N ARG E 128 -25.57 -22.00 -17.08
CA ARG E 128 -26.84 -21.51 -16.53
C ARG E 128 -26.87 -20.01 -16.29
N ASP E 129 -25.81 -19.27 -16.62
CA ASP E 129 -25.82 -17.83 -16.44
C ASP E 129 -24.85 -17.17 -17.43
N LEU E 130 -24.94 -17.56 -18.69
CA LEU E 130 -24.08 -16.99 -19.72
C LEU E 130 -24.65 -15.67 -20.22
N ARG E 131 -23.82 -14.63 -20.19
CA ARG E 131 -24.20 -13.28 -20.57
C ARG E 131 -22.94 -12.43 -20.60
N ALA E 132 -23.07 -11.22 -21.15
CA ALA E 132 -21.91 -10.34 -21.26
C ALA E 132 -21.37 -9.91 -19.90
N ALA E 133 -22.24 -9.79 -18.90
CA ALA E 133 -21.78 -9.37 -17.57
C ALA E 133 -20.96 -10.44 -16.87
N ASN E 134 -21.02 -11.68 -17.33
CA ASN E 134 -20.22 -12.76 -16.78
C ASN E 134 -19.06 -13.17 -17.68
N ILE E 135 -18.76 -12.36 -18.70
CA ILE E 135 -17.59 -12.55 -19.54
C ILE E 135 -16.56 -11.50 -19.14
N LEU E 136 -15.30 -11.91 -18.99
CA LEU E 136 -14.22 -11.02 -18.64
C LEU E 136 -13.29 -10.82 -19.84
N VAL E 137 -12.77 -9.61 -19.97
CA VAL E 137 -11.92 -9.23 -21.09
C VAL E 137 -10.51 -8.98 -20.58
N GLY E 138 -9.52 -9.48 -21.32
CA GLY E 138 -8.13 -9.29 -21.00
C GLY E 138 -7.42 -8.43 -22.03
N GLU E 139 -6.09 -8.53 -22.05
CA GLU E 139 -5.30 -7.80 -23.01
C GLU E 139 -5.49 -8.37 -24.41
N ASN E 140 -5.49 -7.48 -25.40
CA ASN E 140 -5.65 -7.85 -26.80
C ASN E 140 -6.99 -8.54 -27.05
N LEU E 141 -8.05 -8.02 -26.43
CA LEU E 141 -9.42 -8.45 -26.67
C LEU E 141 -9.63 -9.93 -26.34
N VAL E 142 -8.87 -10.46 -25.38
CA VAL E 142 -9.09 -11.83 -24.93
C VAL E 142 -10.35 -11.89 -24.09
N CYS E 143 -11.25 -12.79 -24.43
CA CYS E 143 -12.52 -12.97 -23.72
C CYS E 143 -12.54 -14.36 -23.08
N LYS E 144 -12.95 -14.40 -21.81
CA LYS E 144 -13.00 -15.65 -21.06
C LYS E 144 -14.31 -15.72 -20.29
N VAL E 145 -14.87 -16.92 -20.20
CA VAL E 145 -16.13 -17.13 -19.50
C VAL E 145 -15.88 -17.19 -17.99
N ALA E 146 -16.77 -16.56 -17.23
CA ALA E 146 -16.65 -16.53 -15.78
C ALA E 146 -17.96 -16.95 -15.12
N ASP E 147 -18.02 -16.83 -13.79
CA ASP E 147 -19.20 -17.16 -13.01
C ASP E 147 -19.59 -18.63 -13.16
N PHE E 148 -18.99 -19.50 -12.37
CA PHE E 148 -19.29 -20.93 -12.40
C PHE E 148 -20.02 -21.40 -11.14
N GLY E 149 -20.69 -20.48 -10.44
CA GLY E 149 -21.38 -20.86 -9.22
C GLY E 149 -22.58 -21.76 -9.49
N LEU E 150 -23.39 -21.41 -10.48
CA LEU E 150 -24.56 -22.19 -10.84
C LEU E 150 -24.23 -23.38 -11.73
N ALA E 151 -22.96 -23.57 -12.09
CA ALA E 151 -22.59 -24.62 -13.03
C ALA E 151 -22.77 -25.99 -12.39
N ARG E 152 -23.42 -26.90 -13.12
CA ARG E 152 -23.65 -28.27 -12.68
C ARG E 152 -23.19 -29.23 -13.78
N LEU E 153 -23.16 -30.52 -13.43
CA LEU E 153 -22.66 -31.56 -14.32
C LEU E 153 -23.74 -32.62 -14.49
N ILE E 154 -24.31 -32.69 -15.69
CA ILE E 154 -25.26 -33.73 -16.06
C ILE E 154 -25.48 -33.73 -17.57
N ALA E 165 -29.49 -19.15 -7.45
CA ALA E 165 -30.84 -19.49 -7.89
C ALA E 165 -31.63 -18.22 -8.22
N LYS E 166 -31.29 -17.59 -9.34
CA LYS E 166 -31.95 -16.35 -9.75
C LYS E 166 -32.40 -16.43 -11.19
N PHE E 167 -31.44 -16.44 -12.13
CA PHE E 167 -31.65 -16.58 -13.57
C PHE E 167 -32.39 -15.39 -14.16
N PRO E 168 -31.71 -14.55 -14.96
CA PRO E 168 -32.40 -13.44 -15.63
C PRO E 168 -33.24 -13.96 -16.79
N ILE E 169 -34.49 -13.48 -16.87
CA ILE E 169 -35.42 -14.03 -17.85
C ILE E 169 -35.03 -13.63 -19.26
N LYS E 170 -34.44 -12.45 -19.45
CA LYS E 170 -34.11 -11.99 -20.80
C LYS E 170 -33.01 -12.82 -21.45
N TRP E 171 -32.18 -13.50 -20.65
CA TRP E 171 -31.11 -14.34 -21.18
C TRP E 171 -31.39 -15.83 -21.07
N THR E 172 -32.41 -16.22 -20.31
CA THR E 172 -32.67 -17.64 -20.04
C THR E 172 -33.62 -18.23 -21.08
N ALA E 173 -33.34 -19.46 -21.48
CA ALA E 173 -34.23 -20.16 -22.39
C ALA E 173 -35.58 -20.38 -21.73
N PRO E 174 -36.68 -20.29 -22.49
CA PRO E 174 -38.01 -20.39 -21.86
C PRO E 174 -38.25 -21.71 -21.15
N GLU E 175 -37.82 -22.83 -21.74
CA GLU E 175 -37.97 -24.11 -21.07
C GLU E 175 -37.11 -24.20 -19.80
N ALA E 176 -36.05 -23.41 -19.71
CA ALA E 176 -35.22 -23.41 -18.51
C ALA E 176 -35.82 -22.54 -17.41
N ALA E 177 -36.44 -21.42 -17.79
CA ALA E 177 -37.04 -20.54 -16.78
C ALA E 177 -38.39 -21.06 -16.32
N LEU E 178 -39.21 -21.55 -17.25
CA LEU E 178 -40.54 -22.04 -16.88
C LEU E 178 -40.45 -23.38 -16.18
N TYR E 179 -39.73 -24.33 -16.76
CA TYR E 179 -39.75 -25.72 -16.33
C TYR E 179 -38.44 -26.18 -15.71
N GLY E 180 -37.48 -25.28 -15.53
CA GLY E 180 -36.22 -25.65 -14.88
C GLY E 180 -35.32 -26.55 -15.68
N ARG E 181 -35.53 -26.66 -17.00
CA ARG E 181 -34.73 -27.54 -17.85
C ARG E 181 -33.50 -26.77 -18.33
N PHE E 182 -32.44 -26.80 -17.51
CA PHE E 182 -31.17 -26.18 -17.87
C PHE E 182 -30.28 -27.23 -18.53
N THR E 183 -30.00 -27.05 -19.82
CA THR E 183 -29.14 -27.94 -20.57
C THR E 183 -28.08 -27.11 -21.29
N ILE E 184 -27.25 -27.80 -22.09
CA ILE E 184 -26.31 -27.08 -22.93
C ILE E 184 -27.04 -26.29 -24.01
N LYS E 185 -28.25 -26.74 -24.38
CA LYS E 185 -29.03 -26.01 -25.37
C LYS E 185 -29.62 -24.72 -24.79
N SER E 186 -29.88 -24.70 -23.48
CA SER E 186 -30.30 -23.46 -22.83
C SER E 186 -29.15 -22.46 -22.72
N ASP E 187 -27.91 -22.92 -22.74
CA ASP E 187 -26.77 -22.02 -22.83
C ASP E 187 -26.57 -21.50 -24.25
N VAL E 188 -26.90 -22.33 -25.26
CA VAL E 188 -26.87 -21.85 -26.64
C VAL E 188 -27.87 -20.73 -26.84
N TRP E 189 -29.03 -20.83 -26.18
CA TRP E 189 -30.00 -19.74 -26.19
C TRP E 189 -29.38 -18.47 -25.63
N SER E 190 -28.74 -18.57 -24.46
CA SER E 190 -28.16 -17.40 -23.82
C SER E 190 -27.03 -16.80 -24.65
N PHE E 191 -26.25 -17.66 -25.32
CA PHE E 191 -25.20 -17.15 -26.21
C PHE E 191 -25.78 -16.37 -27.36
N GLY E 192 -26.95 -16.78 -27.86
CA GLY E 192 -27.61 -16.02 -28.90
C GLY E 192 -28.03 -14.64 -28.43
N ILE E 193 -28.47 -14.52 -27.17
CA ILE E 193 -28.76 -13.22 -26.60
C ILE E 193 -27.47 -12.42 -26.44
N LEU E 194 -26.38 -13.08 -26.07
CA LEU E 194 -25.09 -12.41 -25.94
C LEU E 194 -24.64 -11.82 -27.28
N LEU E 195 -25.01 -12.45 -28.38
CA LEU E 195 -24.68 -11.91 -29.70
C LEU E 195 -25.34 -10.55 -29.91
N THR E 196 -26.60 -10.41 -29.46
CA THR E 196 -27.26 -9.10 -29.53
C THR E 196 -26.55 -8.09 -28.65
N GLU E 197 -26.03 -8.52 -27.50
CA GLU E 197 -25.24 -7.63 -26.66
C GLU E 197 -23.96 -7.20 -27.36
N LEU E 198 -23.34 -8.12 -28.10
CA LEU E 198 -22.10 -7.79 -28.80
C LEU E 198 -22.35 -6.85 -29.98
N THR E 199 -23.52 -6.93 -30.62
CA THR E 199 -23.82 -6.12 -31.79
C THR E 199 -24.56 -4.83 -31.47
N THR E 200 -24.87 -4.57 -30.19
CA THR E 200 -25.53 -3.34 -29.79
C THR E 200 -24.70 -2.53 -28.80
N LYS E 201 -23.44 -2.91 -28.57
CA LYS E 201 -22.55 -2.23 -27.63
C LYS E 201 -23.11 -2.28 -26.22
N GLY E 202 -23.66 -3.44 -25.83
CA GLY E 202 -24.06 -3.67 -24.47
C GLY E 202 -25.47 -3.26 -24.10
N ARG E 203 -26.34 -3.01 -25.08
CA ARG E 203 -27.71 -2.64 -24.78
C ARG E 203 -28.48 -3.84 -24.24
N VAL E 204 -29.39 -3.56 -23.30
CA VAL E 204 -30.23 -4.63 -22.72
C VAL E 204 -31.10 -5.23 -23.82
N PRO E 205 -31.18 -6.55 -23.93
CA PRO E 205 -32.08 -7.15 -24.93
C PRO E 205 -33.53 -6.83 -24.63
N TYR E 206 -34.36 -6.98 -25.66
CA TYR E 206 -35.79 -6.67 -25.61
C TYR E 206 -35.99 -5.26 -25.07
N PRO E 207 -35.61 -4.23 -25.83
CA PRO E 207 -35.67 -2.86 -25.29
C PRO E 207 -37.11 -2.44 -25.00
N GLY E 208 -37.33 -1.98 -23.77
CA GLY E 208 -38.63 -1.48 -23.36
C GLY E 208 -39.56 -2.52 -22.77
N MET E 209 -39.24 -3.81 -22.90
CA MET E 209 -40.11 -4.87 -22.40
C MET E 209 -39.75 -5.23 -20.97
N VAL E 210 -40.75 -5.25 -20.10
CA VAL E 210 -40.54 -5.67 -18.71
C VAL E 210 -40.26 -7.17 -18.65
N ASN E 211 -39.71 -7.61 -17.52
CA ASN E 211 -39.41 -9.03 -17.33
C ASN E 211 -40.65 -9.90 -17.55
N ARG E 212 -41.77 -9.54 -16.92
CA ARG E 212 -43.00 -10.31 -17.10
C ARG E 212 -43.55 -10.20 -18.51
N GLU E 213 -43.05 -9.29 -19.33
CA GLU E 213 -43.46 -9.20 -20.72
C GLU E 213 -42.60 -10.06 -21.64
N VAL E 214 -41.42 -10.48 -21.20
CA VAL E 214 -40.50 -11.19 -22.08
C VAL E 214 -40.99 -12.61 -22.34
N LEU E 215 -41.24 -13.37 -21.27
CA LEU E 215 -41.61 -14.78 -21.43
C LEU E 215 -42.96 -14.92 -22.12
N ASP E 216 -43.88 -13.97 -21.93
CA ASP E 216 -45.16 -14.03 -22.64
C ASP E 216 -44.96 -13.88 -24.14
N GLN E 217 -44.17 -12.89 -24.56
CA GLN E 217 -43.97 -12.65 -25.99
C GLN E 217 -43.12 -13.76 -26.61
N VAL E 218 -42.09 -14.22 -25.90
CA VAL E 218 -41.19 -15.23 -26.47
C VAL E 218 -41.91 -16.55 -26.67
N GLU E 219 -42.73 -16.96 -25.70
CA GLU E 219 -43.51 -18.18 -25.87
C GLU E 219 -44.52 -18.04 -27.01
N ARG E 220 -45.04 -16.84 -27.23
CA ARG E 220 -45.89 -16.58 -28.38
C ARG E 220 -45.14 -16.75 -29.71
N GLY E 221 -43.82 -16.68 -29.67
CA GLY E 221 -43.00 -16.82 -30.87
C GLY E 221 -42.13 -15.62 -31.17
N TYR E 222 -42.17 -14.56 -30.36
CA TYR E 222 -41.39 -13.36 -30.65
C TYR E 222 -39.90 -13.63 -30.55
N ARG E 223 -39.15 -13.03 -31.47
CA ARG E 223 -37.69 -13.05 -31.45
C ARG E 223 -37.19 -11.66 -31.79
N MET E 224 -36.09 -11.26 -31.17
CA MET E 224 -35.54 -9.93 -31.40
C MET E 224 -35.19 -9.76 -32.87
N PRO E 225 -35.48 -8.61 -33.47
CA PRO E 225 -35.17 -8.42 -34.90
C PRO E 225 -33.69 -8.25 -35.15
N CYS E 226 -33.32 -8.10 -36.41
CA CYS E 226 -31.91 -7.90 -36.76
C CYS E 226 -31.44 -6.55 -36.26
N PRO E 227 -30.41 -6.49 -35.40
CA PRO E 227 -29.95 -5.19 -34.92
C PRO E 227 -29.45 -4.33 -36.07
N PRO E 228 -29.48 -3.01 -35.92
CA PRO E 228 -29.02 -2.13 -37.00
C PRO E 228 -27.55 -2.35 -37.31
N GLU E 229 -27.22 -2.34 -38.60
CA GLU E 229 -25.90 -2.57 -39.17
C GLU E 229 -25.40 -3.99 -38.95
N CYS E 230 -26.19 -4.87 -38.34
CA CYS E 230 -25.80 -6.26 -38.20
C CYS E 230 -26.17 -7.03 -39.45
N PRO E 231 -25.27 -7.84 -40.01
CA PRO E 231 -25.63 -8.64 -41.18
C PRO E 231 -26.69 -9.68 -40.83
N GLU E 232 -27.59 -9.92 -41.79
CA GLU E 232 -28.67 -10.88 -41.57
C GLU E 232 -28.13 -12.29 -41.34
N SER E 233 -26.93 -12.59 -41.84
CA SER E 233 -26.34 -13.91 -41.60
C SER E 233 -26.03 -14.12 -40.13
N LEU E 234 -25.59 -13.07 -39.44
CA LEU E 234 -25.33 -13.18 -38.01
C LEU E 234 -26.62 -13.20 -37.21
N HIS E 235 -27.62 -12.43 -37.64
CA HIS E 235 -28.93 -12.50 -37.00
C HIS E 235 -29.59 -13.85 -37.23
N ASP E 236 -29.37 -14.46 -38.40
CA ASP E 236 -29.88 -15.80 -38.65
C ASP E 236 -29.25 -16.81 -37.71
N LEU E 237 -27.98 -16.60 -37.34
CA LEU E 237 -27.34 -17.45 -36.34
C LEU E 237 -28.02 -17.29 -34.98
N MET E 238 -28.43 -16.06 -34.65
CA MET E 238 -29.12 -15.83 -33.38
C MET E 238 -30.45 -16.59 -33.34
N CYS E 239 -31.22 -16.50 -34.43
CA CYS E 239 -32.52 -17.18 -34.47
C CYS E 239 -32.34 -18.70 -34.40
N GLN E 240 -31.24 -19.22 -34.93
CA GLN E 240 -30.95 -20.64 -34.74
C GLN E 240 -30.71 -20.96 -33.28
N CYS E 241 -30.06 -20.05 -32.55
CA CYS E 241 -29.89 -20.20 -31.11
C CYS E 241 -31.20 -20.01 -30.34
N TRP E 242 -32.26 -19.55 -31.00
CA TRP E 242 -33.52 -19.24 -30.33
C TRP E 242 -34.66 -20.14 -30.80
N ARG E 243 -34.35 -21.27 -31.42
CA ARG E 243 -35.39 -22.20 -31.83
C ARG E 243 -36.19 -22.68 -30.62
N LYS E 244 -37.50 -22.84 -30.81
CA LYS E 244 -38.36 -23.26 -29.70
C LYS E 244 -37.89 -24.56 -29.09
N GLU E 245 -37.65 -25.57 -29.92
CA GLU E 245 -37.21 -26.84 -29.37
C GLU E 245 -35.70 -26.83 -29.18
N PRO E 246 -35.20 -27.16 -27.99
CA PRO E 246 -33.76 -27.05 -27.74
C PRO E 246 -32.89 -27.92 -28.63
N GLU E 247 -33.36 -29.11 -29.01
CA GLU E 247 -32.53 -30.00 -29.81
C GLU E 247 -32.30 -29.48 -31.23
N GLU E 248 -33.14 -28.56 -31.70
CA GLU E 248 -32.92 -27.95 -33.01
C GLU E 248 -31.84 -26.89 -33.00
N ARG E 249 -31.45 -26.41 -31.81
CA ARG E 249 -30.49 -25.32 -31.70
C ARG E 249 -29.07 -25.85 -31.88
N PRO E 250 -28.18 -25.03 -32.44
CA PRO E 250 -26.85 -25.53 -32.81
C PRO E 250 -25.96 -25.77 -31.59
N THR E 251 -24.90 -26.54 -31.81
CA THR E 251 -23.90 -26.78 -30.79
C THR E 251 -22.90 -25.64 -30.74
N PHE E 252 -22.14 -25.59 -29.65
CA PHE E 252 -21.09 -24.59 -29.53
C PHE E 252 -19.89 -24.92 -30.41
N GLU E 253 -19.70 -26.19 -30.76
CA GLU E 253 -18.67 -26.54 -31.74
C GLU E 253 -18.99 -25.95 -33.11
N TYR E 254 -20.26 -26.02 -33.51
CA TYR E 254 -20.69 -25.39 -34.76
C TYR E 254 -20.58 -23.88 -34.68
N LEU E 255 -21.02 -23.29 -33.56
CA LEU E 255 -20.98 -21.84 -33.41
C LEU E 255 -19.55 -21.31 -33.48
N GLN E 256 -18.63 -22.00 -32.81
CA GLN E 256 -17.22 -21.58 -32.84
C GLN E 256 -16.68 -21.63 -34.26
N ALA E 257 -16.91 -22.74 -34.97
CA ALA E 257 -16.40 -22.85 -36.34
C ALA E 257 -17.06 -21.86 -37.28
N PHE E 258 -18.32 -21.53 -37.02
CA PHE E 258 -19.03 -20.56 -37.85
C PHE E 258 -18.48 -19.15 -37.64
N LEU E 259 -18.27 -18.76 -36.39
CA LEU E 259 -17.78 -17.42 -36.09
C LEU E 259 -16.31 -17.26 -36.43
N GLU E 260 -15.53 -18.35 -36.36
CA GLU E 260 -14.12 -18.27 -36.72
C GLU E 260 -13.93 -18.05 -38.22
N ASP E 261 -14.78 -18.67 -39.04
CA ASP E 261 -14.68 -18.59 -40.49
C ASP E 261 -15.66 -17.57 -41.08
N TYR E 262 -16.14 -16.63 -40.27
CA TYR E 262 -17.29 -15.82 -40.66
C TYR E 262 -16.99 -14.95 -41.88
N PHE E 263 -15.90 -14.18 -41.83
CA PHE E 263 -15.66 -13.19 -42.88
C PHE E 263 -15.04 -13.78 -44.14
N THR E 264 -14.73 -15.07 -44.15
CA THR E 264 -14.35 -15.76 -45.38
C THR E 264 -15.48 -16.60 -45.94
N SER E 265 -16.13 -17.41 -45.10
CA SER E 265 -17.13 -18.36 -45.59
C SER E 265 -18.52 -17.75 -45.69
N THR E 266 -18.86 -16.81 -44.81
CA THR E 266 -20.22 -16.31 -44.70
C THR E 266 -20.39 -14.90 -45.25
N GLU E 267 -19.58 -13.95 -44.79
CA GLU E 267 -19.66 -12.55 -45.24
C GLU E 267 -18.31 -12.14 -45.81
N PRO E 268 -18.01 -12.53 -47.05
CA PRO E 268 -16.75 -12.08 -47.68
C PRO E 268 -16.82 -10.66 -48.22
N GLN E 269 -18.03 -10.13 -48.45
CA GLN E 269 -18.21 -8.79 -48.98
C GLN E 269 -18.47 -7.75 -47.90
N TYR E 270 -18.08 -8.05 -46.65
CA TYR E 270 -18.35 -7.15 -45.55
C TYR E 270 -17.59 -5.83 -45.72
N GLN E 271 -18.28 -4.73 -45.43
CA GLN E 271 -17.68 -3.40 -45.42
C GLN E 271 -18.02 -2.73 -44.09
N PRO E 272 -17.04 -2.15 -43.41
CA PRO E 272 -17.34 -1.47 -42.13
C PRO E 272 -18.29 -0.31 -42.32
N GLY E 273 -19.25 -0.19 -41.40
CA GLY E 273 -20.21 0.87 -41.41
C GLY E 273 -19.96 1.91 -40.33
N GLU E 274 -21.03 2.60 -39.94
CA GLU E 274 -20.89 3.64 -38.92
C GLU E 274 -20.61 3.03 -37.55
N ASN E 275 -21.28 1.94 -37.21
CA ASN E 275 -21.15 1.34 -35.89
C ASN E 275 -20.64 -0.10 -35.90
N LEU E 276 -20.84 -0.84 -36.98
CA LEU E 276 -20.38 -2.23 -37.03
C LEU E 276 -19.42 -2.46 -38.20
N ASP F 1 26.99 -6.52 -10.26
CA ASP F 1 26.82 -6.18 -11.67
C ASP F 1 28.12 -5.62 -12.24
N ALA F 2 28.44 -6.03 -13.47
CA ALA F 2 29.66 -5.57 -14.13
C ALA F 2 29.59 -4.10 -14.56
N TRP F 3 28.40 -3.50 -14.58
CA TRP F 3 28.25 -2.11 -15.00
C TRP F 3 28.40 -1.13 -13.85
N GLU F 4 28.19 -1.58 -12.61
CA GLU F 4 28.18 -0.66 -11.47
C GLU F 4 29.56 -0.03 -11.25
N ILE F 5 29.56 1.26 -10.97
CA ILE F 5 30.80 2.01 -10.76
C ILE F 5 30.67 2.82 -9.47
N PRO F 6 31.80 3.21 -8.88
CA PRO F 6 31.74 4.08 -7.70
C PRO F 6 31.19 5.45 -8.05
N ARG F 7 30.46 6.03 -7.08
CA ARG F 7 29.92 7.37 -7.27
C ARG F 7 31.01 8.43 -7.32
N GLU F 8 32.16 8.15 -6.70
CA GLU F 8 33.26 9.11 -6.69
C GLU F 8 33.85 9.32 -8.08
N SER F 9 33.61 8.40 -9.01
CA SER F 9 34.18 8.52 -10.35
C SER F 9 33.58 9.69 -11.11
N LEU F 10 32.25 9.75 -11.15
CA LEU F 10 31.56 10.74 -11.97
C LEU F 10 31.54 12.12 -11.31
N ARG F 11 31.57 13.15 -12.14
CA ARG F 11 31.38 14.53 -11.72
C ARG F 11 30.25 15.14 -12.54
N LEU F 12 29.17 15.52 -11.87
CA LEU F 12 28.08 16.23 -12.54
C LEU F 12 28.45 17.69 -12.69
N GLU F 13 28.41 18.20 -13.93
CA GLU F 13 28.88 19.54 -14.23
C GLU F 13 27.76 20.48 -14.67
N VAL F 14 27.03 20.14 -15.72
CA VAL F 14 25.99 21.01 -16.27
C VAL F 14 24.68 20.24 -16.32
N LYS F 15 23.62 20.83 -15.75
CA LYS F 15 22.29 20.25 -15.86
C LYS F 15 21.73 20.48 -17.25
N LEU F 16 21.27 19.41 -17.89
CA LEU F 16 20.77 19.48 -19.26
C LEU F 16 19.27 19.70 -19.34
N GLY F 17 18.53 19.39 -18.28
CA GLY F 17 17.10 19.57 -18.23
C GLY F 17 16.43 18.37 -17.62
N GLN F 18 15.12 18.27 -17.83
CA GLN F 18 14.33 17.11 -17.42
C GLN F 18 13.90 16.36 -18.68
N GLY F 19 14.57 15.25 -18.96
CA GLY F 19 14.25 14.45 -20.13
C GLY F 19 13.81 13.05 -19.78
N CYS F 20 12.88 12.53 -20.58
CA CYS F 20 12.32 11.18 -20.41
C CYS F 20 11.67 11.03 -19.02
N PHE F 21 12.34 10.34 -18.10
CA PHE F 21 11.77 10.06 -16.80
C PHE F 21 12.67 10.48 -15.64
N GLY F 22 13.52 11.48 -15.86
CA GLY F 22 14.41 11.91 -14.80
C GLY F 22 15.21 13.13 -15.22
N GLU F 23 15.99 13.63 -14.25
CA GLU F 23 16.84 14.79 -14.46
C GLU F 23 18.19 14.34 -15.00
N VAL F 24 18.68 15.03 -16.02
CA VAL F 24 19.87 14.63 -16.76
C VAL F 24 20.94 15.70 -16.61
N TRP F 25 22.20 15.26 -16.65
CA TRP F 25 23.36 16.13 -16.50
C TRP F 25 24.41 15.78 -17.53
N MET F 26 25.29 16.75 -17.80
CA MET F 26 26.49 16.52 -18.58
C MET F 26 27.68 16.49 -17.62
N GLY F 27 28.45 15.41 -17.66
CA GLY F 27 29.56 15.28 -16.74
C GLY F 27 30.78 14.59 -17.31
N THR F 28 31.65 14.11 -16.41
CA THR F 28 32.88 13.41 -16.78
C THR F 28 33.01 12.16 -15.93
N TRP F 29 33.53 11.09 -16.53
CA TRP F 29 33.59 9.79 -15.88
C TRP F 29 34.92 9.56 -15.17
N ASN F 30 36.02 9.59 -15.91
CA ASN F 30 37.35 9.32 -15.35
C ASN F 30 38.33 10.38 -15.84
N GLY F 31 38.05 11.64 -15.50
CA GLY F 31 38.90 12.73 -15.88
C GLY F 31 38.80 13.12 -17.34
N THR F 32 38.76 12.12 -18.24
CA THR F 32 38.71 12.34 -19.68
C THR F 32 37.67 11.39 -20.29
N THR F 33 36.39 11.63 -19.97
CA THR F 33 35.30 10.87 -20.58
C THR F 33 34.02 11.68 -20.41
N ARG F 34 33.72 12.52 -21.41
CA ARG F 34 32.49 13.29 -21.40
C ARG F 34 31.29 12.35 -21.49
N VAL F 35 30.41 12.42 -20.49
CA VAL F 35 29.31 11.48 -20.36
C VAL F 35 28.02 12.26 -20.06
N ALA F 36 26.91 11.51 -20.07
CA ALA F 36 25.61 12.02 -19.67
C ALA F 36 25.09 11.20 -18.51
N ILE F 37 24.51 11.87 -17.51
CA ILE F 37 24.12 11.25 -16.26
C ILE F 37 22.68 11.62 -15.95
N LYS F 38 21.83 10.60 -15.81
CA LYS F 38 20.43 10.80 -15.44
C LYS F 38 20.22 10.36 -14.00
N THR F 39 19.53 11.20 -13.22
CA THR F 39 19.30 10.96 -11.81
C THR F 39 17.83 10.66 -11.56
N LEU F 40 17.57 9.91 -10.49
CA LEU F 40 16.21 9.61 -10.04
C LEU F 40 15.84 10.52 -8.88
N LYS F 41 14.69 11.17 -8.99
CA LYS F 41 14.12 11.88 -7.86
C LYS F 41 13.48 10.88 -6.93
N PRO F 42 13.91 10.78 -5.68
CA PRO F 42 13.67 9.57 -4.87
C PRO F 42 12.21 9.14 -4.73
N GLY F 43 11.26 10.06 -4.70
CA GLY F 43 9.89 9.67 -4.41
C GLY F 43 8.96 9.46 -5.59
N THR F 44 9.45 9.72 -6.81
CA THR F 44 8.53 10.04 -7.90
C THR F 44 8.10 8.81 -8.68
N MET F 45 8.97 7.81 -8.82
CA MET F 45 8.59 6.61 -9.52
C MET F 45 9.05 5.32 -8.84
N SER F 46 9.76 5.41 -7.69
CA SER F 46 10.38 4.33 -6.92
C SER F 46 11.65 3.85 -7.63
N PRO F 47 12.61 3.32 -6.88
CA PRO F 47 13.80 2.74 -7.52
C PRO F 47 13.45 1.49 -8.31
N GLU F 48 14.47 0.85 -8.90
CA GLU F 48 14.30 -0.37 -9.67
C GLU F 48 13.42 -0.16 -10.89
N ALA F 49 12.22 0.39 -10.71
CA ALA F 49 11.42 0.81 -11.84
C ALA F 49 12.15 1.88 -12.67
N PHE F 50 12.92 2.74 -12.00
CA PHE F 50 13.81 3.65 -12.71
C PHE F 50 15.01 2.90 -13.30
N LEU F 51 15.42 1.81 -12.67
CA LEU F 51 16.50 0.98 -13.19
C LEU F 51 16.05 0.08 -14.33
N GLN F 52 14.74 -0.05 -14.56
CA GLN F 52 14.26 -0.94 -15.62
C GLN F 52 14.79 -0.51 -16.99
N GLU F 53 14.91 0.80 -17.21
CA GLU F 53 15.46 1.29 -18.47
C GLU F 53 16.90 0.81 -18.65
N ALA F 54 17.69 0.82 -17.58
CA ALA F 54 19.07 0.35 -17.65
C ALA F 54 19.14 -1.16 -17.92
N GLN F 55 18.09 -1.91 -17.57
CA GLN F 55 18.11 -3.35 -17.80
C GLN F 55 18.08 -3.68 -19.29
N VAL F 56 17.12 -3.11 -20.01
CA VAL F 56 17.02 -3.39 -21.44
C VAL F 56 18.18 -2.75 -22.20
N MET F 57 18.75 -1.66 -21.68
CA MET F 57 19.91 -1.06 -22.31
C MET F 57 21.15 -1.95 -22.21
N LYS F 58 21.16 -2.90 -21.26
CA LYS F 58 22.25 -3.88 -21.21
C LYS F 58 22.10 -4.93 -22.30
N LYS F 59 20.87 -5.27 -22.68
CA LYS F 59 20.66 -6.26 -23.74
C LYS F 59 20.79 -5.62 -25.11
N LEU F 60 20.21 -4.44 -25.31
CA LEU F 60 20.23 -3.75 -26.59
C LEU F 60 21.52 -2.94 -26.73
N ARG F 61 22.36 -3.32 -27.68
CA ARG F 61 23.58 -2.58 -27.97
C ARG F 61 23.70 -2.43 -29.47
N HIS F 62 23.55 -1.20 -29.96
CA HIS F 62 23.57 -0.91 -31.39
C HIS F 62 24.11 0.50 -31.58
N GLU F 63 24.67 0.74 -32.77
CA GLU F 63 25.31 2.03 -33.04
C GLU F 63 24.31 3.18 -33.10
N LYS F 64 23.04 2.89 -33.35
CA LYS F 64 22.00 3.92 -33.40
C LYS F 64 21.11 3.92 -32.16
N LEU F 65 21.56 3.28 -31.09
CA LEU F 65 20.92 3.38 -29.78
C LEU F 65 21.90 4.02 -28.81
N VAL F 66 21.37 4.83 -27.89
CA VAL F 66 22.21 5.43 -26.86
C VAL F 66 22.85 4.33 -26.04
N GLN F 67 24.17 4.27 -26.04
CA GLN F 67 24.89 3.17 -25.40
C GLN F 67 24.99 3.41 -23.90
N LEU F 68 24.66 2.38 -23.12
CA LEU F 68 24.80 2.44 -21.67
C LEU F 68 26.27 2.28 -21.29
N TYR F 69 26.74 3.12 -20.37
CA TYR F 69 28.11 3.06 -19.89
C TYR F 69 28.22 2.50 -18.49
N ALA F 70 27.45 3.02 -17.53
CA ALA F 70 27.60 2.61 -16.15
C ALA F 70 26.31 2.91 -15.39
N VAL F 71 26.14 2.23 -14.26
CA VAL F 71 24.95 2.34 -13.43
C VAL F 71 25.39 2.52 -11.98
N VAL F 72 24.60 3.28 -11.22
CA VAL F 72 24.81 3.45 -9.79
C VAL F 72 23.52 3.04 -9.08
N SER F 73 23.60 2.02 -8.22
CA SER F 73 22.43 1.50 -7.53
C SER F 73 22.25 2.09 -6.14
N GLU F 74 23.25 2.81 -5.62
CA GLU F 74 23.12 3.47 -4.33
C GLU F 74 22.39 4.79 -4.50
N GLU F 75 21.26 4.94 -3.82
CA GLU F 75 20.44 6.14 -3.96
C GLU F 75 21.24 7.37 -3.51
N PRO F 76 21.18 8.48 -4.25
CA PRO F 76 20.39 8.68 -5.48
C PRO F 76 20.95 7.92 -6.68
N ILE F 77 20.07 7.35 -7.48
CA ILE F 77 20.46 6.40 -8.53
C ILE F 77 20.91 7.17 -9.77
N TYR F 78 22.08 6.82 -10.28
CA TYR F 78 22.66 7.43 -11.47
C TYR F 78 22.72 6.41 -12.60
N ILE F 79 22.28 6.81 -13.78
CA ILE F 79 22.46 6.03 -15.01
C ILE F 79 23.29 6.88 -15.97
N VAL F 80 24.41 6.33 -16.42
CA VAL F 80 25.38 7.06 -17.22
C VAL F 80 25.47 6.43 -18.60
N THR F 81 25.32 7.24 -19.63
CA THR F 81 25.40 6.82 -21.02
C THR F 81 26.35 7.73 -21.77
N GLU F 82 26.46 7.51 -23.07
CA GLU F 82 27.19 8.43 -23.93
C GLU F 82 26.48 9.78 -23.98
N TYR F 83 27.27 10.82 -24.27
CA TYR F 83 26.74 12.18 -24.32
C TYR F 83 26.42 12.54 -25.77
N MET F 84 25.18 12.93 -26.02
CA MET F 84 24.74 13.40 -27.33
C MET F 84 24.81 14.93 -27.33
N SER F 85 25.76 15.47 -28.08
CA SER F 85 26.14 16.88 -27.92
C SER F 85 25.07 17.85 -28.40
N LYS F 86 24.09 17.40 -29.18
CA LYS F 86 23.11 18.32 -29.77
C LYS F 86 21.75 18.29 -29.07
N GLY F 87 21.50 17.31 -28.21
CA GLY F 87 20.27 17.29 -27.44
C GLY F 87 19.13 16.59 -28.15
N SER F 88 17.91 16.95 -27.75
CA SER F 88 16.71 16.32 -28.29
C SER F 88 16.53 16.70 -29.75
N LEU F 89 16.06 15.73 -30.55
CA LEU F 89 15.77 16.00 -31.96
C LEU F 89 14.65 17.02 -32.10
N LEU F 90 13.63 16.93 -31.24
CA LEU F 90 12.54 17.91 -31.27
C LEU F 90 13.07 19.32 -31.01
N ASP F 91 13.92 19.47 -30.00
CA ASP F 91 14.56 20.76 -29.76
C ASP F 91 15.46 21.15 -30.92
N PHE F 92 16.12 20.17 -31.54
CA PHE F 92 17.00 20.45 -32.67
C PHE F 92 16.20 20.94 -33.88
N LEU F 93 15.05 20.31 -34.15
CA LEU F 93 14.24 20.70 -35.29
C LEU F 93 13.63 22.09 -35.11
N LYS F 94 13.27 22.44 -33.87
CA LYS F 94 12.70 23.76 -33.59
C LYS F 94 13.76 24.84 -33.46
N GLY F 95 15.02 24.47 -33.27
CA GLY F 95 16.07 25.43 -32.96
C GLY F 95 16.62 26.13 -34.19
N GLU F 96 17.75 26.82 -33.96
CA GLU F 96 18.34 27.64 -35.02
C GLU F 96 18.90 26.80 -36.15
N THR F 97 19.44 25.61 -35.84
CA THR F 97 19.98 24.74 -36.87
C THR F 97 18.89 24.10 -37.72
N GLY F 98 17.65 24.04 -37.22
CA GLY F 98 16.57 23.45 -37.98
C GLY F 98 16.18 24.21 -39.22
N LYS F 99 16.54 25.50 -39.30
CA LYS F 99 16.19 26.30 -40.47
C LYS F 99 16.89 25.77 -41.72
N TYR F 100 18.16 25.43 -41.60
CA TYR F 100 18.98 25.03 -42.75
C TYR F 100 18.85 23.56 -43.09
N LEU F 101 18.21 22.76 -42.24
CA LEU F 101 17.96 21.36 -42.55
C LEU F 101 16.99 21.27 -43.73
N ARG F 102 17.43 20.65 -44.81
CA ARG F 102 16.59 20.36 -45.95
C ARG F 102 16.28 18.87 -46.00
N LEU F 103 15.51 18.47 -47.01
CA LEU F 103 15.08 17.08 -47.11
C LEU F 103 16.22 16.07 -47.12
N PRO F 104 17.36 16.32 -47.81
CA PRO F 104 18.45 15.33 -47.73
C PRO F 104 18.93 15.04 -46.31
N GLN F 105 19.10 16.07 -45.48
CA GLN F 105 19.52 15.84 -44.11
C GLN F 105 18.40 15.23 -43.27
N LEU F 106 17.14 15.59 -43.55
CA LEU F 106 16.04 15.07 -42.77
C LEU F 106 15.75 13.61 -43.10
N VAL F 107 15.96 13.20 -44.35
CA VAL F 107 15.74 11.81 -44.73
C VAL F 107 16.85 10.92 -44.18
N ASP F 108 18.08 11.44 -44.17
CA ASP F 108 19.19 10.66 -43.60
C ASP F 108 19.00 10.46 -42.10
N MET F 109 18.53 11.48 -41.40
CA MET F 109 18.26 11.33 -39.97
C MET F 109 17.15 10.31 -39.73
N ALA F 110 16.15 10.27 -40.62
CA ALA F 110 15.11 9.24 -40.51
C ALA F 110 15.67 7.85 -40.81
N ALA F 111 16.64 7.76 -41.73
CA ALA F 111 17.24 6.47 -42.03
C ALA F 111 18.02 5.92 -40.84
N GLN F 112 18.75 6.80 -40.14
CA GLN F 112 19.45 6.38 -38.93
C GLN F 112 18.46 5.87 -37.88
N ILE F 113 17.34 6.57 -37.71
CA ILE F 113 16.33 6.14 -36.75
C ILE F 113 15.72 4.81 -37.16
N ALA F 114 15.41 4.66 -38.46
CA ALA F 114 14.89 3.38 -38.93
C ALA F 114 15.91 2.27 -38.75
N SER F 115 17.21 2.58 -38.91
CA SER F 115 18.25 1.58 -38.69
C SER F 115 18.30 1.16 -37.23
N GLY F 116 18.22 2.13 -36.31
CA GLY F 116 18.19 1.78 -34.90
C GLY F 116 16.93 1.00 -34.53
N MET F 117 15.79 1.39 -35.11
CA MET F 117 14.56 0.64 -34.89
C MET F 117 14.56 -0.70 -35.61
N ALA F 118 15.37 -0.85 -36.67
CA ALA F 118 15.49 -2.15 -37.31
C ALA F 118 16.23 -3.14 -36.42
N TYR F 119 17.20 -2.65 -35.63
CA TYR F 119 17.84 -3.50 -34.65
C TYR F 119 16.85 -3.92 -33.56
N VAL F 120 16.05 -2.98 -33.06
CA VAL F 120 14.98 -3.30 -32.12
C VAL F 120 14.03 -4.32 -32.73
N GLU F 121 13.84 -4.29 -34.05
CA GLU F 121 12.88 -5.17 -34.70
C GLU F 121 13.35 -6.62 -34.66
N ARG F 122 14.59 -6.88 -35.10
CA ARG F 122 15.09 -8.24 -35.13
C ARG F 122 15.48 -8.77 -33.76
N MET F 123 15.59 -7.91 -32.75
CA MET F 123 15.77 -8.36 -31.38
C MET F 123 14.45 -8.72 -30.70
N ASN F 124 13.33 -8.61 -31.41
CA ASN F 124 12.01 -8.97 -30.91
C ASN F 124 11.59 -8.08 -29.73
N TYR F 125 11.90 -6.80 -29.83
CA TYR F 125 11.51 -5.81 -28.84
C TYR F 125 10.47 -4.86 -29.42
N VAL F 126 9.92 -4.01 -28.55
CA VAL F 126 8.98 -2.96 -28.94
C VAL F 126 9.31 -1.72 -28.12
N HIS F 127 9.36 -0.56 -28.78
CA HIS F 127 9.79 0.65 -28.10
C HIS F 127 8.65 1.29 -27.32
N ARG F 128 7.49 1.47 -27.96
CA ARG F 128 6.23 1.94 -27.40
C ARG F 128 6.24 3.44 -27.08
N ASP F 129 7.32 4.17 -27.36
CA ASP F 129 7.36 5.60 -27.09
C ASP F 129 8.25 6.30 -28.11
N LEU F 130 8.11 5.94 -29.37
CA LEU F 130 8.94 6.51 -30.43
C LEU F 130 8.37 7.85 -30.87
N ARG F 131 9.18 8.90 -30.73
CA ARG F 131 8.83 10.24 -31.16
C ARG F 131 10.10 11.07 -31.19
N ALA F 132 9.99 12.28 -31.77
CA ALA F 132 11.18 13.12 -31.92
C ALA F 132 11.75 13.55 -30.58
N ALA F 133 10.90 13.67 -29.55
CA ALA F 133 11.39 14.04 -28.23
C ALA F 133 12.22 12.95 -27.59
N ASN F 134 12.08 11.71 -28.04
CA ASN F 134 12.84 10.57 -27.52
C ASN F 134 14.00 10.19 -28.45
N ILE F 135 14.36 11.05 -29.39
CA ILE F 135 15.51 10.87 -30.25
C ILE F 135 16.55 11.91 -29.88
N LEU F 136 17.78 11.46 -29.66
CA LEU F 136 18.89 12.33 -29.32
C LEU F 136 19.79 12.51 -30.52
N VAL F 137 20.30 13.72 -30.70
CA VAL F 137 21.15 14.08 -31.83
C VAL F 137 22.56 14.34 -31.32
N GLY F 138 23.55 13.87 -32.08
CA GLY F 138 24.94 14.10 -31.75
C GLY F 138 25.68 14.87 -32.83
N GLU F 139 27.00 14.78 -32.82
CA GLU F 139 27.78 15.45 -33.86
C GLU F 139 27.57 14.78 -35.21
N ASN F 140 27.73 15.58 -36.27
CA ASN F 140 27.59 15.11 -37.66
C ASN F 140 26.19 14.55 -37.93
N LEU F 141 25.17 15.14 -37.28
CA LEU F 141 23.77 14.77 -37.48
C LEU F 141 23.49 13.32 -37.10
N VAL F 142 24.28 12.76 -36.18
CA VAL F 142 24.02 11.41 -35.70
C VAL F 142 22.73 11.41 -34.87
N CYS F 143 21.81 10.51 -35.22
CA CYS F 143 20.55 10.36 -34.52
C CYS F 143 20.48 8.98 -33.89
N LYS F 144 20.14 8.93 -32.60
CA LYS F 144 20.06 7.67 -31.87
C LYS F 144 18.76 7.60 -31.09
N VAL F 145 18.17 6.41 -31.06
CA VAL F 145 16.91 6.19 -30.35
C VAL F 145 17.18 6.12 -28.86
N ALA F 146 16.29 6.73 -28.07
CA ALA F 146 16.40 6.70 -26.62
C ALA F 146 15.07 6.27 -26.00
N ASP F 147 14.94 6.47 -24.68
CA ASP F 147 13.73 6.13 -23.92
C ASP F 147 13.37 4.66 -24.08
N PHE F 148 14.10 3.79 -23.39
CA PHE F 148 13.83 2.36 -23.38
C PHE F 148 13.12 1.91 -22.10
N GLY F 149 12.60 2.86 -21.31
CA GLY F 149 11.96 2.49 -20.07
C GLY F 149 10.68 1.70 -20.28
N LEU F 150 9.92 2.03 -21.32
CA LEU F 150 8.71 1.32 -21.65
C LEU F 150 8.94 0.12 -22.57
N ALA F 151 10.17 -0.10 -23.00
CA ALA F 151 10.46 -1.19 -23.93
C ALA F 151 10.34 -2.55 -23.23
N ARG F 152 9.87 -3.54 -23.99
CA ARG F 152 9.69 -4.88 -23.46
C ARG F 152 9.96 -5.89 -24.56
N LEU F 153 10.09 -7.16 -24.16
CA LEU F 153 10.50 -8.26 -25.03
C LEU F 153 9.30 -9.07 -25.52
N ILE F 154 8.30 -8.39 -26.07
CA ILE F 154 7.12 -9.03 -26.65
C ILE F 154 6.48 -10.03 -25.68
N ALA F 165 3.18 3.09 -17.99
CA ALA F 165 1.94 3.63 -18.58
C ALA F 165 2.13 5.06 -19.09
N LYS F 166 1.09 5.56 -19.76
CA LYS F 166 1.05 6.83 -20.50
C LYS F 166 1.53 6.64 -21.93
N PHE F 167 0.63 6.86 -22.90
CA PHE F 167 0.97 6.85 -24.31
C PHE F 167 0.15 7.91 -25.04
N PRO F 168 0.79 8.96 -25.57
CA PRO F 168 0.05 9.97 -26.32
C PRO F 168 -0.41 9.41 -27.66
N ILE F 169 -1.72 9.53 -27.93
CA ILE F 169 -2.29 8.89 -29.11
C ILE F 169 -1.99 9.63 -30.40
N LYS F 170 -1.47 10.86 -30.33
CA LYS F 170 -1.03 11.54 -31.54
C LYS F 170 0.12 10.78 -32.21
N TRP F 171 0.95 10.11 -31.41
CA TRP F 171 2.03 9.27 -31.93
C TRP F 171 1.74 7.78 -31.85
N THR F 172 0.75 7.38 -31.05
CA THR F 172 0.51 5.97 -30.77
C THR F 172 -0.48 5.39 -31.78
N ALA F 173 -0.19 4.16 -32.22
CA ALA F 173 -1.07 3.47 -33.14
C ALA F 173 -2.43 3.26 -32.48
N PRO F 174 -3.53 3.35 -33.24
CA PRO F 174 -4.86 3.28 -32.61
C PRO F 174 -5.16 1.96 -31.92
N GLU F 175 -4.70 0.84 -32.48
CA GLU F 175 -4.93 -0.45 -31.83
C GLU F 175 -4.14 -0.59 -30.53
N ALA F 176 -3.04 0.17 -30.38
CA ALA F 176 -2.28 0.13 -29.14
C ALA F 176 -2.91 1.02 -28.08
N ALA F 177 -3.43 2.19 -28.49
CA ALA F 177 -4.09 3.08 -27.53
C ALA F 177 -5.41 2.49 -27.04
N LEU F 178 -6.19 1.91 -27.95
CA LEU F 178 -7.51 1.40 -27.60
C LEU F 178 -7.42 0.09 -26.83
N TYR F 179 -6.66 -0.88 -27.35
CA TYR F 179 -6.68 -2.23 -26.83
C TYR F 179 -5.37 -2.69 -26.22
N GLY F 180 -4.35 -1.83 -26.16
CA GLY F 180 -3.08 -2.24 -25.61
C GLY F 180 -2.27 -3.15 -26.52
N ARG F 181 -2.52 -3.11 -27.82
CA ARG F 181 -1.81 -3.97 -28.78
C ARG F 181 -0.52 -3.26 -29.20
N PHE F 182 0.51 -3.40 -28.37
CA PHE F 182 1.81 -2.82 -28.65
C PHE F 182 2.68 -3.86 -29.35
N THR F 183 3.01 -3.59 -30.61
CA THR F 183 3.84 -4.46 -31.42
C THR F 183 4.88 -3.62 -32.14
N ILE F 184 5.73 -4.28 -32.93
CA ILE F 184 6.68 -3.53 -33.75
C ILE F 184 5.94 -2.71 -34.81
N LYS F 185 4.74 -3.15 -35.19
CA LYS F 185 3.93 -2.39 -36.15
C LYS F 185 3.37 -1.13 -35.54
N SER F 186 3.06 -1.15 -34.23
CA SER F 186 2.66 0.08 -33.56
C SER F 186 3.82 1.05 -33.42
N ASP F 187 5.06 0.56 -33.45
CA ASP F 187 6.21 1.46 -33.54
C ASP F 187 6.36 2.03 -34.94
N VAL F 188 6.01 1.26 -35.98
CA VAL F 188 6.08 1.78 -37.34
C VAL F 188 5.08 2.92 -37.52
N TRP F 189 3.90 2.80 -36.93
CA TRP F 189 2.95 3.92 -36.92
C TRP F 189 3.58 5.15 -36.31
N SER F 190 4.23 4.99 -35.15
CA SER F 190 4.90 6.12 -34.49
C SER F 190 6.02 6.68 -35.37
N PHE F 191 6.70 5.83 -36.13
CA PHE F 191 7.74 6.30 -37.03
C PHE F 191 7.14 7.18 -38.13
N GLY F 192 5.95 6.82 -38.63
CA GLY F 192 5.30 7.66 -39.62
C GLY F 192 4.93 9.02 -39.08
N ILE F 193 4.48 9.08 -37.82
CA ILE F 193 4.25 10.37 -37.17
C ILE F 193 5.57 11.11 -37.00
N LEU F 194 6.64 10.37 -36.73
CA LEU F 194 7.96 11.01 -36.59
C LEU F 194 8.43 11.62 -37.91
N LEU F 195 8.04 11.03 -39.05
CA LEU F 195 8.39 11.60 -40.33
C LEU F 195 7.76 12.98 -40.52
N THR F 196 6.53 13.15 -40.04
CA THR F 196 5.88 14.45 -40.14
C THR F 196 6.56 15.48 -39.26
N GLU F 197 7.09 15.07 -38.11
CA GLU F 197 7.86 15.99 -37.28
C GLU F 197 9.13 16.43 -37.98
N LEU F 198 9.76 15.53 -38.73
CA LEU F 198 10.96 15.90 -39.48
C LEU F 198 10.63 16.87 -40.62
N THR F 199 9.54 16.62 -41.34
CA THR F 199 9.20 17.43 -42.50
C THR F 199 8.48 18.72 -42.15
N THR F 200 8.10 18.92 -40.89
CA THR F 200 7.49 20.17 -40.46
C THR F 200 8.38 20.93 -39.48
N LYS F 201 9.63 20.51 -39.30
CA LYS F 201 10.56 21.13 -38.36
C LYS F 201 10.02 21.08 -36.93
N GLY F 202 9.40 19.96 -36.57
CA GLY F 202 9.02 19.71 -35.20
C GLY F 202 7.67 20.21 -34.77
N ARG F 203 6.74 20.47 -35.70
CA ARG F 203 5.40 20.87 -35.33
C ARG F 203 4.66 19.70 -34.70
N VAL F 204 3.76 20.02 -33.77
CA VAL F 204 2.93 18.98 -33.16
C VAL F 204 1.99 18.40 -34.22
N PRO F 205 1.96 17.09 -34.41
CA PRO F 205 1.11 16.51 -35.45
C PRO F 205 -0.37 16.72 -35.14
N TYR F 206 -1.19 16.59 -36.20
CA TYR F 206 -2.62 16.86 -36.13
C TYR F 206 -2.87 18.24 -35.57
N PRO F 207 -2.49 19.31 -36.29
CA PRO F 207 -2.56 20.66 -35.72
C PRO F 207 -4.00 21.08 -35.44
N GLY F 208 -4.22 21.60 -34.23
CA GLY F 208 -5.52 22.11 -33.85
C GLY F 208 -6.51 21.06 -33.37
N MET F 209 -6.06 19.83 -33.13
CA MET F 209 -6.93 18.76 -32.66
C MET F 209 -6.53 18.36 -31.25
N VAL F 210 -7.54 18.11 -30.41
CA VAL F 210 -7.33 17.60 -29.05
C VAL F 210 -7.28 16.08 -29.14
N ASN F 211 -6.83 15.42 -28.07
CA ASN F 211 -6.60 13.97 -28.10
C ASN F 211 -7.83 13.21 -28.57
N ARG F 212 -8.98 13.44 -27.91
CA ARG F 212 -10.19 12.70 -28.27
C ARG F 212 -10.59 12.94 -29.72
N GLU F 213 -10.28 14.12 -30.27
CA GLU F 213 -10.54 14.35 -31.68
C GLU F 213 -9.61 13.51 -32.56
N VAL F 214 -8.37 13.31 -32.11
CA VAL F 214 -7.42 12.51 -32.88
C VAL F 214 -7.88 11.06 -32.96
N LEU F 215 -8.39 10.53 -31.85
CA LEU F 215 -8.80 9.12 -31.82
C LEU F 215 -10.03 8.88 -32.69
N ASP F 216 -11.01 9.78 -32.63
CA ASP F 216 -12.22 9.61 -33.43
C ASP F 216 -11.93 9.77 -34.92
N GLN F 217 -11.09 10.75 -35.28
CA GLN F 217 -10.80 11.00 -36.68
C GLN F 217 -9.99 9.86 -37.30
N VAL F 218 -8.95 9.42 -36.59
CA VAL F 218 -8.08 8.37 -37.13
C VAL F 218 -8.85 7.06 -37.30
N GLU F 219 -9.73 6.76 -36.34
CA GLU F 219 -10.51 5.52 -36.43
C GLU F 219 -11.46 5.54 -37.61
N ARG F 220 -11.94 6.71 -38.02
CA ARG F 220 -12.76 6.80 -39.22
C ARG F 220 -11.94 6.88 -40.50
N GLY F 221 -10.62 6.84 -40.40
CA GLY F 221 -9.75 6.80 -41.56
C GLY F 221 -9.00 8.08 -41.87
N TYR F 222 -9.12 9.11 -41.03
CA TYR F 222 -8.41 10.35 -41.30
C TYR F 222 -6.91 10.16 -41.13
N ARG F 223 -6.16 10.73 -42.06
CA ARG F 223 -4.70 10.73 -42.01
C ARG F 223 -4.20 12.14 -42.30
N MET F 224 -3.04 12.46 -41.74
CA MET F 224 -2.48 13.79 -41.96
C MET F 224 -2.11 13.97 -43.43
N PRO F 225 -2.40 15.13 -44.01
CA PRO F 225 -2.09 15.35 -45.43
C PRO F 225 -0.59 15.54 -45.64
N CYS F 226 -0.22 15.62 -46.92
CA CYS F 226 1.16 15.81 -47.28
C CYS F 226 1.65 17.18 -46.82
N PRO F 227 2.69 17.25 -45.98
CA PRO F 227 3.17 18.55 -45.53
C PRO F 227 3.66 19.38 -46.71
N PRO F 228 3.62 20.70 -46.60
CA PRO F 228 4.08 21.54 -47.71
C PRO F 228 5.55 21.31 -48.02
N GLU F 229 5.87 21.29 -49.30
CA GLU F 229 7.19 21.01 -49.88
C GLU F 229 7.67 19.59 -49.62
N CYS F 230 6.86 18.76 -48.98
CA CYS F 230 7.21 17.35 -48.82
C CYS F 230 6.80 16.59 -50.08
N PRO F 231 7.67 15.75 -50.63
CA PRO F 231 7.28 14.98 -51.81
C PRO F 231 6.19 13.96 -51.47
N GLU F 232 5.37 13.65 -52.48
CA GLU F 232 4.29 12.68 -52.28
C GLU F 232 4.82 11.28 -52.04
N SER F 233 6.02 10.97 -52.56
CA SER F 233 6.61 9.65 -52.32
C SER F 233 6.94 9.47 -50.84
N LEU F 234 7.42 10.51 -50.18
CA LEU F 234 7.69 10.42 -48.74
C LEU F 234 6.40 10.42 -47.95
N HIS F 235 5.40 11.19 -48.40
CA HIS F 235 4.09 11.14 -47.74
C HIS F 235 3.42 9.79 -47.94
N ASP F 236 3.66 9.14 -49.08
CA ASP F 236 3.13 7.80 -49.30
C ASP F 236 3.73 6.82 -48.30
N LEU F 237 5.00 7.00 -47.96
CA LEU F 237 5.63 6.16 -46.95
C LEU F 237 4.97 6.36 -45.59
N MET F 238 4.52 7.58 -45.28
CA MET F 238 3.82 7.81 -44.03
C MET F 238 2.47 7.12 -44.01
N CYS F 239 1.74 7.15 -45.14
CA CYS F 239 0.40 6.59 -45.18
C CYS F 239 0.41 5.07 -45.04
N GLN F 240 1.43 4.39 -45.57
CA GLN F 240 1.54 2.96 -45.33
C GLN F 240 2.04 2.66 -43.93
N CYS F 241 2.78 3.58 -43.31
CA CYS F 241 3.05 3.48 -41.88
C CYS F 241 1.78 3.67 -41.06
N TRP F 242 0.73 4.25 -41.66
CA TRP F 242 -0.53 4.51 -40.97
C TRP F 242 -1.66 3.61 -41.47
N ARG F 243 -1.34 2.46 -42.05
CA ARG F 243 -2.38 1.54 -42.49
C ARG F 243 -3.15 1.02 -41.29
N LYS F 244 -4.46 0.82 -41.48
CA LYS F 244 -5.31 0.39 -40.38
C LYS F 244 -4.87 -0.97 -39.84
N GLU F 245 -4.58 -1.91 -40.71
CA GLU F 245 -4.14 -3.23 -40.28
C GLU F 245 -2.65 -3.20 -39.95
N PRO F 246 -2.25 -3.57 -38.73
CA PRO F 246 -0.81 -3.53 -38.39
C PRO F 246 0.05 -4.41 -39.29
N GLU F 247 -0.47 -5.57 -39.71
CA GLU F 247 0.31 -6.49 -40.53
C GLU F 247 0.61 -5.93 -41.91
N GLU F 248 -0.19 -4.98 -42.39
CA GLU F 248 0.04 -4.37 -43.69
C GLU F 248 1.06 -3.24 -43.64
N ARG F 249 1.52 -2.85 -42.46
CA ARG F 249 2.47 -1.76 -42.34
C ARG F 249 3.90 -2.27 -42.55
N PRO F 250 4.76 -1.45 -43.15
CA PRO F 250 6.09 -1.94 -43.53
C PRO F 250 6.98 -2.19 -42.31
N THR F 251 8.00 -3.01 -42.54
CA THR F 251 9.00 -3.28 -41.52
C THR F 251 10.02 -2.14 -41.45
N PHE F 252 10.78 -2.12 -40.36
CA PHE F 252 11.84 -1.13 -40.23
C PHE F 252 13.04 -1.44 -41.11
N GLU F 253 13.23 -2.70 -41.50
CA GLU F 253 14.25 -3.02 -42.48
C GLU F 253 13.94 -2.38 -43.83
N TYR F 254 12.67 -2.45 -44.25
CA TYR F 254 12.26 -1.79 -45.49
C TYR F 254 12.37 -0.28 -45.35
N LEU F 255 11.89 0.28 -44.23
CA LEU F 255 11.96 1.72 -44.03
C LEU F 255 13.40 2.22 -44.07
N GLN F 256 14.32 1.46 -43.47
CA GLN F 256 15.73 1.84 -43.51
C GLN F 256 16.26 1.85 -44.94
N ALA F 257 16.06 0.75 -45.67
CA ALA F 257 16.58 0.66 -47.03
C ALA F 257 15.92 1.66 -47.95
N PHE F 258 14.64 1.98 -47.72
CA PHE F 258 13.95 2.96 -48.55
C PHE F 258 14.54 4.36 -48.35
N LEU F 259 14.76 4.74 -47.09
CA LEU F 259 15.23 6.10 -46.81
C LEU F 259 16.71 6.27 -47.17
N GLU F 260 17.51 5.21 -47.04
CA GLU F 260 18.91 5.29 -47.41
C GLU F 260 19.09 5.56 -48.90
N ASP F 261 18.29 4.88 -49.73
CA ASP F 261 18.38 5.00 -51.18
C ASP F 261 17.39 6.00 -51.76
N TYR F 262 16.85 6.89 -50.92
CA TYR F 262 15.67 7.68 -51.32
C TYR F 262 15.98 8.60 -52.50
N PHE F 263 17.10 9.30 -52.47
CA PHE F 263 17.38 10.33 -53.46
C PHE F 263 18.03 9.77 -54.73
N THR F 264 18.16 8.45 -54.84
CA THR F 264 18.55 7.80 -56.09
C THR F 264 17.41 6.96 -56.68
N SER F 265 16.78 6.13 -55.86
CA SER F 265 15.76 5.21 -56.35
C SER F 265 14.36 5.80 -56.36
N THR F 266 14.08 6.78 -55.51
CA THR F 266 12.72 7.29 -55.35
C THR F 266 12.54 8.72 -55.83
N GLU F 267 13.47 9.62 -55.51
CA GLU F 267 13.44 11.00 -55.98
C GLU F 267 14.81 11.37 -56.55
N PRO F 268 15.17 10.83 -57.73
CA PRO F 268 16.46 11.17 -58.32
C PRO F 268 16.51 12.58 -58.91
N GLN F 269 15.36 13.23 -59.10
CA GLN F 269 15.31 14.58 -59.63
C GLN F 269 14.84 15.59 -58.58
N TYR F 270 15.16 15.32 -57.31
CA TYR F 270 14.81 16.25 -56.24
C TYR F 270 15.57 17.55 -56.40
N GLN F 271 14.89 18.66 -56.08
CA GLN F 271 15.49 19.98 -56.10
C GLN F 271 15.10 20.71 -54.82
N PRO F 272 16.07 21.25 -54.07
CA PRO F 272 15.75 21.91 -52.81
C PRO F 272 14.85 23.12 -53.01
N GLY F 273 13.82 23.23 -52.19
CA GLY F 273 12.88 24.32 -52.21
C GLY F 273 13.16 25.36 -51.15
N GLU F 274 12.10 26.02 -50.69
CA GLU F 274 12.25 27.07 -49.70
C GLU F 274 12.54 26.49 -48.32
N ASN F 275 11.84 25.43 -47.93
CA ASN F 275 11.99 24.85 -46.61
C ASN F 275 12.48 23.41 -46.61
N LEU F 276 12.15 22.62 -47.64
CA LEU F 276 12.59 21.24 -47.70
C LEU F 276 13.48 21.01 -48.92
N ASP G 1 -47.86 31.24 -41.91
CA ASP G 1 -47.70 29.79 -41.91
C ASP G 1 -48.91 29.10 -41.28
N ALA G 2 -48.82 27.78 -41.14
CA ALA G 2 -49.92 27.01 -40.58
C ALA G 2 -50.02 27.15 -39.06
N TRP G 3 -49.03 27.76 -38.40
CA TRP G 3 -49.09 27.92 -36.96
C TRP G 3 -49.98 29.09 -36.54
N GLU G 4 -50.15 30.08 -37.41
CA GLU G 4 -50.88 31.28 -37.06
C GLU G 4 -52.36 30.97 -36.86
N ILE G 5 -52.93 31.46 -35.76
CA ILE G 5 -54.34 31.27 -35.45
C ILE G 5 -54.93 32.60 -35.00
N PRO G 6 -56.25 32.75 -35.09
CA PRO G 6 -56.89 34.00 -34.63
C PRO G 6 -56.85 34.11 -33.12
N ARG G 7 -57.31 35.27 -32.63
CA ARG G 7 -57.30 35.58 -31.21
C ARG G 7 -58.55 35.08 -30.49
N GLU G 8 -59.71 35.17 -31.13
CA GLU G 8 -60.97 34.79 -30.49
C GLU G 8 -61.05 33.30 -30.17
N SER G 9 -60.16 32.47 -30.73
CA SER G 9 -60.23 31.05 -30.46
C SER G 9 -59.76 30.73 -29.05
N LEU G 10 -58.74 31.44 -28.57
CA LEU G 10 -58.14 31.14 -27.27
C LEU G 10 -59.02 31.62 -26.13
N ARG G 11 -59.04 30.84 -25.05
CA ARG G 11 -59.74 31.18 -23.81
C ARG G 11 -58.75 31.01 -22.65
N LEU G 12 -58.15 32.11 -22.20
CA LEU G 12 -57.24 32.07 -21.07
C LEU G 12 -58.05 32.01 -19.78
N GLU G 13 -57.93 30.92 -19.05
CA GLU G 13 -58.85 30.60 -17.95
C GLU G 13 -58.21 30.71 -16.57
N VAL G 14 -57.08 30.04 -16.34
CA VAL G 14 -56.41 30.06 -15.04
C VAL G 14 -54.94 30.36 -15.25
N LYS G 15 -54.43 31.34 -14.50
CA LYS G 15 -53.03 31.71 -14.61
C LYS G 15 -52.15 30.69 -13.91
N LEU G 16 -51.18 30.14 -14.65
CA LEU G 16 -50.31 29.11 -14.10
C LEU G 16 -49.13 29.66 -13.30
N GLY G 17 -48.77 30.92 -13.52
CA GLY G 17 -47.71 31.57 -12.79
C GLY G 17 -46.75 32.28 -13.72
N GLN G 18 -45.66 32.78 -13.14
CA GLN G 18 -44.62 33.46 -13.91
C GLN G 18 -43.74 32.39 -14.57
N GLY G 19 -43.91 32.22 -15.88
CA GLY G 19 -43.16 31.21 -16.60
C GLY G 19 -41.71 31.58 -16.85
N CYS G 20 -41.15 31.08 -17.95
CA CYS G 20 -39.76 31.33 -18.31
C CYS G 20 -39.56 32.82 -18.65
N PHE G 21 -40.15 33.25 -19.75
CA PHE G 21 -40.01 34.64 -20.19
C PHE G 21 -41.20 35.48 -19.76
N GLY G 22 -42.41 35.05 -20.13
CA GLY G 22 -43.61 35.78 -19.79
C GLY G 22 -44.57 35.00 -18.91
N GLU G 23 -45.82 35.44 -18.86
CA GLU G 23 -46.83 34.76 -18.07
C GLU G 23 -47.36 33.55 -18.82
N VAL G 24 -47.67 32.49 -18.08
CA VAL G 24 -48.19 31.25 -18.65
C VAL G 24 -49.60 31.02 -18.12
N TRP G 25 -50.52 30.70 -19.02
CA TRP G 25 -51.91 30.45 -18.68
C TRP G 25 -52.32 29.07 -19.15
N MET G 26 -53.36 28.54 -18.50
CA MET G 26 -54.04 27.33 -18.97
C MET G 26 -55.35 27.72 -19.61
N GLY G 27 -55.68 27.10 -20.73
CA GLY G 27 -56.90 27.46 -21.42
C GLY G 27 -57.31 26.45 -22.46
N THR G 28 -58.07 26.92 -23.44
CA THR G 28 -58.65 26.07 -24.48
C THR G 28 -58.40 26.72 -25.83
N TRP G 29 -57.92 25.92 -26.79
CA TRP G 29 -57.50 26.45 -28.10
C TRP G 29 -58.71 26.74 -28.98
N ASN G 30 -59.54 25.73 -29.22
CA ASN G 30 -60.78 25.92 -29.95
C ASN G 30 -61.95 25.43 -29.10
N GLY G 31 -62.20 24.13 -29.13
CA GLY G 31 -63.21 23.51 -28.30
C GLY G 31 -62.73 22.23 -27.66
N THR G 32 -62.65 22.24 -26.32
CA THR G 32 -62.28 21.06 -25.52
C THR G 32 -60.95 20.47 -25.96
N THR G 33 -59.91 21.29 -25.89
CA THR G 33 -58.54 20.85 -26.15
C THR G 33 -57.65 20.91 -24.91
N ARG G 34 -57.72 22.01 -24.15
CA ARG G 34 -56.85 22.30 -23.02
C ARG G 34 -55.41 22.47 -23.47
N VAL G 35 -54.92 23.71 -23.40
CA VAL G 35 -53.57 24.06 -23.84
C VAL G 35 -52.94 24.96 -22.78
N ALA G 36 -51.70 25.37 -23.04
CA ALA G 36 -51.00 26.35 -22.24
C ALA G 36 -50.71 27.57 -23.10
N ILE G 37 -50.99 28.76 -22.56
CA ILE G 37 -50.84 30.01 -23.30
C ILE G 37 -49.79 30.86 -22.62
N LYS G 38 -48.85 31.37 -23.40
CA LYS G 38 -47.76 32.21 -22.92
C LYS G 38 -47.93 33.61 -23.46
N THR G 39 -47.92 34.60 -22.56
CA THR G 39 -48.14 35.99 -22.93
C THR G 39 -46.88 36.82 -22.71
N LEU G 40 -46.76 37.89 -23.49
CA LEU G 40 -45.67 38.84 -23.37
C LEU G 40 -46.16 40.07 -22.61
N LYS G 41 -45.40 40.51 -21.62
CA LYS G 41 -45.70 41.75 -20.91
C LYS G 41 -45.09 42.91 -21.67
N PRO G 42 -45.90 43.83 -22.22
CA PRO G 42 -45.34 44.91 -23.04
C PRO G 42 -44.39 45.80 -22.25
N GLY G 43 -43.25 46.12 -22.86
CA GLY G 43 -42.24 46.94 -22.25
C GLY G 43 -41.12 46.17 -21.58
N THR G 44 -41.31 44.86 -21.35
CA THR G 44 -40.29 44.05 -20.70
C THR G 44 -39.15 43.77 -21.68
N MET G 45 -38.23 42.89 -21.27
CA MET G 45 -37.02 42.65 -22.05
C MET G 45 -37.30 42.09 -23.43
N SER G 46 -38.43 41.45 -23.63
CA SER G 46 -38.66 40.79 -24.92
C SER G 46 -39.57 41.64 -25.81
N PRO G 47 -39.15 41.97 -27.03
CA PRO G 47 -40.07 42.56 -28.00
C PRO G 47 -40.50 41.53 -29.04
N GLU G 48 -39.77 41.46 -30.15
CA GLU G 48 -39.91 40.35 -31.08
C GLU G 48 -39.01 39.18 -30.71
N ALA G 49 -38.11 39.35 -29.74
CA ALA G 49 -37.36 38.22 -29.20
C ALA G 49 -38.25 37.28 -28.40
N PHE G 50 -39.43 37.74 -27.98
CA PHE G 50 -40.40 36.84 -27.36
C PHE G 50 -40.86 35.78 -28.35
N LEU G 51 -41.05 36.16 -29.61
CA LEU G 51 -41.42 35.20 -30.65
C LEU G 51 -40.25 34.34 -31.10
N GLN G 52 -39.02 34.74 -30.78
CA GLN G 52 -37.85 33.95 -31.16
C GLN G 52 -37.93 32.55 -30.57
N GLU G 53 -38.45 32.42 -29.34
CA GLU G 53 -38.64 31.11 -28.76
C GLU G 53 -39.63 30.29 -29.59
N ALA G 54 -40.73 30.90 -30.01
CA ALA G 54 -41.73 30.19 -30.80
C ALA G 54 -41.23 29.83 -32.19
N GLN G 55 -40.21 30.53 -32.69
CA GLN G 55 -39.66 30.20 -34.00
C GLN G 55 -38.82 28.93 -33.95
N VAL G 56 -38.03 28.78 -32.89
CA VAL G 56 -37.22 27.57 -32.74
C VAL G 56 -38.10 26.35 -32.50
N MET G 57 -39.20 26.53 -31.75
CA MET G 57 -40.09 25.42 -31.48
C MET G 57 -40.79 24.90 -32.73
N LYS G 58 -40.81 25.70 -33.81
CA LYS G 58 -41.31 25.20 -35.08
C LYS G 58 -40.34 24.21 -35.71
N LYS G 59 -39.04 24.48 -35.59
CA LYS G 59 -38.03 23.59 -36.17
C LYS G 59 -37.91 22.30 -35.36
N LEU G 60 -38.09 22.36 -34.04
CA LEU G 60 -37.89 21.21 -33.17
C LEU G 60 -39.21 20.46 -32.97
N ARG G 61 -39.15 19.14 -33.11
CA ARG G 61 -40.29 18.27 -32.81
C ARG G 61 -39.77 16.98 -32.22
N HIS G 62 -40.12 16.73 -30.96
CA HIS G 62 -39.70 15.50 -30.28
C HIS G 62 -40.70 15.20 -29.17
N GLU G 63 -40.87 13.91 -28.89
CA GLU G 63 -41.80 13.48 -27.86
C GLU G 63 -41.43 14.06 -26.49
N LYS G 64 -40.14 14.26 -26.24
CA LYS G 64 -39.66 14.78 -24.96
C LYS G 64 -39.32 16.27 -25.02
N LEU G 65 -39.85 16.98 -26.02
CA LEU G 65 -39.80 18.43 -26.07
C LEU G 65 -41.23 18.95 -26.03
N VAL G 66 -41.44 20.08 -25.36
CA VAL G 66 -42.78 20.67 -25.26
C VAL G 66 -43.26 21.03 -26.66
N GLN G 67 -44.30 20.34 -27.12
CA GLN G 67 -44.78 20.50 -28.49
C GLN G 67 -45.52 21.82 -28.65
N LEU G 68 -45.16 22.56 -29.69
CA LEU G 68 -45.86 23.80 -30.01
C LEU G 68 -47.18 23.50 -30.72
N TYR G 69 -48.22 24.24 -30.33
CA TYR G 69 -49.55 24.06 -30.91
C TYR G 69 -49.94 25.18 -31.87
N ALA G 70 -49.85 26.43 -31.43
CA ALA G 70 -50.29 27.55 -32.26
C ALA G 70 -49.63 28.83 -31.77
N VAL G 71 -49.67 29.86 -32.63
CA VAL G 71 -49.01 31.12 -32.36
C VAL G 71 -49.88 32.26 -32.88
N VAL G 72 -50.12 33.25 -32.02
CA VAL G 72 -50.74 34.51 -32.40
C VAL G 72 -49.63 35.56 -32.35
N SER G 73 -49.12 35.93 -33.52
CA SER G 73 -47.93 36.77 -33.62
C SER G 73 -48.22 38.26 -33.59
N GLU G 74 -49.48 38.67 -33.59
CA GLU G 74 -49.75 40.11 -33.54
C GLU G 74 -49.86 40.59 -32.10
N GLU G 75 -50.00 41.91 -31.96
CA GLU G 75 -49.56 42.64 -30.77
C GLU G 75 -50.17 42.20 -29.44
N PRO G 76 -51.28 41.46 -29.39
CA PRO G 76 -51.58 40.74 -28.15
C PRO G 76 -50.53 39.69 -27.84
N ILE G 77 -50.15 38.91 -28.85
CA ILE G 77 -49.13 37.85 -28.78
C ILE G 77 -49.52 36.76 -27.79
N TYR G 78 -49.78 35.57 -28.32
CA TYR G 78 -50.00 34.37 -27.51
C TYR G 78 -49.22 33.22 -28.13
N ILE G 79 -48.57 32.43 -27.28
CA ILE G 79 -47.88 31.22 -27.71
C ILE G 79 -48.57 30.03 -27.07
N VAL G 80 -48.98 29.07 -27.90
CA VAL G 80 -49.82 27.95 -27.47
C VAL G 80 -49.03 26.67 -27.62
N THR G 81 -48.89 25.93 -26.52
CA THR G 81 -48.24 24.63 -26.50
C THR G 81 -49.14 23.63 -25.78
N GLU G 82 -48.70 22.38 -25.73
CA GLU G 82 -49.41 21.37 -24.95
C GLU G 82 -49.33 21.71 -23.46
N TYR G 83 -50.38 21.36 -22.73
CA TYR G 83 -50.47 21.65 -21.31
C TYR G 83 -49.85 20.51 -20.51
N MET G 84 -48.82 20.83 -19.73
CA MET G 84 -48.17 19.86 -18.86
C MET G 84 -48.83 19.95 -17.49
N SER G 85 -49.56 18.90 -17.10
CA SER G 85 -50.49 19.01 -15.98
C SER G 85 -49.78 19.12 -14.63
N LYS G 86 -48.56 18.60 -14.50
CA LYS G 86 -47.90 18.55 -13.20
C LYS G 86 -46.98 19.75 -12.95
N GLY G 87 -46.81 20.62 -13.93
CA GLY G 87 -46.00 21.82 -13.72
C GLY G 87 -44.52 21.57 -13.94
N SER G 88 -43.72 22.45 -13.35
CA SER G 88 -42.27 22.40 -13.52
C SER G 88 -41.68 21.27 -12.68
N LEU G 89 -40.60 20.68 -13.19
CA LEU G 89 -39.95 19.57 -12.50
C LEU G 89 -39.41 20.02 -11.14
N LEU G 90 -38.93 21.26 -11.06
CA LEU G 90 -38.38 21.76 -9.79
C LEU G 90 -39.46 21.80 -8.71
N ASP G 91 -40.63 22.36 -9.04
CA ASP G 91 -41.72 22.41 -8.07
C ASP G 91 -42.22 21.00 -7.73
N PHE G 92 -42.26 20.12 -8.74
CA PHE G 92 -42.74 18.76 -8.51
C PHE G 92 -41.84 18.02 -7.51
N LEU G 93 -40.52 18.17 -7.65
CA LEU G 93 -39.59 17.51 -6.73
C LEU G 93 -39.73 18.05 -5.32
N LYS G 94 -40.01 19.34 -5.18
CA LYS G 94 -40.16 19.95 -3.86
C LYS G 94 -41.56 19.77 -3.28
N GLY G 95 -42.56 19.52 -4.13
CA GLY G 95 -43.92 19.37 -3.66
C GLY G 95 -44.13 18.13 -2.81
N GLU G 96 -45.35 17.99 -2.30
CA GLU G 96 -45.67 16.89 -1.40
C GLU G 96 -45.62 15.54 -2.10
N THR G 97 -45.85 15.51 -3.42
CA THR G 97 -45.78 14.25 -4.14
C THR G 97 -44.34 13.84 -4.46
N GLY G 98 -43.43 14.81 -4.56
CA GLY G 98 -42.05 14.49 -4.84
C GLY G 98 -41.35 13.73 -3.74
N LYS G 99 -41.87 13.80 -2.51
CA LYS G 99 -41.26 13.07 -1.40
C LYS G 99 -41.42 11.56 -1.54
N TYR G 100 -42.35 11.10 -2.38
CA TYR G 100 -42.54 9.67 -2.59
C TYR G 100 -41.75 9.14 -3.78
N LEU G 101 -41.15 10.01 -4.58
CA LEU G 101 -40.35 9.56 -5.72
C LEU G 101 -39.11 8.83 -5.24
N ARG G 102 -38.79 7.72 -5.91
CA ARG G 102 -37.63 6.92 -5.59
C ARG G 102 -36.71 6.84 -6.82
N LEU G 103 -35.56 6.20 -6.62
CA LEU G 103 -34.55 6.13 -7.68
C LEU G 103 -35.08 5.52 -8.99
N PRO G 104 -35.90 4.46 -8.99
CA PRO G 104 -36.44 3.99 -10.28
C PRO G 104 -37.19 5.07 -11.04
N GLN G 105 -37.98 5.89 -10.37
CA GLN G 105 -38.72 6.95 -11.04
C GLN G 105 -37.77 8.06 -11.51
N LEU G 106 -36.86 8.49 -10.63
CA LEU G 106 -36.00 9.63 -10.94
C LEU G 106 -35.05 9.33 -12.09
N VAL G 107 -34.46 8.13 -12.10
CA VAL G 107 -33.60 7.74 -13.21
C VAL G 107 -34.39 7.65 -14.50
N ASP G 108 -35.65 7.21 -14.41
CA ASP G 108 -36.51 7.21 -15.59
C ASP G 108 -36.78 8.62 -16.09
N MET G 109 -36.99 9.56 -15.16
CA MET G 109 -37.19 10.95 -15.57
C MET G 109 -35.94 11.53 -16.20
N ALA G 110 -34.76 11.17 -15.68
CA ALA G 110 -33.52 11.64 -16.27
C ALA G 110 -33.32 11.03 -17.66
N ALA G 111 -33.75 9.78 -17.85
CA ALA G 111 -33.64 9.14 -19.17
C ALA G 111 -34.53 9.82 -20.18
N GLN G 112 -35.70 10.30 -19.76
CA GLN G 112 -36.57 11.04 -20.68
C GLN G 112 -35.95 12.38 -21.06
N ILE G 113 -35.36 13.08 -20.08
CA ILE G 113 -34.70 14.34 -20.36
C ILE G 113 -33.48 14.13 -21.26
N ALA G 114 -32.71 13.08 -20.98
CA ALA G 114 -31.56 12.75 -21.83
C ALA G 114 -32.02 12.42 -23.25
N SER G 115 -33.18 11.76 -23.39
CA SER G 115 -33.71 11.47 -24.71
C SER G 115 -34.06 12.75 -25.47
N GLY G 116 -34.66 13.72 -24.78
CA GLY G 116 -34.98 14.98 -25.43
C GLY G 116 -33.75 15.76 -25.82
N MET G 117 -32.73 15.78 -24.94
CA MET G 117 -31.49 16.46 -25.28
C MET G 117 -30.69 15.71 -26.33
N ALA G 118 -30.90 14.38 -26.44
CA ALA G 118 -30.30 13.63 -27.53
C ALA G 118 -30.84 14.11 -28.88
N TYR G 119 -32.15 14.36 -28.96
CA TYR G 119 -32.71 14.96 -30.16
C TYR G 119 -32.11 16.34 -30.43
N VAL G 120 -31.88 17.11 -29.36
CA VAL G 120 -31.23 18.41 -29.51
C VAL G 120 -29.80 18.23 -30.02
N GLU G 121 -29.10 17.21 -29.51
CA GLU G 121 -27.73 16.96 -29.94
C GLU G 121 -27.68 16.55 -31.40
N ARG G 122 -28.64 15.74 -31.85
CA ARG G 122 -28.66 15.31 -33.25
C ARG G 122 -28.98 16.47 -34.19
N MET G 123 -29.80 17.41 -33.73
CA MET G 123 -30.21 18.55 -34.56
C MET G 123 -29.19 19.69 -34.56
N ASN G 124 -28.06 19.53 -33.87
CA ASN G 124 -27.01 20.54 -33.81
C ASN G 124 -27.51 21.82 -33.16
N TYR G 125 -28.13 21.68 -31.99
CA TYR G 125 -28.60 22.81 -31.20
C TYR G 125 -27.99 22.77 -29.81
N VAL G 126 -27.99 23.93 -29.16
CA VAL G 126 -27.55 24.08 -27.78
C VAL G 126 -28.68 24.74 -27.00
N HIS G 127 -28.95 24.22 -25.80
CA HIS G 127 -30.07 24.73 -25.01
C HIS G 127 -29.67 25.96 -24.21
N ARG G 128 -28.52 25.89 -23.52
CA ARG G 128 -27.89 26.98 -22.78
C ARG G 128 -28.64 27.36 -21.51
N ASP G 129 -29.65 26.59 -21.10
CA ASP G 129 -30.32 26.84 -19.83
C ASP G 129 -31.04 25.59 -19.35
N LEU G 130 -30.33 24.46 -19.32
CA LEU G 130 -30.92 23.19 -18.90
C LEU G 130 -30.87 23.07 -17.38
N ARG G 131 -32.04 22.89 -16.76
CA ARG G 131 -32.15 22.74 -15.31
C ARG G 131 -33.57 22.25 -15.01
N ALA G 132 -33.78 21.84 -13.76
CA ALA G 132 -35.08 21.30 -13.37
C ALA G 132 -36.19 22.34 -13.48
N ALA G 133 -35.88 23.62 -13.27
CA ALA G 133 -36.89 24.66 -13.38
C ALA G 133 -37.36 24.87 -14.81
N ASN G 134 -36.60 24.39 -15.80
CA ASN G 134 -36.98 24.48 -17.20
C ASN G 134 -37.43 23.15 -17.78
N ILE G 135 -37.70 22.16 -16.93
CA ILE G 135 -38.29 20.89 -17.35
C ILE G 135 -39.74 20.87 -16.90
N LEU G 136 -40.63 20.39 -17.76
CA LEU G 136 -42.04 20.29 -17.45
C LEU G 136 -42.43 18.83 -17.30
N VAL G 137 -43.40 18.58 -16.41
CA VAL G 137 -43.85 17.23 -16.09
C VAL G 137 -45.34 17.14 -16.41
N GLY G 138 -45.73 16.04 -17.07
CA GLY G 138 -47.11 15.82 -17.42
C GLY G 138 -47.68 14.55 -16.81
N GLU G 139 -48.64 13.93 -17.51
CA GLU G 139 -49.24 12.71 -17.02
C GLU G 139 -48.25 11.55 -17.06
N ASN G 140 -48.39 10.62 -16.11
CA ASN G 140 -47.59 9.41 -16.05
C ASN G 140 -46.10 9.71 -15.91
N LEU G 141 -45.78 10.79 -15.18
CA LEU G 141 -44.40 11.19 -14.88
C LEU G 141 -43.59 11.46 -16.15
N VAL G 142 -44.26 11.89 -17.22
CA VAL G 142 -43.56 12.25 -18.45
C VAL G 142 -42.88 13.59 -18.26
N CYS G 143 -41.59 13.66 -18.61
CA CYS G 143 -40.80 14.88 -18.51
C CYS G 143 -40.40 15.35 -19.91
N LYS G 144 -40.47 16.66 -20.13
CA LYS G 144 -40.15 17.25 -21.42
C LYS G 144 -39.33 18.52 -21.21
N VAL G 145 -38.37 18.74 -22.09
CA VAL G 145 -37.49 19.91 -22.00
C VAL G 145 -38.25 21.14 -22.47
N ALA G 146 -38.04 22.26 -21.78
CA ALA G 146 -38.68 23.52 -22.13
C ALA G 146 -37.64 24.64 -22.23
N ASP G 147 -38.12 25.87 -22.40
CA ASP G 147 -37.28 27.06 -22.48
C ASP G 147 -36.30 26.97 -23.64
N PHE G 148 -36.76 27.29 -24.85
CA PHE G 148 -35.92 27.27 -26.04
C PHE G 148 -35.61 28.68 -26.55
N GLY G 149 -35.85 29.70 -25.73
CA GLY G 149 -35.64 31.07 -26.17
C GLY G 149 -34.18 31.40 -26.42
N LEU G 150 -33.28 30.85 -25.60
CA LEU G 150 -31.85 31.03 -25.76
C LEU G 150 -31.20 29.89 -26.54
N ALA G 151 -32.00 29.04 -27.19
CA ALA G 151 -31.47 27.90 -27.93
C ALA G 151 -31.02 28.34 -29.32
N ARG G 152 -29.75 28.13 -29.62
CA ARG G 152 -29.16 28.50 -30.90
C ARG G 152 -28.57 27.29 -31.60
N LEU G 153 -28.10 27.51 -32.82
CA LEU G 153 -27.47 26.46 -33.60
C LEU G 153 -26.00 26.33 -33.23
N ILE G 154 -25.38 25.25 -33.71
CA ILE G 154 -23.98 25.01 -33.47
C ILE G 154 -23.14 25.49 -34.65
N PHE G 167 -26.71 31.74 -17.74
CA PHE G 167 -26.70 32.80 -16.74
C PHE G 167 -26.60 32.28 -15.30
N PRO G 168 -27.46 31.32 -14.89
CA PRO G 168 -27.31 30.76 -13.53
C PRO G 168 -26.07 29.89 -13.45
N ILE G 169 -24.98 30.43 -12.89
CA ILE G 169 -23.68 29.78 -13.00
C ILE G 169 -23.57 28.50 -12.20
N LYS G 170 -24.55 28.19 -11.33
CA LYS G 170 -24.54 26.89 -10.67
C LYS G 170 -24.85 25.76 -11.63
N TRP G 171 -25.53 26.05 -12.74
CA TRP G 171 -25.84 25.06 -13.76
C TRP G 171 -24.99 25.20 -15.02
N THR G 172 -24.16 26.23 -15.10
CA THR G 172 -23.39 26.53 -16.30
C THR G 172 -21.98 25.96 -16.19
N ALA G 173 -21.53 25.33 -17.27
CA ALA G 173 -20.17 24.82 -17.31
C ALA G 173 -19.17 25.97 -17.20
N PRO G 174 -18.06 25.79 -16.49
CA PRO G 174 -17.16 26.92 -16.24
C PRO G 174 -16.55 27.52 -17.48
N GLU G 175 -16.41 26.76 -18.57
CA GLU G 175 -15.92 27.34 -19.81
C GLU G 175 -17.00 28.12 -20.54
N ALA G 176 -18.27 27.80 -20.30
CA ALA G 176 -19.36 28.56 -20.92
C ALA G 176 -19.68 29.82 -20.14
N ALA G 177 -19.43 29.82 -18.83
CA ALA G 177 -19.76 30.98 -18.00
C ALA G 177 -18.67 32.06 -18.07
N LEU G 178 -17.40 31.64 -18.09
CA LEU G 178 -16.31 32.61 -18.11
C LEU G 178 -16.01 33.10 -19.53
N TYR G 179 -16.03 32.19 -20.51
CA TYR G 179 -15.54 32.50 -21.85
C TYR G 179 -16.65 32.42 -22.90
N GLY G 180 -17.89 32.21 -22.50
CA GLY G 180 -18.99 32.17 -23.45
C GLY G 180 -18.98 30.98 -24.39
N ARG G 181 -18.30 29.89 -24.02
CA ARG G 181 -18.21 28.71 -24.89
C ARG G 181 -19.39 27.79 -24.58
N PHE G 182 -20.54 28.13 -25.17
CA PHE G 182 -21.76 27.35 -25.01
C PHE G 182 -21.83 26.28 -26.09
N THR G 183 -21.69 25.02 -25.67
CA THR G 183 -21.75 23.88 -26.58
C THR G 183 -22.76 22.88 -26.06
N ILE G 184 -23.00 21.83 -26.85
CA ILE G 184 -23.79 20.71 -26.38
C ILE G 184 -23.09 20.02 -25.22
N LYS G 185 -21.75 20.14 -25.15
CA LYS G 185 -21.02 19.58 -24.03
C LYS G 185 -21.23 20.40 -22.76
N SER G 186 -21.45 21.71 -22.88
CA SER G 186 -21.81 22.49 -21.71
C SER G 186 -23.23 22.19 -21.26
N ASP G 187 -24.10 21.74 -22.17
CA ASP G 187 -25.41 21.22 -21.76
C ASP G 187 -25.28 19.93 -20.98
N VAL G 188 -24.30 19.09 -21.36
CA VAL G 188 -24.04 17.86 -20.61
C VAL G 188 -23.62 18.19 -19.18
N TRP G 189 -22.85 19.26 -19.00
CA TRP G 189 -22.54 19.73 -17.65
C TRP G 189 -23.79 20.05 -16.88
N SER G 190 -24.71 20.82 -17.50
CA SER G 190 -25.94 21.21 -16.83
C SER G 190 -26.80 19.98 -16.52
N PHE G 191 -26.80 18.99 -17.42
CA PHE G 191 -27.54 17.76 -17.17
C PHE G 191 -26.99 17.03 -15.94
N GLY G 192 -25.66 17.03 -15.78
CA GLY G 192 -25.08 16.43 -14.59
C GLY G 192 -25.51 17.14 -13.32
N ILE G 193 -25.65 18.46 -13.39
CA ILE G 193 -26.18 19.22 -12.26
C ILE G 193 -27.65 18.89 -12.05
N LEU G 194 -28.40 18.72 -13.14
CA LEU G 194 -29.80 18.32 -13.03
C LEU G 194 -29.95 16.97 -12.36
N LEU G 195 -29.00 16.06 -12.58
CA LEU G 195 -29.02 14.79 -11.87
C LEU G 195 -28.92 15.00 -10.36
N THR G 196 -28.17 16.01 -9.93
CA THR G 196 -28.10 16.35 -8.52
C THR G 196 -29.45 16.87 -8.01
N GLU G 197 -30.16 17.64 -8.84
CA GLU G 197 -31.49 18.09 -8.48
C GLU G 197 -32.45 16.92 -8.33
N LEU G 198 -32.32 15.90 -9.19
CA LEU G 198 -33.25 14.78 -9.16
C LEU G 198 -33.02 13.89 -7.94
N THR G 199 -31.77 13.73 -7.52
CA THR G 199 -31.43 12.85 -6.41
C THR G 199 -31.41 13.55 -5.06
N THR G 200 -31.79 14.83 -5.00
CA THR G 200 -31.88 15.56 -3.74
C THR G 200 -33.26 16.18 -3.53
N LYS G 201 -34.26 15.76 -4.31
CA LYS G 201 -35.61 16.32 -4.23
C LYS G 201 -35.61 17.82 -4.50
N GLY G 202 -34.76 18.25 -5.44
CA GLY G 202 -34.79 19.62 -5.90
C GLY G 202 -34.02 20.62 -5.06
N ARG G 203 -33.08 20.16 -4.25
CA ARG G 203 -32.24 21.09 -3.49
C ARG G 203 -31.33 21.87 -4.43
N VAL G 204 -31.01 23.09 -4.04
CA VAL G 204 -30.13 23.95 -4.85
C VAL G 204 -28.73 23.33 -4.87
N PRO G 205 -28.07 23.27 -6.02
CA PRO G 205 -26.71 22.73 -6.07
C PRO G 205 -25.75 23.55 -5.22
N TYR G 206 -24.65 22.91 -4.83
CA TYR G 206 -23.61 23.50 -4.00
C TYR G 206 -24.23 24.15 -2.76
N PRO G 207 -24.75 23.35 -1.83
CA PRO G 207 -25.46 23.94 -0.68
C PRO G 207 -24.52 24.76 0.19
N GLY G 208 -24.96 25.97 0.53
CA GLY G 208 -24.17 26.83 1.39
C GLY G 208 -23.11 27.65 0.69
N MET G 209 -23.19 27.76 -0.64
CA MET G 209 -22.19 28.48 -1.42
C MET G 209 -22.85 29.57 -2.25
N VAL G 210 -22.24 30.75 -2.25
CA VAL G 210 -22.69 31.83 -3.11
C VAL G 210 -22.20 31.59 -4.53
N ASN G 211 -22.81 32.31 -5.49
CA ASN G 211 -22.40 32.18 -6.88
C ASN G 211 -20.92 32.51 -7.06
N ARG G 212 -20.45 33.55 -6.39
CA ARG G 212 -19.03 33.91 -6.48
C ARG G 212 -18.13 32.77 -6.00
N GLU G 213 -18.57 32.00 -5.00
CA GLU G 213 -17.75 30.92 -4.49
C GLU G 213 -17.71 29.72 -5.42
N VAL G 214 -18.76 29.53 -6.22
CA VAL G 214 -18.85 28.33 -7.06
C VAL G 214 -17.80 28.37 -8.16
N LEU G 215 -17.67 29.51 -8.85
CA LEU G 215 -16.70 29.61 -9.93
C LEU G 215 -15.29 29.34 -9.45
N ASP G 216 -14.93 29.86 -8.27
CA ASP G 216 -13.60 29.61 -7.73
C ASP G 216 -13.39 28.14 -7.42
N GLN G 217 -14.35 27.52 -6.73
CA GLN G 217 -14.20 26.12 -6.33
C GLN G 217 -14.18 25.19 -7.54
N VAL G 218 -15.10 25.40 -8.49
CA VAL G 218 -15.19 24.51 -9.64
C VAL G 218 -13.95 24.63 -10.52
N GLU G 219 -13.40 25.84 -10.64
CA GLU G 219 -12.13 25.99 -11.36
C GLU G 219 -10.98 25.34 -10.59
N ARG G 220 -11.02 25.41 -9.25
CA ARG G 220 -10.04 24.74 -8.43
C ARG G 220 -10.16 23.22 -8.48
N GLY G 221 -11.18 22.69 -9.15
CA GLY G 221 -11.36 21.26 -9.28
C GLY G 221 -12.45 20.67 -8.42
N TYR G 222 -13.19 21.48 -7.68
CA TYR G 222 -14.23 20.95 -6.80
C TYR G 222 -15.41 20.43 -7.61
N ARG G 223 -15.93 19.27 -7.19
CA ARG G 223 -17.15 18.70 -7.73
C ARG G 223 -18.04 18.27 -6.57
N MET G 224 -19.35 18.37 -6.78
CA MET G 224 -20.29 18.03 -5.72
C MET G 224 -20.13 16.57 -5.32
N PRO G 225 -20.22 16.24 -4.03
CA PRO G 225 -20.03 14.85 -3.60
C PRO G 225 -21.20 13.97 -3.99
N CYS G 226 -21.08 12.67 -3.73
CA CYS G 226 -22.18 11.75 -3.98
C CYS G 226 -23.32 12.05 -3.01
N PRO G 227 -24.52 12.37 -3.49
CA PRO G 227 -25.64 12.66 -2.59
C PRO G 227 -25.98 11.46 -1.73
N PRO G 228 -26.61 11.67 -0.58
CA PRO G 228 -26.97 10.54 0.28
C PRO G 228 -27.92 9.57 -0.41
N GLU G 229 -27.67 8.28 -0.21
CA GLU G 229 -28.46 7.18 -0.77
C GLU G 229 -28.32 7.06 -2.28
N CYS G 230 -27.66 8.03 -2.91
CA CYS G 230 -27.41 7.94 -4.34
C CYS G 230 -26.31 6.92 -4.60
N PRO G 231 -26.52 5.95 -5.50
CA PRO G 231 -25.45 5.00 -5.82
C PRO G 231 -24.25 5.70 -6.43
N GLU G 232 -23.06 5.18 -6.12
CA GLU G 232 -21.84 5.80 -6.62
C GLU G 232 -21.73 5.68 -8.13
N SER G 233 -22.34 4.65 -8.73
CA SER G 233 -22.34 4.53 -10.17
C SER G 233 -23.08 5.69 -10.83
N LEU G 234 -24.10 6.24 -10.15
CA LEU G 234 -24.79 7.41 -10.67
C LEU G 234 -23.99 8.68 -10.43
N HIS G 235 -23.35 8.79 -9.26
CA HIS G 235 -22.45 9.91 -9.02
C HIS G 235 -21.24 9.86 -9.94
N ASP G 236 -20.80 8.66 -10.31
CA ASP G 236 -19.71 8.53 -11.28
C ASP G 236 -20.14 9.05 -12.64
N LEU G 237 -21.42 8.91 -13.00
CA LEU G 237 -21.91 9.48 -14.24
C LEU G 237 -21.95 11.01 -14.16
N MET G 238 -22.25 11.56 -12.98
CA MET G 238 -22.27 13.01 -12.82
C MET G 238 -20.89 13.61 -13.07
N CYS G 239 -19.86 13.01 -12.47
CA CYS G 239 -18.51 13.55 -12.63
C CYS G 239 -18.04 13.47 -14.08
N GLN G 240 -18.50 12.46 -14.82
CA GLN G 240 -18.20 12.40 -16.24
C GLN G 240 -18.86 13.54 -17.00
N CYS G 241 -20.04 13.98 -16.55
CA CYS G 241 -20.65 15.20 -17.05
C CYS G 241 -19.95 16.46 -16.55
N TRP G 242 -18.97 16.31 -15.66
CA TRP G 242 -18.30 17.45 -15.02
C TRP G 242 -16.80 17.50 -15.29
N ARG G 243 -16.31 16.74 -16.27
CA ARG G 243 -14.89 16.76 -16.57
C ARG G 243 -14.46 18.14 -17.07
N LYS G 244 -13.22 18.51 -16.72
CA LYS G 244 -12.72 19.85 -17.04
C LYS G 244 -12.76 20.13 -18.53
N GLU G 245 -12.41 19.15 -19.35
CA GLU G 245 -12.42 19.37 -20.79
C GLU G 245 -13.73 18.91 -21.38
N PRO G 246 -14.41 19.75 -22.17
CA PRO G 246 -15.76 19.39 -22.64
C PRO G 246 -15.78 18.18 -23.57
N GLU G 247 -14.71 17.94 -24.33
CA GLU G 247 -14.72 16.84 -25.28
C GLU G 247 -14.66 15.48 -24.61
N GLU G 248 -14.19 15.41 -23.36
CA GLU G 248 -14.18 14.16 -22.62
C GLU G 248 -15.51 13.84 -21.97
N ARG G 249 -16.46 14.77 -21.97
CA ARG G 249 -17.78 14.52 -21.43
C ARG G 249 -18.60 13.68 -22.40
N PRO G 250 -19.46 12.80 -21.89
CA PRO G 250 -20.20 11.90 -22.78
C PRO G 250 -21.31 12.63 -23.53
N THR G 251 -21.80 11.95 -24.56
CA THR G 251 -22.91 12.46 -25.34
C THR G 251 -24.24 12.18 -24.64
N PHE G 252 -25.30 12.85 -25.10
CA PHE G 252 -26.63 12.54 -24.58
C PHE G 252 -27.12 11.19 -25.09
N GLU G 253 -26.65 10.76 -26.27
CA GLU G 253 -26.94 9.41 -26.74
C GLU G 253 -26.42 8.37 -25.75
N TYR G 254 -25.19 8.57 -25.26
CA TYR G 254 -24.65 7.68 -24.24
C TYR G 254 -25.44 7.79 -22.94
N LEU G 255 -25.73 9.02 -22.50
CA LEU G 255 -26.43 9.23 -21.25
C LEU G 255 -27.81 8.61 -21.28
N GLN G 256 -28.53 8.75 -22.40
CA GLN G 256 -29.85 8.15 -22.51
C GLN G 256 -29.77 6.63 -22.39
N ALA G 257 -28.86 6.00 -23.13
CA ALA G 257 -28.72 4.55 -23.09
C ALA G 257 -28.31 4.07 -21.71
N PHE G 258 -27.41 4.82 -21.05
CA PHE G 258 -26.96 4.44 -19.71
C PHE G 258 -28.13 4.47 -18.72
N LEU G 259 -28.93 5.53 -18.77
CA LEU G 259 -30.00 5.69 -17.79
C LEU G 259 -31.16 4.73 -18.05
N GLU G 260 -31.42 4.40 -19.32
CA GLU G 260 -32.49 3.47 -19.64
C GLU G 260 -32.17 2.06 -19.14
N ASP G 261 -30.89 1.67 -19.21
CA ASP G 261 -30.45 0.34 -18.82
C ASP G 261 -29.90 0.29 -17.40
N TYR G 262 -30.18 1.32 -16.59
CA TYR G 262 -29.43 1.51 -15.35
C TYR G 262 -29.61 0.36 -14.38
N PHE G 263 -30.84 -0.09 -14.17
CA PHE G 263 -31.11 -1.07 -13.12
C PHE G 263 -30.86 -2.51 -13.57
N THR G 264 -30.51 -2.74 -14.83
CA THR G 264 -30.11 -4.06 -15.30
C THR G 264 -28.61 -4.18 -15.50
N SER G 265 -28.01 -3.25 -16.23
CA SER G 265 -26.60 -3.32 -16.59
C SER G 265 -25.67 -2.72 -15.54
N THR G 266 -26.13 -1.74 -14.77
CA THR G 266 -25.27 -0.99 -13.87
C THR G 266 -25.55 -1.24 -12.39
N GLU G 267 -26.81 -1.31 -11.98
CA GLU G 267 -27.18 -1.54 -10.59
C GLU G 267 -28.21 -2.66 -10.51
N PRO G 268 -27.81 -3.90 -10.76
CA PRO G 268 -28.78 -5.01 -10.69
C PRO G 268 -29.18 -5.38 -9.28
N GLN G 269 -28.43 -4.96 -8.27
CA GLN G 269 -28.71 -5.28 -6.87
C GLN G 269 -29.30 -4.09 -6.11
N TYR G 270 -29.99 -3.19 -6.82
CA TYR G 270 -30.56 -2.02 -6.16
C TYR G 270 -31.71 -2.42 -5.24
N GLN G 271 -31.71 -1.87 -4.03
CA GLN G 271 -32.81 -2.02 -3.09
C GLN G 271 -33.25 -0.65 -2.62
N PRO G 272 -34.57 -0.41 -2.56
CA PRO G 272 -35.05 0.93 -2.16
C PRO G 272 -34.64 1.27 -0.74
N GLY G 273 -34.42 2.57 -0.51
CA GLY G 273 -34.05 3.06 0.79
C GLY G 273 -35.10 3.99 1.39
N GLU G 274 -34.69 4.87 2.29
CA GLU G 274 -35.62 5.78 2.92
C GLU G 274 -36.01 6.94 2.00
N ASN G 275 -35.11 7.37 1.12
CA ASN G 275 -35.38 8.49 0.22
C ASN G 275 -35.11 8.19 -1.24
N LEU G 276 -34.30 7.20 -1.58
CA LEU G 276 -34.02 6.90 -2.97
C LEU G 276 -34.17 5.41 -3.26
N ASP H 1 -14.93 54.88 -52.36
CA ASP H 1 -14.64 53.45 -52.52
C ASP H 1 -15.72 52.61 -51.86
N ALA H 2 -15.59 51.29 -51.96
CA ALA H 2 -16.56 50.37 -51.37
C ALA H 2 -16.59 50.44 -49.85
N TRP H 3 -15.69 51.18 -49.23
CA TRP H 3 -15.70 51.36 -47.78
C TRP H 3 -16.53 52.56 -47.34
N GLU H 4 -16.79 53.51 -48.24
CA GLU H 4 -17.55 54.70 -47.89
C GLU H 4 -19.02 54.36 -47.73
N ILE H 5 -19.62 54.84 -46.64
CA ILE H 5 -21.04 54.63 -46.35
C ILE H 5 -21.66 55.93 -45.88
N PRO H 6 -22.98 56.07 -46.02
CA PRO H 6 -23.64 57.30 -45.55
C PRO H 6 -23.61 57.41 -44.04
N ARG H 7 -23.70 58.66 -43.56
CA ARG H 7 -23.66 58.90 -42.12
C ARG H 7 -24.93 58.41 -41.45
N GLU H 8 -26.08 58.58 -42.09
CA GLU H 8 -27.37 58.22 -41.50
C GLU H 8 -27.57 56.71 -41.38
N SER H 9 -26.61 55.91 -41.81
CA SER H 9 -26.71 54.46 -41.64
C SER H 9 -26.34 54.04 -40.22
N LEU H 10 -25.32 54.68 -39.64
CA LEU H 10 -24.82 54.29 -38.33
C LEU H 10 -25.76 54.78 -37.22
N ARG H 11 -25.64 54.13 -36.06
CA ARG H 11 -26.42 54.49 -34.89
C ARG H 11 -25.54 54.24 -33.66
N LEU H 12 -24.85 55.31 -33.22
CA LEU H 12 -24.01 55.22 -32.04
C LEU H 12 -24.89 55.12 -30.79
N GLU H 13 -24.69 54.07 -30.00
CA GLU H 13 -25.60 53.75 -28.91
C GLU H 13 -24.95 53.81 -27.53
N VAL H 14 -23.83 53.12 -27.33
CA VAL H 14 -23.17 53.05 -26.03
C VAL H 14 -21.71 53.45 -26.21
N LYS H 15 -21.29 54.49 -25.47
CA LYS H 15 -19.90 54.93 -25.55
C LYS H 15 -19.00 53.93 -24.82
N LEU H 16 -17.99 53.44 -25.52
CA LEU H 16 -17.10 52.44 -24.93
C LEU H 16 -15.98 53.07 -24.11
N GLY H 17 -15.55 54.27 -24.46
CA GLY H 17 -14.57 54.99 -23.68
C GLY H 17 -13.53 55.63 -24.57
N GLN H 18 -12.43 56.03 -23.95
CA GLN H 18 -11.31 56.66 -24.64
C GLN H 18 -10.43 55.56 -25.23
N GLY H 19 -10.56 55.35 -26.54
CA GLY H 19 -9.75 54.34 -27.22
C GLY H 19 -8.45 54.92 -27.74
N CYS H 20 -7.70 54.11 -28.48
CA CYS H 20 -6.45 54.58 -29.10
C CYS H 20 -6.85 55.59 -30.20
N PHE H 21 -6.57 56.86 -29.93
CA PHE H 21 -6.91 58.05 -30.75
C PHE H 21 -8.23 58.67 -30.29
N GLY H 22 -8.96 57.94 -29.46
CA GLY H 22 -9.99 58.59 -28.68
C GLY H 22 -11.40 58.34 -29.18
N GLU H 23 -12.34 58.26 -28.24
CA GLU H 23 -13.77 58.22 -28.50
C GLU H 23 -14.20 57.05 -29.39
N VAL H 24 -14.51 55.91 -28.78
CA VAL H 24 -15.00 54.73 -29.48
C VAL H 24 -16.39 54.40 -28.97
N TRP H 25 -17.29 54.01 -29.88
CA TRP H 25 -18.68 53.74 -29.56
C TRP H 25 -19.07 52.34 -30.02
N MET H 26 -20.13 51.83 -29.41
CA MET H 26 -20.78 50.61 -29.85
C MET H 26 -22.08 50.99 -30.56
N GLY H 27 -22.33 50.36 -31.70
CA GLY H 27 -23.50 50.75 -32.45
C GLY H 27 -23.92 49.68 -33.43
N THR H 28 -24.74 50.12 -34.40
CA THR H 28 -25.32 49.26 -35.43
C THR H 28 -25.06 49.88 -36.79
N TRP H 29 -24.70 49.04 -37.77
CA TRP H 29 -24.27 49.53 -39.07
C TRP H 29 -25.45 49.83 -39.98
N ASN H 30 -26.27 48.81 -40.28
CA ASN H 30 -27.43 48.99 -41.13
C ASN H 30 -28.66 48.62 -40.31
N GLY H 31 -29.08 47.36 -40.30
CA GLY H 31 -30.21 46.97 -39.47
C GLY H 31 -29.76 46.10 -38.31
N THR H 32 -29.07 45.01 -38.63
CA THR H 32 -28.44 44.16 -37.63
C THR H 32 -26.98 44.57 -37.45
N THR H 33 -26.10 43.57 -37.31
CA THR H 33 -24.65 43.77 -37.36
C THR H 33 -24.17 44.77 -36.32
N ARG H 34 -23.95 44.29 -35.09
CA ARG H 34 -23.36 45.13 -34.06
C ARG H 34 -21.93 45.50 -34.45
N VAL H 35 -21.61 46.78 -34.37
CA VAL H 35 -20.31 47.29 -34.79
C VAL H 35 -19.73 48.20 -33.71
N ALA H 36 -18.47 48.55 -33.91
CA ALA H 36 -17.79 49.55 -33.10
C ALA H 36 -17.47 50.76 -33.96
N ILE H 37 -17.69 51.96 -33.40
CA ILE H 37 -17.54 53.21 -34.13
C ILE H 37 -16.56 54.10 -33.37
N LYS H 38 -15.58 54.64 -34.09
CA LYS H 38 -14.62 55.57 -33.52
C LYS H 38 -14.73 56.91 -34.23
N THR H 39 -14.74 58.00 -33.45
CA THR H 39 -14.85 59.33 -33.99
C THR H 39 -13.62 60.16 -33.64
N LEU H 40 -13.46 61.28 -34.32
CA LEU H 40 -12.36 62.20 -34.10
C LEU H 40 -12.84 63.43 -33.34
N LYS H 41 -12.08 63.83 -32.33
CA LYS H 41 -12.35 65.08 -31.64
C LYS H 41 -11.76 66.21 -32.48
N PRO H 42 -12.59 67.09 -33.05
CA PRO H 42 -12.09 68.08 -34.01
C PRO H 42 -11.06 69.01 -33.39
N GLY H 43 -9.96 69.21 -34.10
CA GLY H 43 -8.91 70.09 -33.65
C GLY H 43 -7.92 69.49 -32.68
N THR H 44 -7.92 68.17 -32.50
CA THR H 44 -7.00 67.51 -31.60
C THR H 44 -5.96 66.66 -32.30
N MET H 45 -6.29 66.10 -33.46
CA MET H 45 -5.34 65.34 -34.26
C MET H 45 -5.40 65.69 -35.74
N SER H 46 -6.36 66.52 -36.17
CA SER H 46 -6.68 66.87 -37.55
C SER H 46 -7.27 65.65 -38.26
N PRO H 47 -8.13 65.86 -39.25
CA PRO H 47 -8.61 64.71 -40.06
C PRO H 47 -7.50 64.17 -40.94
N GLU H 48 -7.83 63.23 -41.82
CA GLU H 48 -6.86 62.59 -42.71
C GLU H 48 -5.78 61.87 -41.92
N ALA H 49 -5.08 62.58 -41.03
CA ALA H 49 -4.18 61.90 -40.11
C ALA H 49 -4.95 60.94 -39.20
N PHE H 50 -6.16 61.34 -38.80
CA PHE H 50 -7.05 60.40 -38.11
C PHE H 50 -7.57 59.34 -39.08
N LEU H 51 -7.68 59.68 -40.37
CA LEU H 51 -8.07 58.72 -41.39
C LEU H 51 -6.91 57.81 -41.78
N GLN H 52 -5.67 58.18 -41.44
CA GLN H 52 -4.51 57.37 -41.79
C GLN H 52 -4.65 55.95 -41.27
N GLU H 53 -5.20 55.79 -40.07
CA GLU H 53 -5.44 54.45 -39.54
C GLU H 53 -6.44 53.69 -40.40
N ALA H 54 -7.50 54.37 -40.85
CA ALA H 54 -8.48 53.73 -41.73
C ALA H 54 -7.87 53.39 -43.09
N GLN H 55 -6.85 54.12 -43.52
CA GLN H 55 -6.22 53.84 -44.80
C GLN H 55 -5.49 52.50 -44.77
N VAL H 56 -4.65 52.29 -43.76
CA VAL H 56 -3.87 51.05 -43.70
C VAL H 56 -4.74 49.85 -43.37
N MET H 57 -5.82 50.07 -42.62
CA MET H 57 -6.73 48.96 -42.28
C MET H 57 -7.45 48.42 -43.52
N LYS H 58 -7.48 49.18 -44.61
CA LYS H 58 -8.07 48.67 -45.85
C LYS H 58 -7.17 47.65 -46.50
N LYS H 59 -5.85 47.85 -46.43
CA LYS H 59 -4.91 46.92 -47.06
C LYS H 59 -4.75 45.65 -46.24
N LEU H 60 -4.75 45.76 -44.92
CA LEU H 60 -4.57 44.60 -44.06
C LEU H 60 -5.86 43.81 -43.95
N ARG H 61 -5.73 42.49 -43.94
CA ARG H 61 -6.89 41.59 -43.89
C ARG H 61 -6.43 40.30 -43.21
N HIS H 62 -6.79 40.15 -41.93
CA HIS H 62 -6.38 38.96 -41.18
C HIS H 62 -7.39 38.70 -40.06
N GLU H 63 -7.51 37.42 -39.72
CA GLU H 63 -8.44 37.01 -38.66
C GLU H 63 -8.06 37.60 -37.31
N LYS H 64 -6.76 37.78 -37.04
CA LYS H 64 -6.30 38.28 -35.76
C LYS H 64 -6.00 39.78 -35.79
N LEU H 65 -6.50 40.49 -36.81
CA LEU H 65 -6.51 41.94 -36.83
C LEU H 65 -7.95 42.42 -36.76
N VAL H 66 -8.16 43.54 -36.08
CA VAL H 66 -9.51 44.09 -35.99
C VAL H 66 -9.99 44.46 -37.39
N GLN H 67 -11.03 43.80 -37.86
CA GLN H 67 -11.47 43.92 -39.24
C GLN H 67 -12.23 45.23 -39.46
N LEU H 68 -11.86 45.94 -40.52
CA LEU H 68 -12.57 47.16 -40.90
C LEU H 68 -13.87 46.82 -41.62
N TYR H 69 -14.93 47.56 -41.30
CA TYR H 69 -16.23 47.36 -41.92
C TYR H 69 -16.61 48.47 -42.88
N ALA H 70 -16.44 49.73 -42.49
CA ALA H 70 -16.80 50.86 -43.33
C ALA H 70 -16.18 52.12 -42.74
N VAL H 71 -16.04 53.15 -43.57
CA VAL H 71 -15.54 54.44 -43.14
C VAL H 71 -16.48 55.52 -43.66
N VAL H 72 -16.72 56.54 -42.84
CA VAL H 72 -17.48 57.73 -43.23
C VAL H 72 -16.48 58.88 -43.22
N SER H 73 -15.99 59.24 -44.40
CA SER H 73 -15.02 60.31 -44.50
C SER H 73 -15.70 61.67 -44.47
N GLU H 74 -14.88 62.71 -44.32
CA GLU H 74 -15.30 64.11 -44.22
C GLU H 74 -16.04 64.39 -42.92
N GLU H 75 -15.77 65.58 -42.36
CA GLU H 75 -16.25 65.94 -41.03
C GLU H 75 -17.78 65.82 -40.95
N PRO H 76 -18.33 65.14 -39.92
CA PRO H 76 -17.59 64.42 -38.88
C PRO H 76 -17.31 62.95 -39.22
N ILE H 77 -16.11 62.48 -38.92
CA ILE H 77 -15.64 61.21 -39.42
C ILE H 77 -16.14 60.07 -38.53
N TYR H 78 -16.41 58.92 -39.16
CA TYR H 78 -16.71 57.68 -38.46
C TYR H 78 -15.90 56.55 -39.09
N ILE H 79 -15.21 55.78 -38.25
CA ILE H 79 -14.51 54.57 -38.70
C ILE H 79 -15.20 53.37 -38.05
N VAL H 80 -15.71 52.47 -38.88
CA VAL H 80 -16.52 51.34 -38.43
C VAL H 80 -15.71 50.06 -38.54
N THR H 81 -15.63 49.32 -37.44
CA THR H 81 -14.96 48.04 -37.38
C THR H 81 -15.88 47.03 -36.70
N GLU H 82 -15.44 45.77 -36.66
CA GLU H 82 -16.14 44.76 -35.89
C GLU H 82 -16.06 45.08 -34.40
N TYR H 83 -17.07 44.65 -33.66
CA TYR H 83 -17.16 44.94 -32.23
C TYR H 83 -16.52 43.81 -31.44
N MET H 84 -15.55 44.15 -30.59
CA MET H 84 -14.90 43.19 -29.70
C MET H 84 -15.60 43.27 -28.34
N SER H 85 -16.31 42.20 -27.99
CA SER H 85 -17.24 42.25 -26.88
C SER H 85 -16.56 42.33 -25.51
N LYS H 86 -15.30 41.93 -25.41
CA LYS H 86 -14.62 41.88 -24.13
C LYS H 86 -13.75 43.10 -23.84
N GLY H 87 -13.51 43.96 -24.83
CA GLY H 87 -12.74 45.16 -24.61
C GLY H 87 -11.26 44.96 -24.79
N SER H 88 -10.49 45.89 -24.22
CA SER H 88 -9.04 45.85 -24.32
C SER H 88 -8.49 44.71 -23.47
N LEU H 89 -7.39 44.12 -23.96
CA LEU H 89 -6.75 43.03 -23.23
C LEU H 89 -6.23 43.49 -21.87
N LEU H 90 -5.75 44.73 -21.78
CA LEU H 90 -5.24 45.25 -20.50
C LEU H 90 -6.35 45.28 -19.45
N ASP H 91 -7.53 45.80 -19.82
CA ASP H 91 -8.66 45.77 -18.90
C ASP H 91 -9.10 44.35 -18.60
N PHE H 92 -9.02 43.47 -19.60
CA PHE H 92 -9.46 42.09 -19.42
C PHE H 92 -8.59 41.36 -18.40
N LEU H 93 -7.28 41.60 -18.42
CA LEU H 93 -6.38 40.92 -17.49
C LEU H 93 -6.56 41.43 -16.07
N LYS H 94 -6.77 42.75 -15.91
CA LYS H 94 -6.96 43.33 -14.58
C LYS H 94 -8.37 43.09 -14.05
N GLY H 95 -9.31 42.69 -14.90
CA GLY H 95 -10.70 42.58 -14.52
C GLY H 95 -11.02 41.30 -13.77
N GLU H 96 -12.32 41.04 -13.63
CA GLU H 96 -12.79 39.92 -12.82
C GLU H 96 -12.40 38.58 -13.43
N THR H 97 -12.59 38.42 -14.74
CA THR H 97 -12.25 37.17 -15.40
C THR H 97 -10.76 36.93 -15.48
N GLY H 98 -9.93 37.94 -15.20
CA GLY H 98 -8.50 37.77 -15.30
C GLY H 98 -7.92 36.84 -14.24
N LYS H 99 -8.57 36.76 -13.08
CA LYS H 99 -8.06 35.90 -12.02
C LYS H 99 -8.23 34.42 -12.33
N TYR H 100 -9.16 34.07 -13.22
CA TYR H 100 -9.35 32.67 -13.62
C TYR H 100 -8.52 32.29 -14.83
N LEU H 101 -7.88 33.26 -15.49
CA LEU H 101 -7.03 32.96 -16.63
C LEU H 101 -5.77 32.25 -16.16
N ARG H 102 -5.55 31.03 -16.66
CA ARG H 102 -4.35 30.27 -16.35
C ARG H 102 -3.41 30.29 -17.54
N LEU H 103 -2.24 29.68 -17.36
CA LEU H 103 -1.25 29.65 -18.44
C LEU H 103 -1.77 29.07 -19.75
N PRO H 104 -2.57 27.99 -19.77
CA PRO H 104 -3.11 27.53 -21.06
C PRO H 104 -3.92 28.59 -21.80
N GLN H 105 -4.67 29.42 -21.07
CA GLN H 105 -5.42 30.49 -21.72
C GLN H 105 -4.50 31.63 -22.13
N LEU H 106 -3.57 32.01 -21.26
CA LEU H 106 -2.69 33.15 -21.54
C LEU H 106 -1.77 32.85 -22.73
N VAL H 107 -1.24 31.63 -22.80
CA VAL H 107 -0.34 31.27 -23.90
C VAL H 107 -1.11 31.20 -25.20
N ASP H 108 -2.37 30.77 -25.17
CA ASP H 108 -3.18 30.75 -26.38
C ASP H 108 -3.47 32.17 -26.87
N MET H 109 -3.72 33.10 -25.96
CA MET H 109 -3.95 34.49 -26.35
C MET H 109 -2.69 35.12 -26.93
N ALA H 110 -1.53 34.79 -26.36
CA ALA H 110 -0.27 35.26 -26.95
C ALA H 110 -0.03 34.65 -28.32
N ALA H 111 -0.45 33.39 -28.52
CA ALA H 111 -0.26 32.75 -29.82
C ALA H 111 -1.12 33.40 -30.90
N GLN H 112 -2.33 33.83 -30.54
CA GLN H 112 -3.16 34.55 -31.50
C GLN H 112 -2.53 35.89 -31.87
N ILE H 113 -1.99 36.61 -30.88
CA ILE H 113 -1.33 37.88 -31.16
C ILE H 113 -0.10 37.66 -32.04
N ALA H 114 0.67 36.62 -31.74
CA ALA H 114 1.82 36.29 -32.58
C ALA H 114 1.38 35.96 -34.00
N SER H 115 0.24 35.29 -34.14
CA SER H 115 -0.29 35.00 -35.47
C SER H 115 -0.71 36.28 -36.18
N GLY H 116 -1.26 37.24 -35.44
CA GLY H 116 -1.63 38.51 -36.05
C GLY H 116 -0.42 39.33 -36.45
N MET H 117 0.61 39.34 -35.60
CA MET H 117 1.85 40.03 -35.95
C MET H 117 2.64 39.28 -37.02
N ALA H 118 2.45 37.96 -37.12
CA ALA H 118 3.09 37.21 -38.20
C ALA H 118 2.57 37.66 -39.56
N TYR H 119 1.27 37.93 -39.65
CA TYR H 119 0.71 38.51 -40.87
C TYR H 119 1.31 39.89 -41.14
N VAL H 120 1.42 40.71 -40.09
CA VAL H 120 2.10 42.01 -40.23
C VAL H 120 3.54 41.80 -40.67
N GLU H 121 4.19 40.76 -40.16
CA GLU H 121 5.56 40.47 -40.55
C GLU H 121 5.65 40.07 -42.02
N ARG H 122 4.70 39.26 -42.50
CA ARG H 122 4.73 38.82 -43.89
C ARG H 122 4.46 39.98 -44.85
N MET H 123 3.58 40.89 -44.46
CA MET H 123 3.23 42.04 -45.29
C MET H 123 4.27 43.15 -45.24
N ASN H 124 5.40 42.93 -44.55
CA ASN H 124 6.51 43.88 -44.45
C ASN H 124 6.13 45.15 -43.69
N TYR H 125 5.16 45.05 -42.79
CA TYR H 125 4.74 46.19 -41.98
C TYR H 125 5.36 46.14 -40.59
N VAL H 126 5.35 47.30 -39.93
CA VAL H 126 5.74 47.42 -38.53
C VAL H 126 4.59 48.09 -37.79
N HIS H 127 4.37 47.68 -36.53
CA HIS H 127 3.24 48.18 -35.77
C HIS H 127 3.60 49.38 -34.91
N ARG H 128 4.73 49.32 -34.21
CA ARG H 128 5.31 50.41 -33.42
C ARG H 128 4.64 50.63 -32.07
N ASP H 129 3.42 50.12 -31.89
CA ASP H 129 2.68 50.37 -30.66
C ASP H 129 2.02 49.08 -30.17
N LEU H 130 2.78 47.99 -30.12
CA LEU H 130 2.27 46.70 -29.67
C LEU H 130 2.33 46.62 -28.16
N ARG H 131 1.17 46.46 -27.53
CA ARG H 131 1.06 46.33 -26.08
C ARG H 131 -0.35 45.85 -25.76
N ALA H 132 -0.57 45.50 -24.49
CA ALA H 132 -1.87 44.94 -24.09
C ALA H 132 -2.99 45.96 -24.24
N ALA H 133 -2.69 47.25 -24.09
CA ALA H 133 -3.72 48.27 -24.24
C ALA H 133 -4.22 48.39 -25.67
N ASN H 134 -3.42 47.97 -26.64
CA ASN H 134 -3.79 48.01 -28.05
C ASN H 134 -4.20 46.64 -28.59
N ILE H 135 -4.52 45.70 -27.70
CA ILE H 135 -5.07 44.40 -28.07
C ILE H 135 -6.52 44.39 -27.64
N LEU H 136 -7.39 43.87 -28.51
CA LEU H 136 -8.82 43.77 -28.24
C LEU H 136 -9.23 42.32 -28.11
N VAL H 137 -10.17 42.05 -27.20
CA VAL H 137 -10.62 40.69 -26.90
C VAL H 137 -12.10 40.59 -27.26
N GLY H 138 -12.48 39.45 -27.84
CA GLY H 138 -13.86 39.19 -28.18
C GLY H 138 -14.39 37.91 -27.57
N GLU H 139 -15.40 37.32 -28.20
CA GLU H 139 -15.96 36.07 -27.70
C GLU H 139 -14.96 34.93 -27.85
N ASN H 140 -15.00 34.00 -26.89
CA ASN H 140 -14.18 32.79 -26.93
C ASN H 140 -12.69 33.12 -26.85
N LEU H 141 -12.35 34.10 -26.02
CA LEU H 141 -10.97 34.53 -25.77
C LEU H 141 -10.22 34.93 -27.03
N VAL H 142 -10.94 35.34 -28.07
CA VAL H 142 -10.31 35.73 -29.32
C VAL H 142 -9.63 37.09 -29.13
N CYS H 143 -8.32 37.12 -29.34
CA CYS H 143 -7.53 38.34 -29.23
C CYS H 143 -7.15 38.81 -30.63
N LYS H 144 -7.25 40.12 -30.86
CA LYS H 144 -6.92 40.70 -32.16
C LYS H 144 -6.09 41.96 -31.97
N VAL H 145 -5.09 42.12 -32.83
CA VAL H 145 -4.22 43.29 -32.77
C VAL H 145 -4.95 44.51 -33.32
N ALA H 146 -4.76 45.65 -32.67
CA ALA H 146 -5.39 46.89 -33.10
C ALA H 146 -4.39 48.04 -33.15
N ASP H 147 -4.88 49.26 -33.35
CA ASP H 147 -4.06 50.47 -33.39
C ASP H 147 -3.02 50.40 -34.49
N PHE H 148 -3.42 50.66 -35.73
CA PHE H 148 -2.51 50.71 -36.87
C PHE H 148 -2.25 52.13 -37.36
N GLY H 149 -2.56 53.13 -36.54
CA GLY H 149 -2.37 54.51 -36.98
C GLY H 149 -0.93 54.86 -37.25
N LEU H 150 0.00 54.28 -36.49
CA LEU H 150 1.43 54.52 -36.67
C LEU H 150 2.14 53.35 -37.34
N ALA H 151 1.41 52.55 -38.11
CA ALA H 151 1.97 51.39 -38.80
C ALA H 151 2.22 51.75 -40.26
N ARG H 152 3.47 51.62 -40.70
CA ARG H 152 3.87 51.98 -42.05
C ARG H 152 4.42 50.77 -42.79
N LEU H 153 4.69 50.98 -44.09
CA LEU H 153 4.96 49.90 -45.03
C LEU H 153 6.37 49.32 -44.92
N ILE H 154 7.25 49.92 -44.13
CA ILE H 154 8.59 49.37 -43.94
C ILE H 154 9.23 49.96 -42.70
N PHE H 167 6.75 54.98 -28.80
CA PHE H 167 6.90 56.12 -27.89
C PHE H 167 7.13 55.73 -26.43
N PRO H 168 6.28 54.89 -25.83
CA PRO H 168 6.48 54.54 -24.42
C PRO H 168 7.72 53.66 -24.25
N ILE H 169 8.64 54.11 -23.38
CA ILE H 169 9.93 53.45 -23.24
C ILE H 169 9.77 52.01 -22.77
N LYS H 170 8.82 51.75 -21.87
CA LYS H 170 8.74 50.45 -21.24
C LYS H 170 8.38 49.35 -22.24
N TRP H 171 7.70 49.68 -23.33
CA TRP H 171 7.34 48.71 -24.36
C TRP H 171 8.20 48.82 -25.62
N THR H 172 8.96 49.91 -25.77
CA THR H 172 9.71 50.16 -26.99
C THR H 172 11.12 49.59 -26.87
N ALA H 173 11.56 48.91 -27.93
CA ALA H 173 12.92 48.41 -27.99
C ALA H 173 13.91 49.57 -27.88
N PRO H 174 15.05 49.35 -27.23
CA PRO H 174 15.98 50.47 -26.99
C PRO H 174 16.54 51.09 -28.26
N GLU H 175 16.70 50.32 -29.33
CA GLU H 175 17.22 50.89 -30.56
C GLU H 175 16.20 51.78 -31.25
N ALA H 176 14.91 51.52 -31.03
CA ALA H 176 13.87 52.36 -31.63
C ALA H 176 13.60 53.60 -30.79
N ALA H 177 13.64 53.47 -29.46
CA ALA H 177 13.41 54.61 -28.59
C ALA H 177 14.54 55.63 -28.70
N LEU H 178 15.77 55.16 -28.89
CA LEU H 178 16.93 56.05 -28.96
C LEU H 178 17.19 56.55 -30.37
N TYR H 179 17.22 55.65 -31.36
CA TYR H 179 17.70 55.97 -32.69
C TYR H 179 16.61 55.95 -33.75
N GLY H 180 15.37 55.70 -33.37
CA GLY H 180 14.29 55.66 -34.34
C GLY H 180 14.31 54.48 -35.27
N ARG H 181 14.96 53.38 -34.88
CA ARG H 181 15.03 52.18 -35.70
C ARG H 181 13.83 51.29 -35.39
N PHE H 182 12.71 51.61 -36.05
CA PHE H 182 11.47 50.87 -35.87
C PHE H 182 11.38 49.79 -36.96
N THR H 183 11.66 48.56 -36.60
CA THR H 183 11.55 47.41 -37.48
C THR H 183 10.58 46.40 -36.87
N ILE H 184 10.32 45.33 -37.62
CA ILE H 184 9.51 44.23 -37.11
C ILE H 184 10.19 43.58 -35.91
N LYS H 185 11.52 43.72 -35.81
CA LYS H 185 12.24 43.17 -34.66
C LYS H 185 12.02 44.00 -33.40
N SER H 186 11.73 45.30 -33.55
CA SER H 186 11.35 46.09 -32.39
C SER H 186 9.95 45.74 -31.91
N ASP H 187 9.06 45.31 -32.83
CA ASP H 187 7.77 44.79 -32.42
C ASP H 187 7.92 43.50 -31.61
N VAL H 188 8.94 42.69 -31.95
CA VAL H 188 9.20 41.46 -31.20
C VAL H 188 9.59 41.80 -29.76
N TRP H 189 10.39 42.85 -29.57
CA TRP H 189 10.69 43.31 -28.23
C TRP H 189 9.41 43.67 -27.47
N SER H 190 8.51 44.40 -28.13
CA SER H 190 7.24 44.77 -27.50
C SER H 190 6.41 43.54 -27.18
N PHE H 191 6.45 42.52 -28.04
CA PHE H 191 5.74 41.27 -27.78
C PHE H 191 6.27 40.60 -26.52
N GLY H 192 7.60 40.64 -26.32
CA GLY H 192 8.17 40.09 -25.10
C GLY H 192 7.69 40.82 -23.86
N ILE H 193 7.54 42.14 -23.95
CA ILE H 193 6.96 42.90 -22.86
C ILE H 193 5.49 42.52 -22.68
N LEU H 194 4.78 42.28 -23.78
CA LEU H 194 3.40 41.86 -23.71
C LEU H 194 3.25 40.50 -23.02
N LEU H 195 4.26 39.64 -23.16
CA LEU H 195 4.23 38.36 -22.46
C LEU H 195 4.26 38.54 -20.95
N THR H 196 4.97 39.56 -20.45
CA THR H 196 4.97 39.81 -19.02
C THR H 196 3.65 40.40 -18.55
N GLU H 197 2.97 41.15 -19.42
CA GLU H 197 1.64 41.64 -19.07
C GLU H 197 0.66 40.49 -18.91
N LEU H 198 0.75 39.48 -19.78
CA LEU H 198 -0.13 38.32 -19.68
C LEU H 198 0.15 37.51 -18.43
N THR H 199 1.43 37.29 -18.12
CA THR H 199 1.80 36.43 -17.00
C THR H 199 1.73 37.13 -15.65
N THR H 200 1.58 38.44 -15.60
CA THR H 200 1.38 39.17 -14.35
C THR H 200 -0.02 39.73 -14.23
N LYS H 201 -0.95 39.30 -15.08
CA LYS H 201 -2.34 39.78 -15.07
C LYS H 201 -2.41 41.28 -15.31
N GLY H 202 -1.55 41.78 -16.20
CA GLY H 202 -1.64 43.16 -16.63
C GLY H 202 -0.89 44.17 -15.81
N ARG H 203 0.05 43.75 -14.96
CA ARG H 203 0.84 44.70 -14.20
C ARG H 203 1.78 45.48 -15.13
N VAL H 204 2.05 46.72 -14.76
CA VAL H 204 2.94 47.57 -15.55
C VAL H 204 4.36 46.99 -15.50
N PRO H 205 5.02 46.82 -16.63
CA PRO H 205 6.38 46.25 -16.62
C PRO H 205 7.37 47.17 -15.94
N TYR H 206 8.48 46.57 -15.51
CA TYR H 206 9.51 47.25 -14.75
C TYR H 206 8.92 47.97 -13.52
N PRO H 207 8.36 47.23 -12.57
CA PRO H 207 7.68 47.88 -11.44
C PRO H 207 8.67 48.65 -10.57
N GLY H 208 8.28 49.87 -10.20
CA GLY H 208 9.11 50.73 -9.40
C GLY H 208 10.07 51.60 -10.19
N MET H 209 10.17 51.39 -11.50
CA MET H 209 11.11 52.13 -12.33
C MET H 209 10.38 53.18 -13.17
N VAL H 210 11.01 54.34 -13.30
CA VAL H 210 10.53 55.37 -14.19
C VAL H 210 11.24 55.23 -15.52
N ASN H 211 10.75 55.95 -16.54
CA ASN H 211 11.22 55.77 -17.91
C ASN H 211 12.73 55.93 -18.01
N ARG H 212 13.27 57.00 -17.41
CA ARG H 212 14.72 57.23 -17.46
C ARG H 212 15.48 56.06 -16.84
N GLU H 213 14.95 55.48 -15.77
CA GLU H 213 15.61 54.32 -15.16
C GLU H 213 15.53 53.10 -16.07
N VAL H 214 14.42 52.93 -16.78
CA VAL H 214 14.27 51.78 -17.67
C VAL H 214 15.27 51.87 -18.81
N LEU H 215 15.39 53.06 -19.43
CA LEU H 215 16.30 53.23 -20.55
C LEU H 215 17.75 52.94 -20.14
N ASP H 216 18.15 53.42 -18.96
CA ASP H 216 19.52 53.19 -18.50
C ASP H 216 19.75 51.72 -18.15
N GLN H 217 18.81 51.11 -17.43
CA GLN H 217 18.98 49.72 -17.01
C GLN H 217 18.94 48.77 -18.20
N VAL H 218 18.01 48.98 -19.13
CA VAL H 218 17.90 48.09 -20.28
C VAL H 218 19.17 48.14 -21.13
N GLU H 219 19.73 49.34 -21.31
CA GLU H 219 20.95 49.48 -22.10
C GLU H 219 22.12 48.77 -21.45
N ARG H 220 22.18 48.78 -20.12
CA ARG H 220 23.25 48.10 -19.39
C ARG H 220 22.99 46.61 -19.21
N GLY H 221 21.97 46.06 -19.88
CA GLY H 221 21.72 44.64 -19.89
C GLY H 221 20.66 44.14 -18.94
N TYR H 222 20.00 45.03 -18.19
CA TYR H 222 18.96 44.59 -17.26
C TYR H 222 17.74 44.12 -18.04
N ARG H 223 17.19 42.98 -17.63
CA ARG H 223 15.95 42.45 -18.17
C ARG H 223 15.04 42.08 -17.00
N MET H 224 13.73 42.13 -17.25
CA MET H 224 12.78 41.78 -16.21
C MET H 224 12.94 40.31 -15.84
N PRO H 225 12.84 39.96 -14.56
CA PRO H 225 13.04 38.57 -14.16
C PRO H 225 11.88 37.68 -14.56
N CYS H 226 12.00 36.38 -14.31
CA CYS H 226 10.91 35.45 -14.58
C CYS H 226 9.76 35.72 -13.63
N PRO H 227 8.56 36.03 -14.12
CA PRO H 227 7.43 36.29 -13.23
C PRO H 227 7.10 35.08 -12.39
N PRO H 228 6.42 35.26 -11.25
CA PRO H 228 6.09 34.11 -10.40
C PRO H 228 5.19 33.12 -11.11
N GLU H 229 5.45 31.83 -10.86
CA GLU H 229 4.69 30.72 -11.41
C GLU H 229 4.86 30.58 -12.92
N CYS H 230 5.55 31.52 -13.54
CA CYS H 230 5.80 31.43 -14.98
C CYS H 230 6.94 30.44 -15.23
N PRO H 231 6.79 29.51 -16.17
CA PRO H 231 7.89 28.59 -16.46
C PRO H 231 9.08 29.33 -17.05
N GLU H 232 10.28 28.87 -16.71
CA GLU H 232 11.49 29.50 -17.24
C GLU H 232 11.60 29.35 -18.75
N SER H 233 10.95 28.33 -19.33
CA SER H 233 10.96 28.19 -20.77
C SER H 233 10.21 29.34 -21.45
N LEU H 234 9.15 29.82 -20.81
CA LEU H 234 8.43 30.98 -21.35
C LEU H 234 9.19 32.27 -21.09
N HIS H 235 9.81 32.39 -19.90
CA HIS H 235 10.68 33.53 -19.64
C HIS H 235 11.90 33.53 -20.55
N ASP H 236 12.37 32.34 -20.93
CA ASP H 236 13.44 32.25 -21.92
C ASP H 236 13.02 32.87 -23.25
N LEU H 237 11.77 32.65 -23.64
CA LEU H 237 11.26 33.26 -24.87
C LEU H 237 11.21 34.78 -24.76
N MET H 238 10.97 35.31 -23.55
CA MET H 238 10.99 36.75 -23.36
C MET H 238 12.40 37.31 -23.55
N CYS H 239 13.41 36.61 -23.01
CA CYS H 239 14.78 37.09 -23.13
C CYS H 239 15.25 37.07 -24.57
N GLN H 240 14.79 36.11 -25.37
CA GLN H 240 15.11 36.12 -26.80
C GLN H 240 14.49 37.32 -27.48
N CYS H 241 13.26 37.68 -27.12
CA CYS H 241 12.65 38.90 -27.64
C CYS H 241 13.39 40.14 -27.19
N TRP H 242 14.16 40.06 -26.09
CA TRP H 242 14.86 41.20 -25.52
C TRP H 242 16.37 41.15 -25.76
N ARG H 243 16.79 40.50 -26.85
CA ARG H 243 18.21 40.51 -27.19
C ARG H 243 18.63 41.89 -27.68
N LYS H 244 19.85 42.28 -27.32
CA LYS H 244 20.34 43.61 -27.68
C LYS H 244 20.36 43.79 -29.20
N GLU H 245 20.86 42.81 -29.92
CA GLU H 245 20.90 42.90 -31.38
C GLU H 245 19.52 42.58 -31.96
N PRO H 246 18.94 43.48 -32.77
CA PRO H 246 17.58 43.22 -33.27
C PRO H 246 17.50 42.03 -34.21
N GLU H 247 18.56 41.69 -34.93
CA GLU H 247 18.48 40.55 -35.82
C GLU H 247 18.60 39.21 -35.10
N GLU H 248 18.91 39.21 -33.80
CA GLU H 248 19.02 37.97 -33.05
C GLU H 248 17.73 37.56 -32.38
N ARG H 249 16.75 38.45 -32.26
CA ARG H 249 15.49 38.05 -31.66
C ARG H 249 14.64 37.29 -32.68
N PRO H 250 13.75 36.43 -32.22
CA PRO H 250 13.04 35.53 -33.14
C PRO H 250 12.03 36.25 -34.00
N THR H 251 11.60 35.56 -35.06
CA THR H 251 10.53 36.04 -35.92
C THR H 251 9.17 35.73 -35.28
N PHE H 252 8.13 36.38 -35.82
CA PHE H 252 6.79 36.12 -35.32
C PHE H 252 6.27 34.75 -35.77
N GLU H 253 6.76 34.26 -36.91
CA GLU H 253 6.41 32.90 -37.32
C GLU H 253 6.93 31.89 -36.32
N TYR H 254 8.14 32.09 -35.80
CA TYR H 254 8.67 31.22 -34.76
C TYR H 254 7.88 31.37 -33.46
N LEU H 255 7.58 32.62 -33.09
CA LEU H 255 6.83 32.86 -31.86
C LEU H 255 5.45 32.20 -31.91
N GLN H 256 4.78 32.28 -33.06
CA GLN H 256 3.48 31.66 -33.20
C GLN H 256 3.56 30.15 -33.03
N ALA H 257 4.44 29.50 -33.80
CA ALA H 257 4.54 28.04 -33.75
C ALA H 257 5.00 27.57 -32.38
N PHE H 258 5.88 28.34 -31.73
CA PHE H 258 6.34 27.98 -30.39
C PHE H 258 5.18 28.00 -29.40
N LEU H 259 4.36 29.04 -29.45
CA LEU H 259 3.30 29.19 -28.47
C LEU H 259 2.14 28.24 -28.74
N GLU H 260 1.88 27.93 -30.01
CA GLU H 260 0.80 27.00 -30.33
C GLU H 260 1.09 25.59 -29.83
N ASP H 261 2.36 25.20 -29.83
CA ASP H 261 2.78 23.87 -29.41
C ASP H 261 3.37 23.85 -28.00
N TYR H 262 3.16 24.91 -27.22
CA TYR H 262 3.95 25.12 -26.01
C TYR H 262 3.74 23.99 -25.00
N PHE H 263 2.50 23.52 -24.84
CA PHE H 263 2.20 22.55 -23.80
C PHE H 263 2.43 21.10 -24.23
N THR H 264 2.88 20.87 -25.46
CA THR H 264 3.28 19.55 -25.91
C THR H 264 4.79 19.43 -26.12
N SER H 265 5.38 20.37 -26.85
CA SER H 265 6.79 20.30 -27.20
C SER H 265 7.72 20.93 -26.18
N THR H 266 7.23 21.87 -25.37
CA THR H 266 8.09 22.63 -24.48
C THR H 266 7.78 22.41 -23.00
N GLU H 267 6.51 22.28 -22.62
CA GLU H 267 6.12 22.00 -21.24
C GLU H 267 5.06 20.91 -21.23
N PRO H 268 5.45 19.66 -21.53
CA PRO H 268 4.47 18.56 -21.53
C PRO H 268 4.04 18.12 -20.15
N GLN H 269 4.71 18.59 -19.09
CA GLN H 269 4.41 18.22 -17.72
C GLN H 269 3.85 19.40 -16.93
N TYR H 270 3.21 20.34 -17.62
CA TYR H 270 2.64 21.51 -16.95
C TYR H 270 1.47 21.10 -16.07
N GLN H 271 1.46 21.62 -14.84
CA GLN H 271 0.34 21.43 -13.93
C GLN H 271 -0.14 22.79 -13.44
N PRO H 272 -1.45 23.00 -13.40
CA PRO H 272 -1.98 24.31 -12.99
C PRO H 272 -1.51 24.69 -11.59
N GLY H 273 -1.25 26.00 -11.42
CA GLY H 273 -0.83 26.54 -10.16
C GLY H 273 -1.89 27.42 -9.51
N GLU H 274 -1.43 28.29 -8.61
CA GLU H 274 -2.37 29.16 -7.90
C GLU H 274 -2.81 30.33 -8.76
N ASN H 275 -1.92 30.87 -9.59
CA ASN H 275 -2.24 32.00 -10.45
C ASN H 275 -1.98 31.74 -11.93
N LEU H 276 -1.06 30.85 -12.27
CA LEU H 276 -0.77 30.53 -13.66
C LEU H 276 -0.93 29.04 -13.92
C4 HVY I . 3.32 -55.68 22.27
C5 HVY I . 4.00 -56.93 24.23
C6 HVY I . 4.74 -55.90 25.07
C7 HVY I . 4.27 -54.83 27.23
O2 HVY I . 11.87 -49.67 27.76
O3 HVY I . 11.07 -50.12 30.95
C8 HVY I . 5.57 -54.35 27.28
C9 HVY I . 6.04 -53.76 28.46
C10 HVY I . 5.22 -53.62 29.58
C11 HVY I . 6.76 -52.43 30.99
C12 HVY I . 8.21 -51.41 32.60
C13 HVY I . 9.13 -51.12 31.60
C14 HVY I . 8.82 -51.52 30.32
C15 HVY I . 9.56 -51.68 28.14
C16 HVY I . 9.46 -53.03 27.82
C17 HVY I . 9.29 -53.42 26.51
C18 HVY I . 9.24 -52.47 25.49
C19 HVY I . 9.36 -51.12 25.80
C20 HVY I . 9.52 -50.72 27.12
C21 HVY I . 10.86 -48.98 27.76
C22 HVY I . 10.92 -47.50 28.15
C23 HVY I . 12.04 -46.81 27.35
C24 HVY I . 10.33 -50.49 31.87
C25 HVY I . 11.84 -49.82 33.46
C26 HVY I . 12.83 -50.66 33.94
C27 HVY I . 14.08 -50.13 34.25
C28 HVY I . 14.32 -48.77 34.07
C29 HVY I . 13.32 -47.94 33.59
C30 HVY I . 12.06 -48.46 33.28
C31 HVY I . 12.58 -52.02 34.11
C32 HVY I . 3.92 -54.11 29.50
C33 HVY I . 3.44 -54.71 28.34
C34 HVY I . 2.36 -55.47 25.82
C35 HVY I . 2.16 -55.28 24.32
N2 HVY I . 2.86 -56.32 23.53
N3 HVY I . 3.82 -55.40 26.10
N4 HVY I . 5.59 -53.06 30.75
N5 HVY I . 7.02 -52.07 32.27
N6 HVY I . 9.73 -51.23 29.39
N7 HVY I . 9.64 -49.44 27.47
N8 HVY I . 7.67 -52.14 30.04
N9 HVY I . 10.66 -50.36 33.17
CL1 HVY I . 10.83 -47.42 32.68
C4 HVY J . 36.16 -33.09 11.45
C5 HVY J . 35.43 -32.05 13.45
C6 HVY J . 35.70 -31.69 14.92
C7 HVY J . 37.53 -31.52 16.50
O2 HVY J . 45.02 -26.28 16.95
O3 HVY J . 44.39 -26.68 20.12
C8 HVY J . 38.82 -31.03 16.52
C9 HVY J . 39.32 -30.40 17.65
C10 HVY J . 38.52 -30.22 18.79
C11 HVY J . 40.06 -28.99 20.16
C12 HVY J . 41.52 -27.94 21.75
C13 HVY J . 42.44 -27.68 20.74
C14 HVY J . 42.12 -28.10 19.46
C15 HVY J . 42.82 -28.34 17.27
C16 HVY J . 42.74 -29.70 17.01
C17 HVY J . 42.54 -30.14 15.71
C18 HVY J . 42.42 -29.23 14.68
C19 HVY J . 42.51 -27.87 14.93
C20 HVY J . 42.71 -27.42 16.22
C21 HVY J . 43.99 -25.62 16.84
C22 HVY J . 43.98 -24.11 17.13
C23 HVY J . 45.42 -23.61 17.34
C24 HVY J . 43.64 -27.04 21.02
C25 HVY J . 45.08 -26.33 22.67
C26 HVY J . 46.09 -27.17 23.12
C27 HVY J . 47.31 -26.62 23.47
C28 HVY J . 47.50 -25.24 23.37
C29 HVY J . 46.47 -24.41 22.92
C30 HVY J . 45.24 -24.96 22.56
C31 HVY J . 45.88 -28.55 23.22
C32 HVY J . 37.22 -30.71 18.74
C33 HVY J . 36.71 -31.35 17.62
C34 HVY J . 37.76 -33.26 14.82
C35 HVY J . 37.09 -33.75 13.55
N2 HVY J . 36.60 -32.61 12.77
N3 HVY J . 37.02 -32.14 15.43
N4 HVY J . 38.89 -29.61 19.93
N5 HVY J . 40.32 -28.59 21.42
N6 HVY J . 43.03 -27.85 18.50
N7 HVY J . 42.79 -26.12 16.50
N8 HVY J . 40.97 -28.72 19.20
N9 HVY J . 43.90 -26.90 22.33
CL1 HVY J . 43.98 -23.93 21.99
C4 HVY K . -6.18 -15.50 21.01
C5 HVY K . -8.36 -14.83 20.31
C6 HVY K . -9.24 -13.71 19.76
C7 HVY K . -10.14 -11.63 20.71
O2 HVY K . -18.85 -13.84 22.74
O3 HVY K . -19.20 -10.76 21.55
C8 HVY K . -11.45 -12.11 20.68
C9 HVY K . -12.51 -11.22 20.83
C10 HVY K . -12.30 -9.87 21.01
C11 HVY K . -14.59 -9.16 21.21
C12 HVY K . -16.80 -8.21 21.12
C13 HVY K . -17.34 -9.47 21.30
C14 HVY K . -16.47 -10.55 21.41
C15 HVY K . -16.27 -12.83 21.50
C16 HVY K . -15.56 -13.17 20.35
C17 HVY K . -14.78 -14.33 20.35
C18 HVY K . -14.70 -15.13 21.49
C19 HVY K . -15.41 -14.79 22.63
C20 HVY K . -16.19 -13.64 22.63
C21 HVY K . -18.22 -13.41 23.70
C22 HVY K . -18.92 -12.98 24.98
C23 HVY K . -19.77 -14.14 25.51
C24 HVY K . -18.72 -9.66 21.32
C25 HVY K . -20.79 -8.70 21.00
C26 HVY K . -21.40 -8.68 19.76
C27 HVY K . -22.78 -8.84 19.68
C28 HVY K . -23.51 -8.99 20.85
C29 HVY K . -22.89 -9.00 22.09
C30 HVY K . -21.51 -8.86 22.18
C31 HVY K . -20.64 -8.53 18.60
C32 HVY K . -10.99 -9.41 21.03
C33 HVY K . -9.91 -10.27 20.88
C34 HVY K . -7.80 -12.12 21.18
C35 HVY K . -7.04 -13.36 21.63
N2 HVY K . -6.99 -14.36 20.56
N3 HVY K . -9.10 -12.46 20.56
N4 HVY K . -13.26 -8.93 21.16
N5 HVY K . -15.40 -8.08 21.09
N6 HVY K . -17.04 -11.74 21.56
N7 HVY K . -16.88 -13.27 23.71
N8 HVY K . -15.15 -10.37 21.38
N9 HVY K . -19.46 -8.57 21.04
CL1 HVY K . -20.75 -8.87 23.71
C4 HVY L . 26.07 7.76 10.89
C5 HVY L . 25.15 8.90 8.97
C6 HVY L . 23.83 9.43 9.48
C7 HVY L . 22.98 11.70 9.92
O2 HVY L . 14.25 9.51 11.73
O3 HVY L . 13.93 12.59 10.77
C8 HVY L . 21.68 11.23 9.88
C9 HVY L . 20.61 12.12 9.95
C10 HVY L . 20.83 13.48 10.10
C11 HVY L . 18.53 14.21 10.27
C12 HVY L . 16.33 15.13 10.26
C13 HVY L . 15.78 13.87 10.44
C14 HVY L . 16.67 12.81 10.54
C15 HVY L . 16.90 10.51 10.65
C16 HVY L . 17.66 10.19 9.53
C17 HVY L . 18.45 9.05 9.52
C18 HVY L . 18.48 8.21 10.63
C19 HVY L . 17.71 8.52 11.75
C20 HVY L . 16.92 9.66 11.76
C21 HVY L . 14.85 9.86 12.75
C22 HVY L . 14.09 10.23 14.02
C23 HVY L . 13.19 9.05 14.42
C24 HVY L . 14.41 13.69 10.51
C25 HVY L . 12.35 14.66 10.18
C26 HVY L . 11.73 14.67 8.94
C27 HVY L . 10.35 14.55 8.88
C28 HVY L . 9.60 14.42 10.04
C29 HVY L . 10.24 14.42 11.29
C30 HVY L . 11.62 14.54 11.37
C31 HVY L . 12.49 14.81 7.78
C32 HVY L . 22.14 13.94 10.15
C33 HVY L . 23.21 13.05 10.06
C34 HVY L . 25.38 11.29 10.19
C35 HVY L . 26.10 10.14 10.87
N2 HVY L . 26.19 8.94 10.02
N3 HVY L . 24.01 10.85 9.85
N4 HVY L . 19.86 14.43 10.19
N5 HVY L . 17.72 15.27 10.18
N6 HVY L . 16.12 11.60 10.71
N7 HVY L . 16.18 9.98 12.83
N8 HVY L . 17.99 12.99 10.46
N9 HVY L . 13.67 14.78 10.21
CL1 HVY L . 12.39 14.53 12.90
C4 HVY M . -14.74 0.66 -15.27
C5 HVY M . -12.98 -0.90 -15.65
C6 HVY M . -11.90 -1.78 -15.03
C7 HVY M . -12.02 -3.89 -13.82
O2 HVY M . -17.48 -10.85 -11.08
O3 HVY M . -14.05 -12.24 -10.79
C8 HVY M . -10.79 -4.27 -14.32
C9 HVY M . -10.37 -5.58 -14.18
C10 HVY M . -11.16 -6.55 -13.56
C11 HVY M . -11.23 -8.88 -12.94
C12 HVY M . -11.04 -11.18 -12.32
C13 HVY M . -12.33 -11.16 -11.82
C14 HVY M . -13.04 -9.97 -11.90
C15 HVY M . -15.01 -8.87 -11.46
C16 HVY M . -14.68 -7.73 -10.74
C17 HVY M . -15.50 -6.60 -10.84
C18 HVY M . -16.63 -6.63 -11.64
C19 HVY M . -16.96 -7.77 -12.36
C20 HVY M . -16.14 -8.90 -12.26
C21 HVY M . -17.10 -10.97 -12.25
C22 HVY M . -17.38 -12.25 -13.05
C23 HVY M . -17.80 -13.37 -12.10
C24 HVY M . -12.91 -12.29 -11.24
C25 HVY M . -12.68 -14.47 -10.63
C26 HVY M . -13.48 -15.34 -11.35
C27 HVY M . -14.01 -16.45 -10.72
C28 HVY M . -13.74 -16.68 -9.38
C29 HVY M . -12.94 -15.80 -8.65
C30 HVY M . -12.39 -14.69 -9.28
C31 HVY M . -13.76 -15.12 -12.70
C32 HVY M . -12.39 -6.14 -13.07
C33 HVY M . -12.83 -4.83 -13.19
C34 HVY M . -13.46 -2.07 -13.03
C35 HVY M . -14.43 -1.16 -13.76
N2 HVY M . -13.74 -0.19 -14.61
N3 HVY M . -12.44 -2.62 -13.94
N4 HVY M . -10.64 -7.80 -13.49
N5 HVY M . -10.51 -10.01 -12.88
N6 HVY M . -14.28 -9.99 -11.42
N7 HVY M . -16.40 -10.03 -12.91
N8 HVY M . -12.49 -8.88 -12.45
N9 HVY M . -12.14 -13.39 -11.21
CL1 HVY M . -11.38 -13.60 -8.41
C4 HVY N . 18.79 23.71 -26.57
C5 HVY N . 20.92 22.96 -25.80
C6 HVY N . 21.74 21.82 -25.21
C7 HVY N . 21.26 19.54 -24.50
O2 HVY N . 15.99 12.35 -21.78
O3 HVY N . 19.08 11.10 -21.85
C8 HVY N . 20.47 18.58 -23.87
C9 HVY N . 20.87 17.25 -23.86
C10 HVY N . 22.05 16.85 -24.47
C11 HVY N . 21.94 14.51 -23.92
C12 HVY N . 22.17 12.25 -23.13
C13 HVY N . 20.84 12.25 -22.74
C14 HVY N . 20.09 13.39 -22.95
C15 HVY N . 18.06 14.47 -22.63
C16 HVY N . 18.43 15.68 -22.05
C17 HVY N . 17.60 16.78 -22.15
C18 HVY N . 16.38 16.67 -22.81
C19 HVY N . 16.00 15.47 -23.38
C20 HVY N . 16.83 14.36 -23.28
C21 HVY N . 16.08 12.22 -23.00
C22 HVY N . 15.73 10.90 -23.68
C23 HVY N . 15.39 9.86 -22.61
C24 HVY N . 20.27 11.13 -22.13
C25 HVY N . 20.65 9.06 -21.19
C26 HVY N . 21.03 8.89 -19.87
C27 HVY N . 20.55 7.79 -19.16
C28 HVY N . 19.70 6.88 -19.79
C29 HVY N . 19.32 7.07 -21.12
C30 HVY N . 19.79 8.17 -21.83
C31 HVY N . 21.89 9.79 -19.25
C32 HVY N . 22.83 17.82 -25.08
C33 HVY N . 22.45 19.15 -25.10
C34 HVY N . 19.61 21.23 -23.87
C35 HVY N . 18.98 22.43 -24.56
N2 HVY N . 19.50 22.61 -25.92
N3 HVY N . 20.89 20.82 -24.52
N4 HVY N . 22.52 15.57 -24.50
N5 HVY N . 22.69 13.41 -23.72
N6 HVY N . 18.81 13.36 -22.57
N7 HVY N . 16.51 13.19 -23.82
N8 HVY N . 20.65 14.47 -23.54
N9 HVY N . 21.12 10.13 -21.84
CL1 HVY N . 19.31 8.38 -23.47
C4 HVY O . -48.84 24.95 -7.28
C5 HVY O . -48.77 25.91 -9.48
C6 HVY O . -49.21 25.82 -10.93
C7 HVY O . -48.70 24.32 -12.81
O2 HVY O . -42.18 28.57 -17.99
O3 HVY O . -44.53 27.33 -20.37
C8 HVY O . -47.90 25.20 -13.52
C9 HVY O . -47.68 25.00 -14.88
C10 HVY O . -48.25 23.93 -15.56
C11 HVY O . -47.39 24.33 -17.77
C12 HVY O . -46.87 24.68 -20.08
C13 HVY O . -45.96 25.68 -19.73
C14 HVY O . -45.81 25.97 -18.38
C15 HVY O . -44.76 27.27 -16.81
C16 HVY O . -45.78 27.83 -16.04
C17 HVY O . -45.53 28.17 -14.71
C18 HVY O . -44.26 27.97 -14.17
C19 HVY O . -43.25 27.41 -14.94
C20 HVY O . -43.50 27.07 -16.26
C21 HVY O . -41.93 27.38 -17.89
C22 HVY O . -40.86 26.73 -18.76
C23 HVY O . -40.27 27.79 -19.70
C24 HVY O . -45.24 26.37 -20.69
C25 HVY O . -44.72 26.63 -22.90
C26 HVY O . -43.40 26.31 -23.20
C27 HVY O . -42.74 27.05 -24.18
C28 HVY O . -43.40 28.09 -24.83
C29 HVY O . -44.72 28.41 -24.51
C30 HVY O . -45.39 27.68 -23.54
C31 HVY O . -42.73 25.28 -22.56
C32 HVY O . -49.06 23.07 -14.83
C33 HVY O . -49.28 23.25 -13.47
C34 HVY O . -48.99 23.26 -10.64
C35 HVY O . -48.54 23.56 -9.22
N2 HVY O . -49.23 24.76 -8.70
N3 HVY O . -48.93 24.47 -11.50
N4 HVY O . -48.11 23.64 -16.86
N5 HVY O . -47.57 24.02 -19.07
N6 HVY O . -44.93 26.92 -18.09
N7 HVY O . -42.56 26.54 -17.05
N8 HVY O . -46.50 25.30 -17.45
N9 HVY O . -45.38 25.95 -21.96
CL1 HVY O . -47.03 28.04 -23.13
C4 HVY P . -14.84 49.04 -18.26
C5 HVY P . -16.05 49.71 -20.26
C6 HVY P . -15.16 49.41 -21.47
C7 HVY P . -15.43 47.85 -23.35
O2 HVY P . -9.24 51.75 -28.90
O3 HVY P . -11.32 50.49 -31.03
C8 HVY P . -14.59 48.66 -24.13
C9 HVY P . -14.40 48.37 -25.47
C10 HVY P . -15.02 47.28 -26.09
C11 HVY P . -14.21 47.62 -28.32
C12 HVY P . -13.77 47.94 -30.66
C13 HVY P . -12.86 48.95 -30.36
C14 HVY P . -12.68 49.26 -29.02
C15 HVY P . -11.69 50.69 -27.51
C16 HVY P . -12.75 51.30 -26.85
C17 HVY P . -12.58 51.76 -25.54
C18 HVY P . -11.35 51.60 -24.91
C19 HVY P . -10.29 50.99 -25.58
C20 HVY P . -10.47 50.54 -26.88
C21 HVY P . -8.89 50.63 -28.55
C22 HVY P . -7.75 49.90 -29.26
C23 HVY P . -6.51 50.80 -29.29
C24 HVY P . -12.18 49.67 -31.34
C25 HVY P . -11.95 50.16 -33.57
C26 HVY P . -12.70 51.16 -34.18
C27 HVY P . -12.10 51.93 -35.17
C28 HVY P . -10.77 51.70 -35.54
C29 HVY P . -10.04 50.70 -34.91
C30 HVY P . -10.62 49.91 -33.91
C31 HVY P . -14.01 51.38 -33.82
C32 HVY P . -15.85 46.48 -25.29
C33 HVY P . -16.05 46.76 -23.95
C34 HVY P . -16.23 47.14 -21.14
C35 HVY P . -15.64 47.34 -19.75
N2 HVY P . -15.92 48.69 -19.20
N3 HVY P . -15.60 48.13 -22.04
N4 HVY P . -14.88 46.93 -27.38
N5 HVY P . -14.43 47.29 -29.61
N6 HVY P . -11.80 50.24 -28.77
N7 HVY P . -9.48 49.94 -27.55
N8 HVY P . -13.32 48.60 -28.06
N9 HVY P . -12.56 49.44 -32.61
CL1 HVY P . -9.69 48.69 -33.16
#